data_5GR8
#
_entry.id   5GR8
#
_cell.length_a   99.490
_cell.length_b   96.967
_cell.length_c   106.013
_cell.angle_alpha   90.00
_cell.angle_beta   110.79
_cell.angle_gamma   90.00
#
_symmetry.space_group_name_H-M   'P 1 21 1'
#
loop_
_entity.id
_entity.type
_entity.pdbx_description
1 polymer 'Leucine-rich repeat receptor-like protein kinase PEPR1'
2 polymer 'Elicitor peptide 1'
3 branched 2-acetamido-2-deoxy-beta-D-glucopyranose-(1-4)-2-acetamido-2-deoxy-beta-D-glucopyranose
4 non-polymer 2-acetamido-2-deoxy-beta-D-glucopyranose
5 non-polymer 'SULFATE ION'
6 water water
#
loop_
_entity_poly.entity_id
_entity_poly.type
_entity_poly.pdbx_seq_one_letter_code
_entity_poly.pdbx_strand_id
1 'polypeptide(L)'
;LNSDGLTLLSLLKHLDRVPPQVTSTWKINASEATPCNWFGITCDDSKNVASLNFTRSRVSGQLGPEIGELKSLQILDLST
NNFSGTIPSTLGNCTKLATLDLSENGFSDKIPDTLDSLKRLEVLYLYINFLTGELPESLFRIPKLQVLYLDYNNLTGPIP
QSIGDAKELVELSMYANQFSGNIPESIGNSSSLQILYLHRNKLVGSLPESLNLLGNLTTLFVGNNSLQGPVRFGSPNCKN
LLTLDLSYNEFEGGVPPALGNCSSLDALVIVSGNLSGTIPSSLGMLKNLTILNLSENRLSGSIPAELGNCSSLNLLKLND
NQLVGGIPSALGKLRKLESLELFENRFSGEIPIEIWKSQSLTQLLVYQNNLTGELPVEMTEMKKLKIATLFNNSFYGAIP
PGLGVNSSLEEVDFIGNKLTGEIPPNLCHGRKLRILNLGSNLLHGTIPASIGHCKTIRRFILRENNLSGLLPEFSQDHSL
SFLDFNSNNFEGPIPGSLGSCKNLSSINLSRNRFTGQIPPQLGNLQNLGYMNLSRNLLEGSLPAQLSNCVSLERFDVGFN
SLNGSVPSNFSNWKGLTTLVLSENRFSGGIPQFLPELKKLSTLQIARNAFGGEIPSSIGLIEDLIYDLDLSGNGLTGEIP
AKLGDLIKLTRLNISNNNLTGSLSVLKGLTSLLHVDVSNNQFTGPIPDNLEGQLLSEPSSFSGNPNLCIP
;
A,D
2 'polypeptide(L)' KQRGKEKVSSGRPGQHN J,P
#
# COMPACT_ATOMS: atom_id res chain seq x y z
N LEU A 1 7.66 3.51 53.71
CA LEU A 1 8.41 3.81 52.50
C LEU A 1 8.57 2.44 51.72
N ASN A 2 8.90 1.38 52.49
CA ASN A 2 8.94 -0.01 51.99
C ASN A 2 7.54 -0.63 51.85
N SER A 3 6.55 -0.04 52.54
CA SER A 3 5.21 -0.62 52.58
C SER A 3 4.58 -0.86 51.20
N ASP A 4 4.59 0.18 50.37
CA ASP A 4 4.10 0.08 49.00
C ASP A 4 4.84 -0.99 48.22
N GLY A 5 6.13 -1.12 48.47
CA GLY A 5 6.96 -2.07 47.78
C GLY A 5 6.65 -3.49 48.19
N LEU A 6 6.32 -3.68 49.46
CA LEU A 6 5.94 -5.00 49.96
C LEU A 6 4.59 -5.36 49.38
N THR A 7 3.70 -4.36 49.35
CA THR A 7 2.39 -4.51 48.73
C THR A 7 2.54 -4.98 47.29
N LEU A 8 3.45 -4.33 46.55
CA LEU A 8 3.72 -4.71 45.16
C LEU A 8 4.17 -6.15 45.03
N LEU A 9 4.88 -6.66 46.04
CA LEU A 9 5.39 -8.03 45.99
C LEU A 9 4.30 -9.08 46.23
N SER A 10 3.40 -8.83 47.19
CA SER A 10 2.29 -9.75 47.40
C SER A 10 1.45 -9.83 46.11
N LEU A 11 1.10 -8.66 45.57
CA LEU A 11 0.41 -8.57 44.28
C LEU A 11 1.16 -9.37 43.20
N LEU A 12 2.48 -9.28 43.19
CA LEU A 12 3.31 -10.01 42.22
C LEU A 12 3.09 -11.51 42.31
N LYS A 13 2.75 -11.99 43.50
CA LYS A 13 2.56 -13.43 43.73
C LYS A 13 1.30 -13.95 43.05
N HIS A 14 0.46 -13.02 42.61
CA HIS A 14 -0.80 -13.36 41.97
C HIS A 14 -0.64 -13.46 40.48
N LEU A 15 0.55 -13.18 39.98
CA LEU A 15 0.74 -13.06 38.55
C LEU A 15 1.32 -14.31 37.91
N ASP A 16 0.66 -14.78 36.87
CA ASP A 16 1.05 -15.97 36.12
C ASP A 16 2.31 -15.69 35.29
N ARG A 17 2.38 -14.52 34.68
CA ARG A 17 3.53 -14.17 33.85
C ARG A 17 3.77 -12.66 33.83
N VAL A 18 5.02 -12.25 33.82
CA VAL A 18 5.33 -10.83 33.80
C VAL A 18 6.50 -10.62 32.86
N PRO A 19 6.68 -9.39 32.37
CA PRO A 19 7.86 -9.12 31.52
C PRO A 19 9.14 -9.43 32.29
N PRO A 20 10.22 -9.70 31.56
CA PRO A 20 11.49 -9.99 32.25
C PRO A 20 11.93 -8.87 33.19
N GLN A 21 11.67 -7.61 32.83
CA GLN A 21 12.05 -6.50 33.68
C GLN A 21 11.37 -6.53 35.04
N VAL A 22 10.15 -7.05 35.10
CA VAL A 22 9.46 -7.18 36.38
C VAL A 22 10.12 -8.24 37.23
N THR A 23 10.48 -9.35 36.60
CA THR A 23 11.19 -10.43 37.28
C THR A 23 12.52 -9.94 37.86
N SER A 24 13.24 -9.13 37.09
CA SER A 24 14.54 -8.62 37.54
C SER A 24 14.49 -7.41 38.50
N THR A 25 13.59 -6.45 38.31
CA THR A 25 13.56 -5.29 39.22
C THR A 25 12.60 -5.36 40.41
N TRP A 26 11.70 -6.34 40.48
CA TRP A 26 10.82 -6.37 41.64
C TRP A 26 11.36 -7.40 42.59
N LYS A 27 12.02 -6.92 43.65
CA LYS A 27 12.61 -7.81 44.64
C LYS A 27 13.19 -6.97 45.78
N ILE A 28 13.29 -7.58 46.95
CA ILE A 28 13.76 -6.88 48.12
C ILE A 28 15.30 -6.86 48.11
N ASN A 29 15.89 -5.67 48.09
CA ASN A 29 17.34 -5.54 48.19
C ASN A 29 17.55 -4.69 49.44
N ALA A 30 18.30 -5.22 50.41
CA ALA A 30 18.57 -4.49 51.65
C ALA A 30 19.12 -3.07 51.44
N SER A 31 19.57 -2.78 50.22
CA SER A 31 20.07 -1.45 49.92
C SER A 31 19.02 -0.57 49.24
N GLU A 32 17.80 -1.08 49.07
CA GLU A 32 16.75 -0.31 48.41
C GLU A 32 15.50 -0.14 49.26
N ALA A 33 15.20 1.09 49.66
CA ALA A 33 14.04 1.36 50.52
C ALA A 33 12.70 1.45 49.79
N THR A 34 12.74 1.76 48.50
CA THR A 34 11.52 1.98 47.72
C THR A 34 11.49 1.28 46.35
N PRO A 35 10.27 0.95 45.86
CA PRO A 35 9.99 0.39 44.53
C PRO A 35 10.11 1.41 43.38
N CYS A 36 10.47 2.65 43.66
CA CYS A 36 10.40 3.74 42.68
C CYS A 36 11.17 3.60 41.37
N ASN A 37 12.20 2.76 41.31
CA ASN A 37 12.86 2.45 40.05
C ASN A 37 12.45 1.11 39.46
N TRP A 38 11.48 0.45 40.09
CA TRP A 38 10.99 -0.84 39.59
C TRP A 38 10.29 -0.65 38.25
N PHE A 39 10.22 -1.72 37.47
CA PHE A 39 9.84 -1.63 36.07
C PHE A 39 8.55 -0.90 35.68
N GLY A 40 7.43 -1.23 36.31
CA GLY A 40 6.19 -0.58 35.87
C GLY A 40 5.77 0.64 36.67
N ILE A 41 6.67 1.14 37.52
CA ILE A 41 6.28 2.00 38.64
C ILE A 41 6.72 3.48 38.52
N THR A 42 5.88 4.41 38.95
CA THR A 42 6.30 5.79 39.10
C THR A 42 5.84 6.29 40.48
N CYS A 43 6.73 6.99 41.21
CA CYS A 43 6.40 7.35 42.57
C CYS A 43 6.01 8.80 42.75
N ASP A 44 5.55 9.09 43.96
CA ASP A 44 5.12 10.39 44.49
C ASP A 44 6.28 11.35 44.72
N ASP A 45 6.00 12.58 45.16
CA ASP A 45 7.06 13.51 45.61
C ASP A 45 7.62 12.88 46.83
N SER A 46 6.73 12.23 47.57
CA SER A 46 7.02 11.65 48.86
C SER A 46 7.48 10.19 48.73
N LYS A 47 7.69 9.77 47.48
CA LYS A 47 8.19 8.43 47.12
C LYS A 47 7.29 7.28 47.50
N ASN A 48 5.99 7.46 47.27
CA ASN A 48 4.98 6.40 47.38
C ASN A 48 4.48 6.07 45.98
N VAL A 49 3.93 4.86 45.79
CA VAL A 49 3.53 4.46 44.45
C VAL A 49 2.35 5.33 43.99
N ALA A 50 2.62 6.05 42.91
CA ALA A 50 1.68 6.98 42.27
C ALA A 50 1.01 6.26 41.11
N SER A 51 1.85 5.66 40.28
CA SER A 51 1.39 4.98 39.08
C SER A 51 1.88 3.52 39.04
N LEU A 52 1.01 2.62 38.60
CA LEU A 52 1.40 1.24 38.29
C LEU A 52 0.89 1.02 36.89
N ASN A 53 1.82 0.88 35.93
CA ASN A 53 1.43 0.85 34.54
C ASN A 53 2.02 -0.39 33.87
N PHE A 54 1.15 -1.35 33.62
CA PHE A 54 1.51 -2.61 32.98
C PHE A 54 1.13 -2.76 31.51
N THR A 55 0.64 -1.69 30.90
CA THR A 55 -0.08 -1.79 29.63
C THR A 55 0.68 -2.51 28.52
N ARG A 56 -0.04 -3.28 27.70
CA ARG A 56 0.50 -3.92 26.49
C ARG A 56 1.81 -4.66 26.76
N SER A 57 1.85 -5.33 27.89
CA SER A 57 2.90 -6.25 28.24
C SER A 57 2.11 -7.54 28.11
N ARG A 58 2.71 -8.71 28.24
CA ARG A 58 1.81 -9.86 28.25
C ARG A 58 1.76 -10.31 29.69
N VAL A 59 0.73 -9.89 30.41
CA VAL A 59 0.70 -10.17 31.84
C VAL A 59 -0.50 -11.02 32.11
N SER A 60 -0.27 -12.18 32.70
CA SER A 60 -1.37 -13.07 33.07
C SER A 60 -1.39 -13.19 34.58
N GLY A 61 -2.59 -13.32 35.14
CA GLY A 61 -2.75 -13.45 36.57
C GLY A 61 -4.04 -12.80 37.00
N GLN A 62 -4.19 -12.56 38.30
CA GLN A 62 -5.35 -11.87 38.84
C GLN A 62 -4.85 -10.56 39.41
N LEU A 63 -5.74 -9.58 39.59
CA LEU A 63 -5.37 -8.41 40.36
C LEU A 63 -5.74 -8.71 41.80
N GLY A 64 -4.74 -8.85 42.67
CA GLY A 64 -4.98 -9.25 44.05
C GLY A 64 -5.65 -8.13 44.81
N PRO A 65 -6.36 -8.47 45.90
CA PRO A 65 -7.06 -7.45 46.71
C PRO A 65 -6.11 -6.50 47.46
N GLU A 66 -4.83 -6.85 47.58
CA GLU A 66 -3.87 -5.98 48.27
C GLU A 66 -3.69 -4.62 47.58
N ILE A 67 -4.16 -4.48 46.34
CA ILE A 67 -4.03 -3.22 45.61
C ILE A 67 -4.58 -2.05 46.43
N GLY A 68 -5.53 -2.35 47.28
CA GLY A 68 -6.07 -1.36 48.19
C GLY A 68 -5.05 -0.81 49.17
N GLU A 69 -3.90 -1.48 49.35
CA GLU A 69 -2.88 -0.94 50.28
C GLU A 69 -2.25 0.33 49.72
N LEU A 70 -2.30 0.55 48.41
CA LEU A 70 -1.60 1.71 47.90
C LEU A 70 -2.54 2.90 47.94
N LYS A 71 -2.34 3.75 48.95
CA LYS A 71 -3.26 4.84 49.23
C LYS A 71 -2.85 6.08 48.45
N SER A 72 -1.68 5.98 47.83
CA SER A 72 -1.19 7.04 46.95
C SER A 72 -1.41 6.75 45.47
N LEU A 73 -2.07 5.64 45.15
CA LEU A 73 -2.22 5.24 43.75
C LEU A 73 -3.08 6.27 43.01
N GLN A 74 -2.53 6.80 41.93
CA GLN A 74 -3.16 7.82 41.10
C GLN A 74 -3.62 7.19 39.77
N ILE A 75 -2.66 6.55 39.09
CA ILE A 75 -2.88 5.81 37.86
C ILE A 75 -2.71 4.31 38.08
N LEU A 76 -3.71 3.53 37.68
CA LEU A 76 -3.56 2.08 37.58
C LEU A 76 -3.89 1.65 36.16
N ASP A 77 -2.86 1.28 35.39
CA ASP A 77 -3.10 0.95 34.01
C ASP A 77 -2.66 -0.48 33.77
N LEU A 78 -3.66 -1.36 33.71
CA LEU A 78 -3.47 -2.75 33.43
C LEU A 78 -3.89 -3.10 31.99
N SER A 79 -4.27 -2.08 31.23
CA SER A 79 -4.93 -2.25 29.94
C SER A 79 -4.17 -3.15 28.95
N THR A 80 -4.93 -3.98 28.23
CA THR A 80 -4.43 -4.88 27.18
C THR A 80 -3.45 -5.97 27.68
N ASN A 81 -3.97 -6.87 28.49
CA ASN A 81 -3.17 -7.98 29.01
C ASN A 81 -4.04 -9.21 29.14
N ASN A 82 -3.47 -10.24 29.76
CA ASN A 82 -4.13 -11.51 29.95
C ASN A 82 -4.81 -11.69 31.30
N PHE A 83 -5.02 -10.58 32.00
CA PHE A 83 -5.55 -10.65 33.34
C PHE A 83 -6.85 -11.43 33.34
N SER A 84 -7.10 -12.14 34.42
CA SER A 84 -8.35 -12.86 34.60
C SER A 84 -8.71 -12.73 36.04
N GLY A 85 -9.80 -13.37 36.44
CA GLY A 85 -10.24 -13.30 37.81
C GLY A 85 -11.18 -12.13 38.02
N THR A 86 -11.60 -11.95 39.26
CA THR A 86 -12.53 -10.90 39.64
C THR A 86 -11.79 -9.57 39.86
N ILE A 87 -12.48 -8.45 39.61
CA ILE A 87 -11.97 -7.14 39.98
C ILE A 87 -12.29 -6.93 41.47
N PRO A 88 -11.26 -6.71 42.30
CA PRO A 88 -11.38 -6.60 43.76
C PRO A 88 -12.12 -5.35 44.24
N SER A 89 -13.07 -5.54 45.14
CA SER A 89 -13.78 -4.42 45.72
C SER A 89 -12.84 -3.51 46.51
N THR A 90 -11.67 -4.02 46.88
CA THR A 90 -10.70 -3.19 47.64
C THR A 90 -10.08 -2.06 46.81
N LEU A 91 -10.29 -2.07 45.50
CA LEU A 91 -9.87 -0.95 44.66
C LEU A 91 -10.58 0.31 45.12
N GLY A 92 -11.75 0.14 45.73
CA GLY A 92 -12.53 1.26 46.22
C GLY A 92 -11.79 1.97 47.34
N ASN A 93 -10.74 1.33 47.82
CA ASN A 93 -9.89 1.88 48.86
C ASN A 93 -8.73 2.73 48.34
N CYS A 94 -8.46 2.74 47.03
CA CYS A 94 -7.31 3.54 46.62
C CYS A 94 -7.84 4.92 46.43
N THR A 95 -7.63 5.71 47.47
CA THR A 95 -8.39 6.93 47.69
C THR A 95 -7.96 8.00 46.72
N LYS A 96 -6.78 7.79 46.13
CA LYS A 96 -6.21 8.77 45.22
C LYS A 96 -6.35 8.46 43.74
N LEU A 97 -7.04 7.37 43.40
CA LEU A 97 -7.13 6.94 42.03
C LEU A 97 -7.83 7.99 41.16
N ALA A 98 -7.17 8.36 40.08
CA ALA A 98 -7.67 9.34 39.11
C ALA A 98 -8.13 8.59 37.83
N THR A 99 -7.22 7.77 37.30
CA THR A 99 -7.43 6.96 36.11
C THR A 99 -7.43 5.49 36.47
N LEU A 100 -8.48 4.75 36.07
CA LEU A 100 -8.47 3.31 36.28
C LEU A 100 -8.76 2.60 34.94
N ASP A 101 -7.74 1.95 34.41
CA ASP A 101 -7.93 1.30 33.13
C ASP A 101 -7.63 -0.20 33.26
N LEU A 102 -8.70 -0.98 33.28
CA LEU A 102 -8.66 -2.42 33.24
C LEU A 102 -9.01 -3.01 31.87
N SER A 103 -9.17 -2.18 30.85
CA SER A 103 -9.72 -2.64 29.57
C SER A 103 -8.86 -3.70 28.87
N GLU A 104 -9.50 -4.44 27.95
CA GLU A 104 -8.84 -5.48 27.14
C GLU A 104 -8.14 -6.57 27.96
N ASN A 105 -8.91 -7.22 28.81
CA ASN A 105 -8.42 -8.30 29.63
C ASN A 105 -9.46 -9.40 29.67
N GLY A 106 -9.25 -10.35 30.56
CA GLY A 106 -10.20 -11.43 30.75
C GLY A 106 -10.93 -11.27 32.04
N PHE A 107 -10.99 -10.06 32.60
CA PHE A 107 -11.62 -9.89 33.90
C PHE A 107 -13.04 -10.44 33.87
N SER A 108 -13.46 -11.01 34.99
CA SER A 108 -14.76 -11.63 35.03
C SER A 108 -15.54 -11.21 36.25
N ASP A 109 -16.70 -11.84 36.40
CA ASP A 109 -17.71 -11.56 37.42
C ASP A 109 -18.24 -10.11 37.45
N LYS A 110 -18.57 -9.67 38.66
CA LYS A 110 -19.29 -8.44 38.93
C LYS A 110 -18.35 -7.22 39.00
N ILE A 111 -18.86 -6.05 38.64
CA ILE A 111 -18.15 -4.80 38.89
C ILE A 111 -18.44 -4.42 40.33
N PRO A 112 -17.39 -4.15 41.11
CA PRO A 112 -17.48 -3.80 42.53
C PRO A 112 -18.42 -2.62 42.77
N ASP A 113 -19.15 -2.65 43.87
CA ASP A 113 -20.07 -1.56 44.23
C ASP A 113 -19.43 -0.52 45.14
N THR A 114 -18.13 -0.68 45.37
CA THR A 114 -17.36 0.22 46.22
C THR A 114 -16.67 1.39 45.50
N LEU A 115 -16.75 1.49 44.18
CA LEU A 115 -15.95 2.48 43.43
C LEU A 115 -16.42 3.88 43.75
N ASP A 116 -17.54 3.92 44.43
CA ASP A 116 -18.16 5.10 44.96
C ASP A 116 -17.23 5.87 45.89
N SER A 117 -16.29 5.17 46.51
CA SER A 117 -15.42 5.82 47.48
C SER A 117 -14.35 6.63 46.78
N LEU A 118 -14.27 6.52 45.46
CA LEU A 118 -13.13 7.10 44.79
C LEU A 118 -13.57 8.51 44.42
N LYS A 119 -13.13 9.49 45.21
CA LYS A 119 -13.59 10.86 45.06
C LYS A 119 -12.79 11.59 44.02
N ARG A 120 -11.66 11.02 43.66
CA ARG A 120 -10.80 11.67 42.69
C ARG A 120 -10.89 11.07 41.27
N LEU A 121 -11.63 9.96 41.13
CA LEU A 121 -11.63 9.19 39.89
C LEU A 121 -12.31 9.90 38.70
N GLU A 122 -11.53 10.07 37.65
CA GLU A 122 -11.97 10.77 36.45
C GLU A 122 -12.30 9.79 35.30
N VAL A 123 -11.36 8.95 34.90
CA VAL A 123 -11.62 8.05 33.79
C VAL A 123 -11.67 6.58 34.23
N LEU A 124 -12.71 5.87 33.80
CA LEU A 124 -12.84 4.45 34.13
C LEU A 124 -13.11 3.60 32.87
N TYR A 125 -12.15 2.73 32.56
CA TYR A 125 -12.23 1.88 31.40
C TYR A 125 -12.31 0.42 31.84
N LEU A 126 -13.51 -0.16 31.71
CA LEU A 126 -13.74 -1.59 31.91
C LEU A 126 -13.95 -2.39 30.60
N TYR A 127 -13.87 -1.71 29.46
CA TYR A 127 -14.30 -2.32 28.20
C TYR A 127 -13.47 -3.55 27.74
N ILE A 128 -14.11 -4.44 26.97
CA ILE A 128 -13.51 -5.67 26.45
C ILE A 128 -12.98 -6.57 27.57
N ASN A 129 -13.92 -7.12 28.32
CA ASN A 129 -13.66 -8.10 29.35
C ASN A 129 -14.85 -9.07 29.32
N PHE A 130 -14.85 -10.00 30.26
CA PHE A 130 -15.92 -10.98 30.49
C PHE A 130 -16.85 -10.55 31.64
N LEU A 131 -16.83 -9.28 31.98
CA LEU A 131 -17.63 -8.80 33.11
C LEU A 131 -19.11 -9.18 33.02
N THR A 132 -19.72 -9.43 34.16
CA THR A 132 -21.10 -9.84 34.17
C THR A 132 -21.83 -9.33 35.41
N GLY A 133 -23.13 -9.60 35.50
CA GLY A 133 -23.94 -9.13 36.61
C GLY A 133 -24.57 -7.79 36.33
N GLU A 134 -25.26 -7.23 37.31
CA GLU A 134 -25.88 -5.91 37.18
C GLU A 134 -24.81 -4.82 37.34
N LEU A 135 -25.15 -3.63 36.88
CA LEU A 135 -24.38 -2.44 37.13
C LEU A 135 -24.76 -1.87 38.49
N PRO A 136 -23.76 -1.68 39.36
CA PRO A 136 -24.03 -1.08 40.67
C PRO A 136 -24.51 0.36 40.47
N GLU A 137 -25.55 0.76 41.18
CA GLU A 137 -25.99 2.13 41.16
C GLU A 137 -24.85 3.09 41.58
N SER A 138 -23.99 2.63 42.48
CA SER A 138 -22.95 3.47 43.06
C SER A 138 -21.99 3.91 41.98
N LEU A 139 -21.96 3.17 40.88
CA LEU A 139 -21.03 3.43 39.79
C LEU A 139 -21.22 4.81 39.16
N PHE A 140 -22.45 5.31 39.18
CA PHE A 140 -22.75 6.64 38.63
C PHE A 140 -22.71 7.71 39.72
N ARG A 141 -22.37 7.27 40.91
CA ARG A 141 -22.20 8.19 42.01
C ARG A 141 -20.73 8.50 42.26
N ILE A 142 -19.86 7.98 41.39
CA ILE A 142 -18.45 8.37 41.45
C ILE A 142 -18.39 9.84 41.05
N PRO A 143 -18.07 10.72 42.01
CA PRO A 143 -18.31 12.17 41.92
C PRO A 143 -17.73 12.89 40.70
N LYS A 144 -16.47 12.62 40.38
CA LYS A 144 -15.77 13.35 39.32
C LYS A 144 -15.78 12.60 37.99
N LEU A 145 -16.51 11.48 37.91
CA LEU A 145 -16.46 10.62 36.73
C LEU A 145 -16.80 11.35 35.42
N GLN A 146 -15.85 11.30 34.51
CA GLN A 146 -15.92 12.05 33.26
C GLN A 146 -16.18 11.12 32.10
N VAL A 147 -15.32 10.12 31.93
CA VAL A 147 -15.53 9.14 30.89
C VAL A 147 -15.67 7.71 31.44
N LEU A 148 -16.69 7.01 30.95
CA LEU A 148 -16.90 5.64 31.38
C LEU A 148 -17.17 4.71 30.18
N TYR A 149 -16.28 3.76 29.93
CA TYR A 149 -16.41 2.83 28.83
C TYR A 149 -16.57 1.41 29.34
N LEU A 150 -17.80 0.88 29.21
CA LEU A 150 -18.16 -0.48 29.60
C LEU A 150 -18.31 -1.46 28.45
N ASP A 151 -18.07 -0.99 27.23
CA ASP A 151 -18.47 -1.76 26.07
C ASP A 151 -17.81 -3.13 25.99
N TYR A 152 -18.46 -4.04 25.27
CA TYR A 152 -18.00 -5.41 25.08
C TYR A 152 -17.82 -6.18 26.36
N ASN A 153 -18.91 -6.36 27.08
CA ASN A 153 -18.91 -7.25 28.23
C ASN A 153 -20.20 -8.07 28.24
N ASN A 154 -20.40 -8.87 29.28
CA ASN A 154 -21.64 -9.62 29.49
C ASN A 154 -22.60 -8.93 30.48
N LEU A 155 -22.36 -7.66 30.76
CA LEU A 155 -23.17 -6.88 31.71
C LEU A 155 -24.67 -6.95 31.45
N THR A 156 -25.47 -7.01 32.50
CA THR A 156 -26.89 -7.24 32.30
C THR A 156 -27.78 -6.38 33.21
N GLY A 157 -29.10 -6.48 33.05
CA GLY A 157 -29.99 -5.68 33.85
C GLY A 157 -30.17 -4.25 33.34
N PRO A 158 -30.86 -3.41 34.14
CA PRO A 158 -31.17 -2.05 33.73
C PRO A 158 -29.99 -1.10 33.89
N ILE A 159 -30.01 -0.06 33.06
CA ILE A 159 -29.18 1.11 33.24
C ILE A 159 -29.77 1.71 34.51
N PRO A 160 -28.94 1.80 35.55
CA PRO A 160 -29.34 2.25 36.89
C PRO A 160 -29.95 3.65 36.85
N GLN A 161 -30.91 3.90 37.73
CA GLN A 161 -31.61 5.16 37.75
C GLN A 161 -30.68 6.27 38.26
N SER A 162 -29.64 5.88 39.00
CA SER A 162 -28.64 6.81 39.52
C SER A 162 -27.82 7.48 38.42
N ILE A 163 -28.00 7.06 37.17
CA ILE A 163 -27.29 7.68 36.08
C ILE A 163 -27.51 9.18 36.09
N GLY A 164 -28.65 9.60 36.63
CA GLY A 164 -28.98 11.02 36.70
C GLY A 164 -28.14 11.80 37.72
N ASP A 165 -27.43 11.07 38.56
CA ASP A 165 -26.54 11.61 39.55
C ASP A 165 -25.20 11.98 38.98
N ALA A 166 -24.87 11.51 37.77
CA ALA A 166 -23.53 11.77 37.29
C ALA A 166 -23.52 13.05 36.47
N LYS A 167 -23.08 14.13 37.10
CA LYS A 167 -23.14 15.47 36.49
C LYS A 167 -21.86 15.82 35.74
N GLU A 168 -20.83 15.01 35.94
CA GLU A 168 -19.55 15.14 35.24
C GLU A 168 -19.42 14.26 34.01
N LEU A 169 -20.33 13.31 33.83
CA LEU A 169 -20.15 12.29 32.79
C LEU A 169 -20.25 12.93 31.39
N VAL A 170 -19.18 12.77 30.63
CA VAL A 170 -19.04 13.38 29.31
C VAL A 170 -19.24 12.33 28.21
N GLU A 171 -18.52 11.23 28.35
CA GLU A 171 -18.62 10.14 27.41
C GLU A 171 -18.98 8.89 28.19
N LEU A 172 -20.06 8.24 27.75
CA LEU A 172 -20.57 7.04 28.37
C LEU A 172 -20.80 5.99 27.26
N SER A 173 -20.04 4.89 27.31
CA SER A 173 -20.14 3.83 26.32
C SER A 173 -20.55 2.51 26.94
N MET A 174 -21.79 2.11 26.66
CA MET A 174 -22.35 0.84 27.11
C MET A 174 -22.58 -0.24 26.04
N TYR A 175 -22.15 0.00 24.81
CA TYR A 175 -22.53 -0.89 23.73
C TYR A 175 -22.01 -2.35 23.80
N ALA A 176 -22.68 -3.24 23.06
CA ALA A 176 -22.34 -4.66 23.04
C ALA A 176 -22.38 -5.25 24.42
N ASN A 177 -23.51 -5.10 25.10
CA ASN A 177 -23.74 -5.78 26.36
C ASN A 177 -25.11 -6.46 26.37
N GLN A 178 -25.51 -6.96 27.53
CA GLN A 178 -26.83 -7.57 27.75
C GLN A 178 -27.85 -6.64 28.42
N PHE A 179 -27.56 -5.35 28.48
CA PHE A 179 -28.45 -4.42 29.17
C PHE A 179 -29.89 -4.49 28.66
N SER A 180 -30.84 -4.55 29.59
CA SER A 180 -32.24 -4.71 29.23
C SER A 180 -33.06 -3.71 30.04
N GLY A 181 -34.37 -3.67 29.85
CA GLY A 181 -35.20 -2.73 30.58
C GLY A 181 -35.40 -1.45 29.81
N ASN A 182 -36.15 -0.52 30.40
CA ASN A 182 -36.34 0.80 29.82
C ASN A 182 -35.14 1.71 30.11
N ILE A 183 -34.78 2.56 29.17
CA ILE A 183 -33.85 3.61 29.46
C ILE A 183 -34.49 4.55 30.49
N PRO A 184 -33.87 4.71 31.67
CA PRO A 184 -34.47 5.53 32.74
C PRO A 184 -34.67 7.00 32.31
N GLU A 185 -35.81 7.62 32.64
CA GLU A 185 -36.00 9.05 32.35
C GLU A 185 -34.90 9.92 32.96
N SER A 186 -34.30 9.45 34.05
CA SER A 186 -33.30 10.22 34.77
C SER A 186 -32.03 10.43 33.94
N ILE A 187 -31.94 9.81 32.77
CA ILE A 187 -30.76 9.98 31.93
C ILE A 187 -30.63 11.43 31.47
N GLY A 188 -31.77 12.12 31.35
CA GLY A 188 -31.74 13.53 31.01
C GLY A 188 -31.06 14.40 32.07
N ASN A 189 -31.01 13.94 33.32
CA ASN A 189 -30.35 14.69 34.39
C ASN A 189 -28.81 14.54 34.36
N SER A 190 -28.28 13.70 33.48
CA SER A 190 -26.82 13.61 33.40
C SER A 190 -26.37 14.64 32.38
N SER A 191 -26.03 15.81 32.89
CA SER A 191 -26.20 17.02 32.10
C SER A 191 -25.09 17.33 31.14
N SER A 192 -23.90 16.79 31.42
CA SER A 192 -22.73 16.98 30.56
C SER A 192 -22.62 16.03 29.38
N LEU A 193 -23.46 14.99 29.32
CA LEU A 193 -23.25 13.92 28.35
C LEU A 193 -23.05 14.47 26.96
N GLN A 194 -21.98 14.01 26.33
CA GLN A 194 -21.71 14.32 24.93
C GLN A 194 -21.91 13.13 24.02
N ILE A 195 -21.16 12.08 24.34
CA ILE A 195 -21.14 10.85 23.59
C ILE A 195 -21.88 9.81 24.40
N LEU A 196 -22.96 9.30 23.80
CA LEU A 196 -23.77 8.30 24.47
C LEU A 196 -23.94 7.09 23.52
N TYR A 197 -23.29 5.98 23.86
CA TYR A 197 -23.37 4.76 23.07
C TYR A 197 -24.19 3.75 23.86
N LEU A 198 -25.45 3.59 23.47
CA LEU A 198 -26.33 2.56 24.06
C LEU A 198 -26.61 1.39 23.10
N HIS A 199 -26.01 1.42 21.93
CA HIS A 199 -26.33 0.47 20.87
C HIS A 199 -25.91 -0.98 21.18
N ARG A 200 -26.52 -1.95 20.47
CA ARG A 200 -26.25 -3.38 20.64
C ARG A 200 -26.49 -3.85 22.06
N ASN A 201 -27.67 -3.57 22.57
CA ASN A 201 -28.05 -4.11 23.85
C ASN A 201 -29.46 -4.73 23.75
N LYS A 202 -30.05 -5.07 24.88
CA LYS A 202 -31.44 -5.55 24.97
C LYS A 202 -32.55 -4.60 25.43
N LEU A 203 -32.29 -3.31 25.37
CA LEU A 203 -33.23 -2.29 25.83
C LEU A 203 -34.63 -2.33 25.16
N VAL A 204 -35.68 -1.99 25.91
CA VAL A 204 -37.04 -1.96 25.37
C VAL A 204 -37.70 -0.65 25.75
N GLY A 205 -38.97 -0.49 25.39
CA GLY A 205 -39.67 0.74 25.73
C GLY A 205 -39.31 1.88 24.79
N SER A 206 -39.78 3.07 25.13
CA SER A 206 -39.53 4.25 24.33
C SER A 206 -38.24 4.95 24.69
N LEU A 207 -37.64 5.60 23.69
CA LEU A 207 -36.60 6.58 23.89
C LEU A 207 -37.22 7.61 24.80
N PRO A 208 -36.65 7.82 25.99
CA PRO A 208 -37.27 8.77 26.92
C PRO A 208 -37.18 10.21 26.44
N GLU A 209 -38.25 10.95 26.68
CA GLU A 209 -38.36 12.35 26.27
C GLU A 209 -37.25 13.22 26.88
N SER A 210 -36.83 12.89 28.10
CA SER A 210 -35.77 13.63 28.76
C SER A 210 -34.45 13.60 28.03
N LEU A 211 -34.30 12.76 27.02
CA LEU A 211 -33.09 12.81 26.20
C LEU A 211 -32.97 14.20 25.58
N ASN A 212 -34.10 14.90 25.44
CA ASN A 212 -34.09 16.28 24.93
C ASN A 212 -33.58 17.34 25.95
N LEU A 213 -33.25 16.92 27.16
CA LEU A 213 -32.69 17.83 28.14
C LEU A 213 -31.18 17.92 28.00
N LEU A 214 -30.58 17.08 27.14
CA LEU A 214 -29.13 17.07 27.12
C LEU A 214 -28.67 17.91 25.95
N GLY A 215 -28.28 19.14 26.26
CA GLY A 215 -27.99 20.14 25.26
C GLY A 215 -26.54 20.08 24.80
N ASN A 216 -25.73 19.34 25.52
CA ASN A 216 -24.35 19.20 25.10
C ASN A 216 -24.11 17.96 24.21
N LEU A 217 -25.20 17.27 23.87
CA LEU A 217 -25.19 16.03 23.08
C LEU A 217 -24.65 16.15 21.66
N THR A 218 -23.66 15.32 21.34
CA THR A 218 -23.04 15.26 20.02
C THR A 218 -23.43 13.98 19.27
N THR A 219 -23.21 12.85 19.96
CA THR A 219 -23.33 11.52 19.41
C THR A 219 -24.30 10.64 20.19
N LEU A 220 -25.37 10.21 19.54
CA LEU A 220 -26.36 9.33 20.19
C LEU A 220 -26.59 8.08 19.32
N PHE A 221 -26.23 6.93 19.88
CA PHE A 221 -26.47 5.62 19.26
C PHE A 221 -27.36 4.80 20.19
N VAL A 222 -28.61 4.59 19.79
CA VAL A 222 -29.51 3.61 20.42
C VAL A 222 -29.86 2.37 19.58
N GLY A 223 -29.20 2.23 18.44
CA GLY A 223 -29.48 1.18 17.50
C GLY A 223 -29.28 -0.22 18.04
N ASN A 224 -29.78 -1.23 17.28
CA ASN A 224 -29.73 -2.64 17.65
C ASN A 224 -30.20 -2.90 19.06
N ASN A 225 -31.39 -2.42 19.38
CA ASN A 225 -32.00 -2.70 20.66
C ASN A 225 -33.41 -3.22 20.38
N SER A 226 -34.26 -3.42 21.39
CA SER A 226 -35.63 -3.65 20.99
C SER A 226 -36.48 -2.50 21.47
N LEU A 227 -36.55 -1.42 20.73
CA LEU A 227 -37.19 -0.24 21.27
C LEU A 227 -38.50 -0.12 20.55
N GLN A 228 -39.47 0.50 21.19
CA GLN A 228 -40.73 0.75 20.52
C GLN A 228 -41.16 2.15 20.86
N GLY A 229 -42.38 2.51 20.50
CA GLY A 229 -42.91 3.81 20.82
C GLY A 229 -42.48 4.85 19.83
N PRO A 230 -42.98 6.08 19.99
CA PRO A 230 -42.59 7.09 19.02
C PRO A 230 -41.16 7.51 19.29
N VAL A 231 -40.53 8.10 18.29
CA VAL A 231 -39.20 8.58 18.50
C VAL A 231 -39.44 10.03 18.89
N ARG A 232 -39.36 10.33 20.18
CA ARG A 232 -39.58 11.72 20.50
C ARG A 232 -38.23 12.34 20.76
N PHE A 233 -37.73 12.95 19.73
CA PHE A 233 -36.42 13.51 19.78
C PHE A 233 -36.32 14.62 18.77
N GLY A 234 -35.53 15.63 19.15
CA GLY A 234 -35.42 16.93 18.51
C GLY A 234 -36.13 18.01 19.32
N SER A 235 -35.48 19.17 19.43
CA SER A 235 -35.84 20.26 20.33
C SER A 235 -34.75 21.34 20.16
N PRO A 236 -34.93 22.56 20.72
CA PRO A 236 -33.89 23.58 20.67
C PRO A 236 -32.55 23.12 21.26
N ASN A 237 -32.58 22.08 22.10
CA ASN A 237 -31.34 21.43 22.49
C ASN A 237 -30.98 20.55 21.31
N CYS A 238 -29.98 19.70 21.37
CA CYS A 238 -29.55 19.02 20.13
C CYS A 238 -29.02 19.96 19.03
N LYS A 239 -28.61 21.16 19.40
CA LYS A 239 -27.90 22.03 18.43
C LYS A 239 -26.43 21.63 18.31
N ASN A 240 -25.97 20.81 19.26
CA ASN A 240 -24.62 20.22 19.24
C ASN A 240 -24.52 18.83 18.61
N LEU A 241 -25.65 18.27 18.17
CA LEU A 241 -25.70 16.86 17.78
C LEU A 241 -25.16 16.65 16.36
N LEU A 242 -24.08 15.87 16.28
CA LEU A 242 -23.46 15.48 15.02
C LEU A 242 -24.00 14.18 14.41
N THR A 243 -24.34 13.25 15.30
CA THR A 243 -24.55 11.90 14.83
C THR A 243 -25.71 11.26 15.58
N LEU A 244 -26.67 10.75 14.81
CA LEU A 244 -27.82 10.06 15.38
C LEU A 244 -28.03 8.72 14.65
N ASP A 245 -27.95 7.62 15.38
CA ASP A 245 -28.25 6.29 14.84
C ASP A 245 -29.19 5.53 15.78
N LEU A 246 -30.43 5.35 15.30
CA LEU A 246 -31.50 4.58 15.95
C LEU A 246 -31.84 3.23 15.30
N SER A 247 -31.01 2.79 14.35
CA SER A 247 -31.34 1.66 13.46
C SER A 247 -31.69 0.38 14.19
N TYR A 248 -32.52 -0.45 13.56
CA TYR A 248 -32.89 -1.79 14.07
C TYR A 248 -33.61 -1.79 15.43
N ASN A 249 -34.79 -1.21 15.46
CA ASN A 249 -35.66 -1.22 16.62
C ASN A 249 -37.02 -1.25 16.03
N GLU A 250 -38.06 -1.39 16.84
CA GLU A 250 -39.37 -1.31 16.24
C GLU A 250 -40.17 -0.13 16.79
N PHE A 251 -40.07 1.00 16.10
CA PHE A 251 -40.74 2.20 16.55
C PHE A 251 -42.17 2.19 16.01
N GLU A 252 -43.05 2.96 16.66
CA GLU A 252 -44.37 3.23 16.12
C GLU A 252 -44.38 4.72 15.91
N GLY A 253 -44.35 5.15 14.66
CA GLY A 253 -44.41 6.55 14.32
C GLY A 253 -43.40 6.74 13.21
N GLY A 254 -43.12 7.99 12.85
CA GLY A 254 -42.19 8.27 11.76
C GLY A 254 -40.95 9.00 12.20
N VAL A 255 -40.16 9.45 11.23
CA VAL A 255 -39.04 10.36 11.48
C VAL A 255 -39.57 11.63 12.16
N PRO A 256 -39.05 11.95 13.35
CA PRO A 256 -39.59 13.15 14.02
C PRO A 256 -39.27 14.39 13.23
N PRO A 257 -40.28 15.23 12.96
CA PRO A 257 -39.92 16.45 12.20
C PRO A 257 -39.07 17.42 13.03
N ALA A 258 -39.10 17.31 14.35
CA ALA A 258 -38.32 18.18 15.22
C ALA A 258 -36.79 18.12 14.99
N LEU A 259 -36.33 17.13 14.23
CA LEU A 259 -34.91 17.05 13.90
C LEU A 259 -34.45 18.29 13.13
N GLY A 260 -35.41 19.08 12.65
CA GLY A 260 -35.12 20.35 12.01
C GLY A 260 -34.30 21.25 12.92
N ASN A 261 -34.52 21.13 14.23
CA ASN A 261 -33.74 21.89 15.22
C ASN A 261 -32.26 21.58 15.24
N CYS A 262 -31.81 20.40 14.79
CA CYS A 262 -30.42 20.04 15.07
C CYS A 262 -29.57 20.40 13.87
N SER A 263 -28.99 21.58 13.93
CA SER A 263 -28.43 22.25 12.75
C SER A 263 -27.08 21.69 12.39
N SER A 264 -26.46 21.00 13.31
CA SER A 264 -25.11 20.54 13.04
C SER A 264 -25.05 19.07 12.59
N LEU A 265 -26.21 18.42 12.47
CA LEU A 265 -26.28 17.00 12.22
C LEU A 265 -25.50 16.65 10.95
N ASP A 266 -24.51 15.77 11.12
CA ASP A 266 -23.72 15.19 10.04
C ASP A 266 -24.31 13.94 9.40
N ALA A 267 -24.85 13.07 10.24
CA ALA A 267 -25.40 11.79 9.80
C ALA A 267 -26.69 11.47 10.55
N LEU A 268 -27.76 11.18 9.81
CA LEU A 268 -29.02 10.73 10.43
C LEU A 268 -29.35 9.33 9.91
N VAL A 269 -29.28 8.34 10.79
CA VAL A 269 -29.40 6.97 10.32
C VAL A 269 -30.44 6.21 11.15
N ILE A 270 -31.60 5.90 10.54
CA ILE A 270 -32.52 4.94 11.13
C ILE A 270 -32.95 3.95 10.02
N VAL A 271 -32.35 2.77 10.08
CA VAL A 271 -32.48 1.76 9.07
C VAL A 271 -33.25 0.73 9.81
N SER A 272 -34.34 0.22 9.23
CA SER A 272 -35.12 -0.82 9.87
C SER A 272 -35.57 -0.41 11.27
N GLY A 273 -36.21 0.75 11.39
CA GLY A 273 -36.83 1.13 12.64
C GLY A 273 -38.34 1.06 12.68
N ASN A 274 -38.91 0.42 11.67
CA ASN A 274 -40.36 0.28 11.48
C ASN A 274 -41.05 1.63 11.36
N LEU A 275 -40.32 2.60 10.81
CA LEU A 275 -40.82 3.98 10.70
C LEU A 275 -41.89 4.03 9.60
N SER A 276 -43.01 4.68 9.88
CA SER A 276 -44.02 4.91 8.86
C SER A 276 -44.29 6.41 8.76
N GLY A 277 -45.19 6.81 7.87
CA GLY A 277 -45.43 8.22 7.66
C GLY A 277 -44.47 8.80 6.63
N THR A 278 -44.29 10.11 6.68
CA THR A 278 -43.61 10.90 5.65
C THR A 278 -42.16 11.35 6.01
N ILE A 279 -41.29 11.51 5.03
CA ILE A 279 -40.02 12.15 5.26
C ILE A 279 -40.24 13.67 5.46
N PRO A 280 -39.88 14.18 6.65
CA PRO A 280 -40.19 15.59 6.95
C PRO A 280 -39.48 16.61 6.08
N SER A 281 -40.17 17.67 5.75
CA SER A 281 -39.59 18.80 5.01
C SER A 281 -38.42 19.41 5.76
N SER A 282 -38.55 19.48 7.08
CA SER A 282 -37.57 20.09 7.95
C SER A 282 -36.16 19.54 7.78
N LEU A 283 -36.03 18.33 7.23
CA LEU A 283 -34.70 17.79 6.97
C LEU A 283 -33.88 18.66 6.01
N GLY A 284 -34.55 19.49 5.22
CA GLY A 284 -33.89 20.40 4.30
C GLY A 284 -33.16 21.53 5.02
N MET A 285 -33.47 21.71 6.29
CA MET A 285 -32.81 22.73 7.10
C MET A 285 -31.36 22.34 7.41
N LEU A 286 -31.00 21.07 7.20
CA LEU A 286 -29.70 20.58 7.66
C LEU A 286 -28.65 20.72 6.58
N LYS A 287 -27.78 21.71 6.78
CA LYS A 287 -26.74 22.08 5.82
C LYS A 287 -25.50 21.23 5.94
N ASN A 288 -25.30 20.61 7.10
CA ASN A 288 -24.13 19.79 7.31
C ASN A 288 -24.36 18.30 7.16
N LEU A 289 -25.61 17.91 6.89
CA LEU A 289 -25.93 16.51 6.88
C LEU A 289 -25.28 15.89 5.64
N THR A 290 -24.35 14.99 5.88
CA THR A 290 -23.64 14.31 4.80
C THR A 290 -24.23 12.93 4.53
N ILE A 291 -25.01 12.42 5.48
CA ILE A 291 -25.62 11.11 5.38
C ILE A 291 -27.05 11.13 5.86
N LEU A 292 -27.98 10.73 5.00
CA LEU A 292 -29.35 10.48 5.42
C LEU A 292 -29.74 9.05 4.99
N ASN A 293 -29.89 8.18 5.98
CA ASN A 293 -30.26 6.82 5.69
C ASN A 293 -31.54 6.46 6.43
N LEU A 294 -32.62 6.43 5.67
CA LEU A 294 -33.94 6.02 6.14
C LEU A 294 -34.40 4.64 5.63
N SER A 295 -33.48 3.91 5.02
CA SER A 295 -33.81 2.67 4.33
C SER A 295 -34.42 1.59 5.23
N GLU A 296 -35.20 0.69 4.57
CA GLU A 296 -35.86 -0.45 5.22
C GLU A 296 -36.84 -0.05 6.28
N ASN A 297 -37.70 0.90 5.94
CA ASN A 297 -38.84 1.23 6.77
C ASN A 297 -40.11 1.04 5.95
N ARG A 298 -41.24 1.47 6.51
CA ARG A 298 -42.55 1.55 5.85
C ARG A 298 -42.89 2.96 5.33
N LEU A 299 -41.88 3.80 5.19
CA LEU A 299 -42.10 5.19 4.76
C LEU A 299 -42.90 5.40 3.48
N SER A 300 -43.90 6.28 3.56
CA SER A 300 -44.78 6.62 2.45
C SER A 300 -44.55 8.08 2.03
N GLY A 301 -45.38 8.60 1.12
CA GLY A 301 -45.28 9.98 0.66
C GLY A 301 -44.18 10.18 -0.35
N SER A 302 -44.01 11.40 -0.78
CA SER A 302 -42.97 11.70 -1.76
C SER A 302 -41.70 12.16 -1.06
N ILE A 303 -40.63 12.37 -1.81
CA ILE A 303 -39.42 12.94 -1.24
C ILE A 303 -39.62 14.44 -1.26
N PRO A 304 -39.39 15.10 -0.13
CA PRO A 304 -39.58 16.55 -0.20
C PRO A 304 -38.51 17.20 -1.09
N ALA A 305 -38.89 18.15 -1.94
CA ALA A 305 -37.89 18.87 -2.73
C ALA A 305 -36.93 19.59 -1.80
N GLU A 306 -37.39 19.90 -0.60
CA GLU A 306 -36.59 20.58 0.40
C GLU A 306 -35.27 19.88 0.69
N LEU A 307 -35.23 18.56 0.51
CA LEU A 307 -33.99 17.82 0.69
C LEU A 307 -32.91 18.28 -0.28
N GLY A 308 -33.32 18.94 -1.37
CA GLY A 308 -32.40 19.53 -2.31
C GLY A 308 -31.68 20.70 -1.67
N ASN A 309 -32.12 21.08 -0.47
CA ASN A 309 -31.45 22.09 0.33
C ASN A 309 -30.41 21.52 1.29
N CYS A 310 -30.15 20.21 1.26
CA CYS A 310 -29.10 19.73 2.16
C CYS A 310 -27.81 19.77 1.34
N SER A 311 -27.02 20.82 1.55
CA SER A 311 -25.99 21.15 0.56
C SER A 311 -24.81 20.20 0.62
N SER A 312 -24.56 19.67 1.81
CA SER A 312 -23.44 18.75 2.05
C SER A 312 -23.81 17.25 1.84
N LEU A 313 -25.01 16.96 1.34
CA LEU A 313 -25.46 15.58 1.29
C LEU A 313 -24.56 14.72 0.40
N ASN A 314 -24.06 13.63 0.97
CA ASN A 314 -23.17 12.71 0.28
C ASN A 314 -23.94 11.42 -0.06
N LEU A 315 -24.51 10.79 0.97
CA LEU A 315 -25.29 9.57 0.78
C LEU A 315 -26.75 9.82 1.08
N LEU A 316 -27.61 9.56 0.11
CA LEU A 316 -29.02 9.56 0.40
C LEU A 316 -29.53 8.12 0.20
N LYS A 317 -29.81 7.39 1.30
CA LYS A 317 -30.29 6.01 1.22
C LYS A 317 -31.71 5.96 1.67
N LEU A 318 -32.63 5.86 0.68
CA LEU A 318 -34.07 5.72 0.92
C LEU A 318 -34.66 4.34 0.64
N ASN A 319 -33.81 3.39 0.29
CA ASN A 319 -34.27 2.12 -0.25
C ASN A 319 -35.19 1.28 0.66
N ASP A 320 -35.96 0.38 0.03
CA ASP A 320 -36.85 -0.52 0.77
C ASP A 320 -37.86 0.21 1.57
N ASN A 321 -38.60 1.07 0.89
CA ASN A 321 -39.71 1.77 1.49
C ASN A 321 -40.91 1.68 0.56
N GLN A 322 -41.98 2.34 0.94
CA GLN A 322 -43.20 2.51 0.15
C GLN A 322 -43.25 3.86 -0.57
N LEU A 323 -42.11 4.54 -0.67
CA LEU A 323 -42.05 5.89 -1.25
C LEU A 323 -42.61 5.97 -2.67
N VAL A 324 -43.30 7.07 -2.96
CA VAL A 324 -44.00 7.24 -4.21
C VAL A 324 -43.72 8.63 -4.79
N GLY A 325 -44.13 8.87 -6.02
CA GLY A 325 -44.01 10.20 -6.60
C GLY A 325 -42.82 10.28 -7.53
N GLY A 326 -42.49 11.49 -7.96
CA GLY A 326 -41.30 11.70 -8.74
C GLY A 326 -40.11 12.07 -7.87
N ILE A 327 -38.93 11.68 -8.32
CA ILE A 327 -37.70 12.06 -7.65
C ILE A 327 -37.52 13.55 -7.93
N PRO A 328 -37.40 14.36 -6.87
CA PRO A 328 -37.37 15.83 -7.00
C PRO A 328 -36.18 16.30 -7.81
N SER A 329 -36.43 17.18 -8.78
CA SER A 329 -35.35 17.71 -9.62
C SER A 329 -34.33 18.41 -8.74
N ALA A 330 -34.79 18.95 -7.61
CA ALA A 330 -33.91 19.64 -6.68
C ALA A 330 -32.66 18.85 -6.27
N LEU A 331 -32.73 17.52 -6.28
CA LEU A 331 -31.59 16.69 -5.88
C LEU A 331 -30.36 16.78 -6.81
N GLY A 332 -30.56 17.10 -8.09
CA GLY A 332 -29.44 17.22 -9.01
C GLY A 332 -28.53 18.39 -8.61
N LYS A 333 -29.13 19.31 -7.87
CA LYS A 333 -28.48 20.51 -7.34
C LYS A 333 -27.37 20.22 -6.33
N LEU A 334 -27.42 19.07 -5.67
CA LEU A 334 -26.45 18.78 -4.62
C LEU A 334 -25.14 18.36 -5.25
N ARG A 335 -24.10 19.13 -5.01
CA ARG A 335 -22.87 18.89 -5.75
C ARG A 335 -21.94 17.97 -5.01
N LYS A 336 -22.31 17.61 -3.78
CA LYS A 336 -21.54 16.62 -3.06
C LYS A 336 -22.16 15.23 -3.15
N LEU A 337 -23.29 15.08 -3.87
CA LEU A 337 -24.04 13.83 -3.79
C LEU A 337 -23.39 12.72 -4.60
N GLU A 338 -22.91 11.72 -3.87
CA GLU A 338 -22.21 10.56 -4.42
C GLU A 338 -23.09 9.33 -4.75
N SER A 339 -24.01 9.02 -3.86
CA SER A 339 -24.78 7.79 -3.97
C SER A 339 -26.24 8.09 -3.69
N LEU A 340 -27.06 7.80 -4.70
CA LEU A 340 -28.50 7.98 -4.59
C LEU A 340 -29.15 6.59 -4.62
N GLU A 341 -29.65 6.12 -3.47
CA GLU A 341 -30.14 4.76 -3.40
C GLU A 341 -31.62 4.83 -3.14
N LEU A 342 -32.38 4.60 -4.22
CA LEU A 342 -33.83 4.68 -4.18
C LEU A 342 -34.51 3.32 -4.30
N PHE A 343 -33.72 2.28 -4.47
CA PHE A 343 -34.23 1.01 -4.95
C PHE A 343 -35.27 0.41 -4.01
N GLU A 344 -36.14 -0.41 -4.61
CA GLU A 344 -37.22 -1.06 -3.89
C GLU A 344 -38.19 -0.07 -3.28
N ASN A 345 -38.82 0.69 -4.16
CA ASN A 345 -39.83 1.67 -3.75
C ASN A 345 -40.90 1.71 -4.83
N ARG A 346 -41.86 2.63 -4.68
CA ARG A 346 -42.91 2.91 -5.66
C ARG A 346 -42.73 4.15 -6.57
N PHE A 347 -41.52 4.71 -6.63
CA PHE A 347 -41.24 5.91 -7.43
C PHE A 347 -41.71 5.81 -8.88
N SER A 348 -42.26 6.89 -9.42
CA SER A 348 -42.68 6.94 -10.82
C SER A 348 -42.32 8.25 -11.46
N GLY A 349 -42.47 8.32 -12.77
CA GLY A 349 -42.13 9.50 -13.53
C GLY A 349 -40.75 9.26 -14.08
N GLU A 350 -40.19 10.25 -14.76
CA GLU A 350 -38.82 10.16 -15.24
C GLU A 350 -37.82 10.57 -14.18
N ILE A 351 -36.57 10.15 -14.33
CA ILE A 351 -35.51 10.72 -13.52
C ILE A 351 -35.19 12.10 -14.13
N PRO A 352 -35.39 13.16 -13.37
CA PRO A 352 -35.19 14.53 -13.88
C PRO A 352 -33.78 14.76 -14.42
N ILE A 353 -33.70 15.57 -15.48
CA ILE A 353 -32.44 15.74 -16.22
C ILE A 353 -31.34 16.32 -15.33
N GLU A 354 -31.73 17.10 -14.31
CA GLU A 354 -30.76 17.60 -13.34
C GLU A 354 -29.92 16.47 -12.74
N ILE A 355 -30.58 15.40 -12.29
CA ILE A 355 -29.86 14.26 -11.74
C ILE A 355 -28.98 13.59 -12.80
N TRP A 356 -29.48 13.46 -14.03
CA TRP A 356 -28.65 12.88 -15.09
C TRP A 356 -27.42 13.74 -15.37
N LYS A 357 -27.46 15.02 -14.96
CA LYS A 357 -26.40 15.97 -15.28
C LYS A 357 -25.36 16.09 -14.18
N SER A 358 -25.55 15.32 -13.10
CA SER A 358 -24.65 15.36 -11.95
C SER A 358 -23.23 14.90 -12.26
N GLN A 359 -22.25 15.72 -11.92
CA GLN A 359 -20.85 15.31 -12.01
C GLN A 359 -20.32 14.75 -10.68
N SER A 360 -21.13 14.82 -9.63
CA SER A 360 -20.82 14.12 -8.39
C SER A 360 -21.30 12.66 -8.26
N LEU A 361 -22.31 12.23 -9.01
CA LEU A 361 -22.92 10.92 -8.76
C LEU A 361 -22.11 9.74 -9.23
N THR A 362 -21.73 8.90 -8.29
CA THR A 362 -21.06 7.65 -8.60
C THR A 362 -22.04 6.50 -8.81
N GLN A 363 -23.04 6.44 -7.94
CA GLN A 363 -23.93 5.31 -7.85
C GLN A 363 -25.36 5.79 -7.90
N LEU A 364 -26.08 5.31 -8.90
CA LEU A 364 -27.49 5.60 -9.02
C LEU A 364 -28.21 4.23 -8.89
N LEU A 365 -28.77 3.96 -7.72
CA LEU A 365 -29.34 2.65 -7.54
C LEU A 365 -30.82 2.89 -7.38
N VAL A 366 -31.54 2.77 -8.51
CA VAL A 366 -32.99 2.95 -8.62
C VAL A 366 -33.84 1.70 -8.91
N TYR A 367 -33.25 0.52 -8.90
CA TYR A 367 -33.98 -0.65 -9.36
C TYR A 367 -35.21 -0.99 -8.52
N GLN A 368 -36.11 -1.79 -9.09
CA GLN A 368 -37.39 -2.15 -8.44
C GLN A 368 -38.20 -0.90 -8.07
N ASN A 369 -38.56 -0.16 -9.09
CA ASN A 369 -39.50 0.96 -8.99
C ASN A 369 -40.42 0.96 -10.21
N ASN A 370 -41.27 1.96 -10.28
CA ASN A 370 -42.11 2.17 -11.44
C ASN A 370 -41.58 3.26 -12.38
N LEU A 371 -40.29 3.57 -12.28
CA LEU A 371 -39.69 4.68 -13.06
C LEU A 371 -39.78 4.45 -14.58
N THR A 372 -39.74 5.53 -15.35
CA THR A 372 -39.84 5.39 -16.79
C THR A 372 -39.15 6.55 -17.51
N GLY A 373 -39.36 6.64 -18.82
CA GLY A 373 -38.72 7.67 -19.60
C GLY A 373 -37.58 7.10 -20.40
N GLU A 374 -36.92 7.97 -21.14
CA GLU A 374 -35.83 7.56 -21.99
C GLU A 374 -34.50 7.89 -21.32
N LEU A 375 -33.47 7.08 -21.58
CA LEU A 375 -32.16 7.38 -21.03
C LEU A 375 -31.49 8.52 -21.82
N PRO A 376 -31.32 9.70 -21.20
CA PRO A 376 -30.85 10.90 -21.90
C PRO A 376 -29.40 10.78 -22.32
N VAL A 377 -28.97 11.56 -23.31
CA VAL A 377 -27.58 11.55 -23.77
C VAL A 377 -26.68 12.15 -22.69
N GLU A 378 -27.28 12.96 -21.82
CA GLU A 378 -26.55 13.53 -20.69
C GLU A 378 -25.93 12.45 -19.79
N MET A 379 -26.54 11.26 -19.77
CA MET A 379 -26.03 10.18 -18.94
C MET A 379 -24.60 9.89 -19.34
N THR A 380 -24.32 9.98 -20.64
CA THR A 380 -22.98 9.72 -21.13
C THR A 380 -22.00 10.80 -20.64
N GLU A 381 -22.54 11.88 -20.10
CA GLU A 381 -21.73 12.96 -19.59
C GLU A 381 -21.45 12.91 -18.09
N MET A 382 -21.87 11.86 -17.39
CA MET A 382 -21.58 11.85 -15.95
C MET A 382 -20.26 11.17 -15.74
N LYS A 383 -19.24 11.96 -15.42
CA LYS A 383 -17.88 11.46 -15.41
C LYS A 383 -17.64 10.55 -14.24
N LYS A 384 -18.30 10.81 -13.12
CA LYS A 384 -18.06 9.97 -11.94
C LYS A 384 -18.97 8.74 -11.84
N LEU A 385 -19.83 8.49 -12.85
CA LEU A 385 -20.74 7.35 -12.76
C LEU A 385 -20.04 5.99 -12.81
N LYS A 386 -20.29 5.18 -11.79
CA LYS A 386 -19.68 3.85 -11.63
C LYS A 386 -20.76 2.72 -11.69
N ILE A 387 -21.75 2.84 -10.83
CA ILE A 387 -22.79 1.86 -10.75
C ILE A 387 -24.13 2.49 -11.11
N ALA A 388 -24.78 1.86 -12.11
CA ALA A 388 -26.12 2.22 -12.50
C ALA A 388 -26.99 0.97 -12.57
N THR A 389 -27.91 0.83 -11.64
CA THR A 389 -28.81 -0.29 -11.70
C THR A 389 -30.19 0.29 -11.76
N LEU A 390 -30.75 0.23 -12.98
CA LEU A 390 -32.08 0.72 -13.32
C LEU A 390 -33.08 -0.44 -13.50
N PHE A 391 -32.65 -1.67 -13.20
CA PHE A 391 -33.45 -2.84 -13.51
C PHE A 391 -34.83 -2.85 -12.83
N ASN A 392 -35.79 -3.57 -13.44
CA ASN A 392 -37.21 -3.57 -13.03
C ASN A 392 -37.92 -2.21 -12.97
N ASN A 393 -37.85 -1.50 -14.10
CA ASN A 393 -38.59 -0.27 -14.28
C ASN A 393 -39.29 -0.24 -15.64
N SER A 394 -39.81 0.93 -15.99
CA SER A 394 -40.46 1.18 -17.29
C SER A 394 -39.60 1.93 -18.31
N PHE A 395 -38.30 2.04 -18.06
CA PHE A 395 -37.44 2.77 -18.96
C PHE A 395 -37.58 2.27 -20.39
N TYR A 396 -37.63 3.22 -21.33
CA TYR A 396 -37.76 2.91 -22.75
C TYR A 396 -36.73 3.66 -23.62
N GLY A 397 -36.82 3.47 -24.93
CA GLY A 397 -35.88 4.10 -25.85
C GLY A 397 -34.62 3.28 -26.03
N ALA A 398 -33.68 3.79 -26.82
CA ALA A 398 -32.36 3.18 -26.94
C ALA A 398 -31.42 3.58 -25.80
N ILE A 399 -30.44 2.72 -25.54
CA ILE A 399 -29.38 3.07 -24.62
C ILE A 399 -28.45 3.97 -25.42
N PRO A 400 -28.10 5.13 -24.85
CA PRO A 400 -27.24 6.03 -25.62
C PRO A 400 -25.91 5.40 -26.00
N PRO A 401 -25.58 5.43 -27.31
CA PRO A 401 -24.41 4.74 -27.88
C PRO A 401 -23.11 5.22 -27.28
N GLY A 402 -23.10 6.42 -26.70
CA GLY A 402 -21.88 6.90 -26.09
C GLY A 402 -21.66 6.48 -24.63
N LEU A 403 -22.65 5.82 -24.04
CA LEU A 403 -22.54 5.37 -22.67
C LEU A 403 -21.28 4.54 -22.52
N GLY A 404 -20.41 4.94 -21.61
CA GLY A 404 -19.15 4.27 -21.42
C GLY A 404 -17.93 5.06 -21.89
N VAL A 405 -18.13 6.08 -22.73
CA VAL A 405 -17.00 6.89 -23.22
C VAL A 405 -16.32 7.75 -22.16
N ASN A 406 -17.06 8.61 -21.48
CA ASN A 406 -16.50 9.31 -20.35
C ASN A 406 -16.63 8.27 -19.28
N SER A 407 -15.49 7.67 -19.05
CA SER A 407 -15.38 6.24 -18.81
C SER A 407 -15.76 5.80 -17.42
N SER A 408 -15.18 4.66 -17.05
CA SER A 408 -15.25 4.10 -15.73
C SER A 408 -16.57 3.49 -15.24
N LEU A 409 -17.39 3.01 -16.16
CA LEU A 409 -18.55 2.21 -15.77
C LEU A 409 -18.07 0.90 -15.16
N GLU A 410 -18.62 0.56 -14.01
CA GLU A 410 -18.36 -0.71 -13.39
C GLU A 410 -19.56 -1.62 -13.56
N GLU A 411 -20.71 -1.16 -13.13
CA GLU A 411 -21.90 -1.99 -13.16
C GLU A 411 -23.05 -1.34 -13.92
N VAL A 412 -23.46 -2.00 -15.01
CA VAL A 412 -24.67 -1.64 -15.71
C VAL A 412 -25.69 -2.78 -15.61
N ASP A 413 -26.72 -2.59 -14.81
CA ASP A 413 -27.79 -3.55 -14.78
C ASP A 413 -29.06 -2.79 -15.16
N PHE A 414 -29.50 -3.02 -16.41
CA PHE A 414 -30.74 -2.48 -16.98
C PHE A 414 -31.89 -3.50 -17.14
N ILE A 415 -31.71 -4.70 -16.61
CA ILE A 415 -32.64 -5.82 -16.83
C ILE A 415 -34.11 -5.45 -16.57
N GLY A 416 -35.03 -5.99 -17.37
CA GLY A 416 -36.44 -5.81 -17.08
C GLY A 416 -36.94 -4.40 -17.31
N ASN A 417 -36.60 -3.86 -18.45
CA ASN A 417 -37.22 -2.62 -18.87
C ASN A 417 -37.79 -2.79 -20.28
N LYS A 418 -38.24 -1.70 -20.88
CA LYS A 418 -38.72 -1.68 -22.24
C LYS A 418 -37.67 -1.22 -23.28
N LEU A 419 -36.40 -1.21 -22.89
CA LEU A 419 -35.33 -0.67 -23.74
C LEU A 419 -35.33 -1.29 -25.13
N THR A 420 -35.18 -0.44 -26.14
CA THR A 420 -35.09 -0.91 -27.52
C THR A 420 -33.75 -0.52 -28.12
N GLY A 421 -33.51 -0.92 -29.36
CA GLY A 421 -32.26 -0.58 -30.02
C GLY A 421 -31.18 -1.64 -29.85
N GLU A 422 -29.96 -1.30 -30.25
CA GLU A 422 -28.83 -2.22 -30.06
C GLU A 422 -28.08 -2.01 -28.75
N ILE A 423 -27.15 -2.92 -28.50
CA ILE A 423 -26.24 -2.85 -27.37
C ILE A 423 -25.13 -1.92 -27.74
N PRO A 424 -24.89 -0.88 -26.92
CA PRO A 424 -23.84 0.13 -27.12
C PRO A 424 -22.44 -0.49 -27.11
N PRO A 425 -21.63 -0.18 -28.12
CA PRO A 425 -20.30 -0.76 -28.24
C PRO A 425 -19.32 -0.24 -27.19
N ASN A 426 -19.62 0.88 -26.55
CA ASN A 426 -18.63 1.53 -25.70
C ASN A 426 -18.69 1.30 -24.19
N LEU A 427 -19.61 0.48 -23.73
CA LEU A 427 -19.81 0.30 -22.29
C LEU A 427 -18.50 -0.01 -21.52
N CYS A 428 -17.60 -0.72 -22.16
CA CYS A 428 -16.29 -1.03 -21.57
C CYS A 428 -15.10 -0.13 -21.97
N HIS A 429 -15.38 0.99 -22.64
CA HIS A 429 -14.32 1.90 -23.06
C HIS A 429 -13.29 2.22 -21.93
N GLY A 430 -13.79 2.39 -20.70
CA GLY A 430 -12.95 2.60 -19.54
C GLY A 430 -12.29 1.39 -18.94
N ARG A 431 -12.59 0.20 -19.45
CA ARG A 431 -11.97 -1.05 -18.99
C ARG A 431 -12.27 -1.36 -17.53
N LYS A 432 -13.34 -0.79 -16.99
CA LYS A 432 -13.79 -1.24 -15.67
C LYS A 432 -15.05 -2.13 -15.52
N LEU A 433 -15.71 -2.53 -16.62
CA LEU A 433 -17.03 -3.19 -16.50
C LEU A 433 -16.92 -4.57 -15.87
N ARG A 434 -17.55 -4.72 -14.71
CA ARG A 434 -17.73 -6.02 -14.09
C ARG A 434 -19.04 -6.71 -14.45
N ILE A 435 -20.10 -5.90 -14.56
CA ILE A 435 -21.44 -6.42 -14.72
C ILE A 435 -22.07 -5.77 -15.94
N LEU A 436 -22.43 -6.57 -16.93
CA LEU A 436 -23.24 -6.11 -18.05
C LEU A 436 -24.57 -6.90 -18.01
N ASN A 437 -25.62 -6.28 -17.46
CA ASN A 437 -26.92 -6.91 -17.42
C ASN A 437 -27.90 -6.09 -18.26
N LEU A 438 -28.18 -6.60 -19.46
CA LEU A 438 -29.20 -6.06 -20.37
C LEU A 438 -30.45 -6.96 -20.56
N GLY A 439 -30.51 -8.05 -19.81
CA GLY A 439 -31.56 -9.03 -20.01
C GLY A 439 -32.98 -8.48 -19.89
N SER A 440 -33.93 -9.21 -20.49
CA SER A 440 -35.35 -8.85 -20.47
C SER A 440 -35.63 -7.46 -20.99
N ASN A 441 -35.14 -7.17 -22.18
CA ASN A 441 -35.57 -5.96 -22.82
C ASN A 441 -36.08 -6.28 -24.22
N LEU A 442 -36.29 -5.25 -25.00
CA LEU A 442 -36.69 -5.31 -26.39
C LEU A 442 -35.50 -5.22 -27.34
N LEU A 443 -34.31 -5.43 -26.80
CA LEU A 443 -33.09 -5.18 -27.57
C LEU A 443 -32.99 -6.09 -28.79
N HIS A 444 -32.14 -5.72 -29.74
CA HIS A 444 -31.84 -6.57 -30.90
C HIS A 444 -30.46 -6.27 -31.44
N GLY A 445 -30.05 -7.06 -32.42
CA GLY A 445 -28.81 -6.88 -33.13
C GLY A 445 -27.79 -7.85 -32.57
N THR A 446 -26.55 -7.76 -33.01
CA THR A 446 -25.49 -8.62 -32.52
C THR A 446 -24.77 -8.06 -31.29
N ILE A 447 -23.85 -8.86 -30.75
CA ILE A 447 -23.02 -8.47 -29.62
C ILE A 447 -21.76 -7.82 -30.14
N PRO A 448 -21.55 -6.56 -29.83
CA PRO A 448 -20.42 -5.85 -30.44
C PRO A 448 -19.10 -6.54 -30.06
N ALA A 449 -18.18 -6.64 -31.02
CA ALA A 449 -16.89 -7.30 -30.78
C ALA A 449 -16.12 -6.66 -29.64
N SER A 450 -16.30 -5.35 -29.47
CA SER A 450 -15.64 -4.62 -28.39
C SER A 450 -16.02 -5.16 -27.02
N ILE A 451 -17.31 -5.48 -26.80
CA ILE A 451 -17.74 -6.02 -25.51
C ILE A 451 -17.04 -7.36 -25.25
N GLY A 452 -16.77 -8.11 -26.31
CA GLY A 452 -16.02 -9.35 -26.19
C GLY A 452 -14.64 -9.09 -25.63
N HIS A 453 -14.10 -7.90 -25.95
CA HIS A 453 -12.77 -7.47 -25.47
C HIS A 453 -12.71 -7.23 -23.97
N CYS A 454 -13.86 -7.00 -23.33
CA CYS A 454 -13.84 -6.56 -21.94
C CYS A 454 -13.58 -7.77 -21.05
N LYS A 455 -12.42 -7.81 -20.40
CA LYS A 455 -12.02 -9.00 -19.66
C LYS A 455 -12.47 -8.90 -18.22
N THR A 456 -12.96 -7.72 -17.85
CA THR A 456 -13.33 -7.45 -16.46
C THR A 456 -14.77 -7.88 -16.21
N ILE A 457 -15.45 -8.33 -17.26
CA ILE A 457 -16.84 -8.71 -17.09
C ILE A 457 -16.89 -9.99 -16.27
N ARG A 458 -17.53 -9.92 -15.11
CA ARG A 458 -17.77 -11.11 -14.31
C ARG A 458 -19.13 -11.77 -14.63
N ARG A 459 -20.17 -10.94 -14.72
CA ARG A 459 -21.55 -11.34 -14.95
C ARG A 459 -22.07 -10.69 -16.23
N PHE A 460 -22.42 -11.54 -17.20
CA PHE A 460 -22.90 -11.12 -18.52
C PHE A 460 -24.31 -11.74 -18.76
N ILE A 461 -25.35 -10.93 -18.67
CA ILE A 461 -26.69 -11.42 -18.83
C ILE A 461 -27.39 -10.66 -19.95
N LEU A 462 -27.55 -11.34 -21.08
CA LEU A 462 -28.26 -10.83 -22.25
C LEU A 462 -29.63 -11.50 -22.47
N ARG A 463 -29.97 -12.42 -21.57
CA ARG A 463 -31.07 -13.33 -21.75
C ARG A 463 -32.35 -12.60 -22.08
N GLU A 464 -33.20 -13.26 -22.88
CA GLU A 464 -34.55 -12.78 -23.15
C GLU A 464 -34.59 -11.48 -23.90
N ASN A 465 -33.87 -11.42 -25.02
CA ASN A 465 -34.04 -10.31 -25.95
C ASN A 465 -34.30 -10.83 -27.36
N ASN A 466 -34.28 -9.91 -28.31
CA ASN A 466 -34.24 -10.25 -29.73
C ASN A 466 -32.84 -10.25 -30.36
N LEU A 467 -31.80 -10.26 -29.53
CA LEU A 467 -30.42 -10.37 -30.00
C LEU A 467 -30.19 -11.58 -30.91
N SER A 468 -29.28 -11.43 -31.87
CA SER A 468 -28.93 -12.54 -32.77
C SER A 468 -27.48 -12.43 -33.23
N GLY A 469 -27.07 -13.35 -34.11
CA GLY A 469 -25.73 -13.34 -34.66
C GLY A 469 -24.80 -14.29 -33.94
N LEU A 470 -23.52 -14.22 -34.27
CA LEU A 470 -22.49 -15.02 -33.63
C LEU A 470 -22.05 -14.48 -32.26
N LEU A 471 -21.47 -15.35 -31.43
CA LEU A 471 -20.87 -14.93 -30.17
C LEU A 471 -19.44 -14.41 -30.34
N PRO A 472 -19.02 -13.45 -29.49
CA PRO A 472 -17.63 -13.02 -29.49
C PRO A 472 -16.70 -14.18 -29.10
N GLU A 473 -15.43 -14.09 -29.45
CA GLU A 473 -14.46 -14.98 -28.83
C GLU A 473 -14.08 -14.34 -27.52
N PHE A 474 -13.81 -15.17 -26.53
CA PHE A 474 -13.49 -14.71 -25.18
C PHE A 474 -12.03 -15.05 -24.96
N SER A 475 -11.39 -14.41 -24.00
CA SER A 475 -9.96 -14.59 -23.93
C SER A 475 -9.51 -15.42 -22.76
N GLN A 476 -8.21 -15.71 -22.75
CA GLN A 476 -7.60 -16.25 -21.58
C GLN A 476 -7.58 -15.01 -20.72
N ASP A 477 -7.45 -15.16 -19.41
CA ASP A 477 -7.49 -14.01 -18.49
C ASP A 477 -8.77 -13.17 -18.62
N HIS A 478 -9.85 -13.80 -19.08
CA HIS A 478 -11.18 -13.23 -18.98
C HIS A 478 -11.74 -13.55 -17.60
N SER A 479 -12.46 -12.62 -17.01
CA SER A 479 -13.00 -12.81 -15.66
C SER A 479 -14.41 -13.40 -15.63
N LEU A 480 -14.93 -13.79 -16.79
CA LEU A 480 -16.31 -14.27 -16.85
C LEU A 480 -16.59 -15.35 -15.82
N SER A 481 -17.65 -15.13 -15.06
CA SER A 481 -18.04 -15.99 -13.95
C SER A 481 -19.43 -16.56 -14.23
N PHE A 482 -20.37 -15.64 -14.50
CA PHE A 482 -21.75 -15.97 -14.78
C PHE A 482 -22.20 -15.49 -16.16
N LEU A 483 -22.56 -16.41 -17.05
CA LEU A 483 -23.07 -16.10 -18.41
C LEU A 483 -24.50 -16.64 -18.67
N ASP A 484 -25.45 -15.74 -18.88
CA ASP A 484 -26.79 -16.18 -19.25
C ASP A 484 -27.31 -15.44 -20.50
N PHE A 485 -27.34 -16.15 -21.63
CA PHE A 485 -27.89 -15.67 -22.92
C PHE A 485 -29.25 -16.26 -23.37
N ASN A 486 -29.90 -17.04 -22.50
CA ASN A 486 -31.08 -17.83 -22.85
C ASN A 486 -32.19 -17.01 -23.48
N SER A 487 -32.97 -17.64 -24.35
CA SER A 487 -34.06 -16.97 -25.06
C SER A 487 -33.61 -15.78 -25.90
N ASN A 488 -32.74 -16.07 -26.86
CA ASN A 488 -32.46 -15.13 -27.91
C ASN A 488 -32.46 -15.88 -29.25
N ASN A 489 -32.01 -15.17 -30.27
CA ASN A 489 -31.72 -15.74 -31.57
C ASN A 489 -30.28 -16.06 -31.91
N PHE A 490 -29.43 -16.14 -30.91
CA PHE A 490 -28.03 -16.39 -31.21
C PHE A 490 -27.83 -17.59 -32.12
N GLU A 491 -26.91 -17.49 -33.06
CA GLU A 491 -26.61 -18.62 -33.93
C GLU A 491 -25.10 -18.86 -34.08
N GLY A 492 -24.75 -19.87 -34.88
CA GLY A 492 -23.36 -20.23 -35.09
C GLY A 492 -22.88 -21.22 -34.04
N PRO A 493 -21.62 -21.62 -34.12
CA PRO A 493 -21.09 -22.54 -33.11
C PRO A 493 -20.79 -21.86 -31.76
N ILE A 494 -20.83 -22.65 -30.70
CA ILE A 494 -20.43 -22.20 -29.38
C ILE A 494 -18.93 -21.98 -29.46
N PRO A 495 -18.46 -20.76 -29.15
CA PRO A 495 -17.04 -20.46 -29.28
C PRO A 495 -16.20 -21.31 -28.35
N GLY A 496 -15.18 -21.98 -28.86
CA GLY A 496 -14.32 -22.81 -28.02
C GLY A 496 -13.55 -22.00 -26.99
N SER A 497 -13.27 -20.74 -27.28
CA SER A 497 -12.52 -19.89 -26.36
C SER A 497 -13.24 -19.66 -25.04
N LEU A 498 -14.50 -20.09 -24.99
CA LEU A 498 -15.30 -19.99 -23.80
C LEU A 498 -14.72 -20.89 -22.71
N GLY A 499 -14.04 -21.95 -23.14
CA GLY A 499 -13.44 -22.88 -22.20
C GLY A 499 -12.22 -22.32 -21.50
N SER A 500 -11.72 -21.20 -22.02
CA SER A 500 -10.54 -20.57 -21.47
C SER A 500 -10.83 -19.68 -20.26
N CYS A 501 -12.09 -19.49 -19.92
CA CYS A 501 -12.38 -18.61 -18.80
C CYS A 501 -12.42 -19.43 -17.54
N LYS A 502 -11.33 -19.39 -16.79
CA LYS A 502 -11.07 -20.38 -15.77
C LYS A 502 -12.05 -20.24 -14.61
N ASN A 503 -12.61 -19.05 -14.46
CA ASN A 503 -13.51 -18.79 -13.35
C ASN A 503 -14.98 -18.99 -13.68
N LEU A 504 -15.27 -19.47 -14.89
CA LEU A 504 -16.64 -19.72 -15.32
C LEU A 504 -17.36 -20.70 -14.39
N SER A 505 -18.47 -20.25 -13.83
CA SER A 505 -19.28 -20.99 -12.88
C SER A 505 -20.58 -21.54 -13.51
N SER A 506 -21.28 -20.66 -14.23
CA SER A 506 -22.59 -20.94 -14.77
C SER A 506 -22.68 -20.54 -16.25
N ILE A 507 -23.19 -21.43 -17.09
CA ILE A 507 -23.43 -21.13 -18.51
C ILE A 507 -24.86 -21.48 -18.92
N ASN A 508 -25.65 -20.47 -19.26
CA ASN A 508 -26.95 -20.67 -19.86
C ASN A 508 -27.03 -20.11 -21.29
N LEU A 509 -26.92 -21.00 -22.28
CA LEU A 509 -27.06 -20.68 -23.70
C LEU A 509 -28.42 -21.16 -24.27
N SER A 510 -29.30 -21.62 -23.37
CA SER A 510 -30.49 -22.36 -23.78
C SER A 510 -31.50 -21.52 -24.59
N ARG A 511 -32.39 -22.20 -25.30
CA ARG A 511 -33.35 -21.55 -26.18
C ARG A 511 -32.70 -20.56 -27.12
N ASN A 512 -31.69 -21.04 -27.85
CA ASN A 512 -31.13 -20.28 -28.95
C ASN A 512 -31.06 -21.14 -30.21
N ARG A 513 -30.38 -20.60 -31.21
CA ARG A 513 -30.11 -21.30 -32.47
C ARG A 513 -28.72 -21.91 -32.70
N PHE A 514 -27.93 -22.03 -31.63
CA PHE A 514 -26.54 -22.52 -31.76
C PHE A 514 -26.47 -23.84 -32.49
N THR A 515 -25.49 -23.95 -33.39
CA THR A 515 -25.29 -25.17 -34.15
C THR A 515 -23.93 -25.77 -33.90
N GLY A 516 -23.65 -26.87 -34.57
CA GLY A 516 -22.33 -27.45 -34.50
C GLY A 516 -22.17 -28.30 -33.27
N GLN A 517 -20.92 -28.56 -32.92
CA GLN A 517 -20.56 -29.45 -31.83
C GLN A 517 -20.20 -28.76 -30.52
N ILE A 518 -20.46 -29.44 -29.41
CA ILE A 518 -20.08 -28.93 -28.11
C ILE A 518 -18.57 -29.02 -27.94
N PRO A 519 -17.91 -27.85 -27.83
CA PRO A 519 -16.45 -27.79 -27.83
C PRO A 519 -15.83 -28.57 -26.67
N PRO A 520 -14.83 -29.39 -26.96
CA PRO A 520 -14.17 -30.15 -25.89
C PRO A 520 -13.40 -29.26 -24.89
N GLN A 521 -13.05 -28.05 -25.31
CA GLN A 521 -12.37 -27.06 -24.47
C GLN A 521 -13.13 -26.77 -23.19
N LEU A 522 -14.44 -26.94 -23.23
CA LEU A 522 -15.26 -26.72 -22.05
C LEU A 522 -14.88 -27.67 -20.92
N GLY A 523 -14.12 -28.71 -21.26
CA GLY A 523 -13.53 -29.56 -20.25
C GLY A 523 -12.52 -28.84 -19.38
N ASN A 524 -12.08 -27.66 -19.81
CA ASN A 524 -11.17 -26.88 -18.98
C ASN A 524 -11.88 -26.21 -17.83
N LEU A 525 -13.20 -26.15 -17.86
CA LEU A 525 -13.87 -25.34 -16.88
C LEU A 525 -14.14 -26.22 -15.67
N GLN A 526 -13.33 -26.03 -14.64
CA GLN A 526 -13.43 -26.83 -13.43
C GLN A 526 -14.17 -26.12 -12.29
N ASN A 527 -14.54 -24.88 -12.52
CA ASN A 527 -15.42 -24.19 -11.59
C ASN A 527 -16.88 -24.13 -12.05
N LEU A 528 -17.17 -24.79 -13.16
CA LEU A 528 -18.51 -24.77 -13.71
C LEU A 528 -19.43 -25.69 -12.93
N GLY A 529 -20.44 -25.12 -12.29
CA GLY A 529 -21.38 -25.90 -11.52
C GLY A 529 -22.67 -26.15 -12.24
N TYR A 530 -22.93 -25.35 -13.28
CA TYR A 530 -24.18 -25.35 -14.03
C TYR A 530 -24.00 -25.14 -15.53
N MET A 531 -24.57 -26.03 -16.33
CA MET A 531 -24.54 -25.84 -17.76
C MET A 531 -25.84 -26.11 -18.50
N ASN A 532 -26.42 -25.07 -19.09
CA ASN A 532 -27.63 -25.25 -19.88
C ASN A 532 -27.39 -24.91 -21.36
N LEU A 533 -27.30 -25.93 -22.18
CA LEU A 533 -27.27 -25.78 -23.65
C LEU A 533 -28.60 -26.10 -24.31
N SER A 534 -29.62 -26.37 -23.50
CA SER A 534 -30.83 -26.99 -24.03
C SER A 534 -31.55 -26.14 -25.07
N ARG A 535 -32.34 -26.81 -25.91
CA ARG A 535 -33.08 -26.17 -26.98
C ARG A 535 -32.21 -25.37 -27.93
N ASN A 536 -31.33 -26.07 -28.63
CA ASN A 536 -30.56 -25.49 -29.73
C ASN A 536 -30.55 -26.48 -30.92
N LEU A 537 -29.73 -26.17 -31.91
CA LEU A 537 -29.50 -27.05 -33.07
C LEU A 537 -28.21 -27.86 -32.94
N LEU A 538 -27.72 -27.98 -31.72
CA LEU A 538 -26.48 -28.72 -31.44
C LEU A 538 -26.54 -30.16 -31.94
N GLU A 539 -25.42 -30.66 -32.46
CA GLU A 539 -25.37 -32.01 -32.99
C GLU A 539 -24.05 -32.63 -32.60
N GLY A 540 -23.83 -33.89 -32.96
CA GLY A 540 -22.62 -34.60 -32.60
C GLY A 540 -22.71 -35.19 -31.21
N SER A 541 -21.57 -35.52 -30.62
CA SER A 541 -21.61 -36.19 -29.32
C SER A 541 -20.95 -35.42 -28.18
N LEU A 542 -21.26 -35.86 -26.96
CA LEU A 542 -20.75 -35.27 -25.75
C LEU A 542 -19.29 -35.67 -25.59
N PRO A 543 -18.40 -34.69 -25.65
CA PRO A 543 -16.96 -34.98 -25.47
C PRO A 543 -16.71 -35.54 -24.09
N ALA A 544 -15.98 -36.64 -24.00
CA ALA A 544 -15.65 -37.24 -22.71
C ALA A 544 -14.83 -36.27 -21.85
N GLN A 545 -14.18 -35.29 -22.52
CA GLN A 545 -13.40 -34.25 -21.83
C GLN A 545 -14.22 -33.52 -20.76
N LEU A 546 -15.53 -33.42 -20.98
CA LEU A 546 -16.44 -32.80 -20.02
C LEU A 546 -16.39 -33.52 -18.69
N SER A 547 -15.81 -34.71 -18.65
CA SER A 547 -15.58 -35.38 -17.38
C SER A 547 -14.68 -34.53 -16.48
N ASN A 548 -13.89 -33.64 -17.09
CA ASN A 548 -13.02 -32.76 -16.28
C ASN A 548 -13.75 -31.67 -15.50
N CYS A 549 -15.04 -31.47 -15.75
CA CYS A 549 -15.71 -30.44 -15.00
C CYS A 549 -16.23 -31.12 -13.75
N VAL A 550 -15.49 -30.95 -12.66
CA VAL A 550 -15.69 -31.74 -11.46
C VAL A 550 -16.65 -31.01 -10.55
N SER A 551 -16.93 -29.76 -10.88
CA SER A 551 -17.83 -28.97 -10.05
C SER A 551 -19.29 -29.02 -10.48
N LEU A 552 -19.62 -29.73 -11.57
CA LEU A 552 -20.97 -29.67 -12.12
C LEU A 552 -22.08 -30.15 -11.19
N GLU A 553 -23.01 -29.26 -10.85
CA GLU A 553 -24.24 -29.69 -10.22
C GLU A 553 -25.31 -30.06 -11.22
N ARG A 554 -25.48 -29.20 -12.24
CA ARG A 554 -26.58 -29.29 -13.18
C ARG A 554 -26.08 -29.28 -14.61
N PHE A 555 -26.47 -30.31 -15.35
CA PHE A 555 -26.10 -30.45 -16.77
C PHE A 555 -27.35 -30.76 -17.62
N ASP A 556 -27.76 -29.81 -18.46
CA ASP A 556 -28.95 -29.96 -19.32
C ASP A 556 -28.55 -29.61 -20.76
N VAL A 557 -28.49 -30.64 -21.61
CA VAL A 557 -28.35 -30.53 -23.07
C VAL A 557 -29.61 -30.84 -23.90
N GLY A 558 -30.75 -31.01 -23.22
CA GLY A 558 -31.93 -31.51 -23.88
C GLY A 558 -32.38 -30.70 -25.09
N PHE A 559 -33.21 -31.32 -25.93
CA PHE A 559 -33.72 -30.71 -27.15
C PHE A 559 -32.63 -30.21 -28.09
N ASN A 560 -31.78 -31.12 -28.54
CA ASN A 560 -30.83 -30.85 -29.60
C ASN A 560 -30.82 -32.10 -30.48
N SER A 561 -29.90 -32.15 -31.42
CA SER A 561 -29.65 -33.35 -32.24
C SER A 561 -28.47 -34.23 -31.82
N LEU A 562 -27.97 -34.02 -30.62
CA LEU A 562 -26.82 -34.76 -30.11
C LEU A 562 -27.01 -36.27 -30.29
N ASN A 563 -25.91 -36.94 -30.64
CA ASN A 563 -25.94 -38.40 -30.79
C ASN A 563 -24.71 -39.05 -30.15
N GLY A 564 -24.61 -40.37 -30.23
CA GLY A 564 -23.47 -41.07 -29.66
C GLY A 564 -23.84 -41.73 -28.34
N SER A 565 -22.86 -42.39 -27.71
CA SER A 565 -23.10 -42.98 -26.39
C SER A 565 -22.60 -42.07 -25.28
N VAL A 566 -23.36 -42.01 -24.19
CA VAL A 566 -22.98 -41.20 -23.05
C VAL A 566 -21.68 -41.73 -22.46
N PRO A 567 -20.63 -40.90 -22.49
CA PRO A 567 -19.31 -41.23 -21.96
C PRO A 567 -19.38 -41.72 -20.52
N SER A 568 -18.69 -42.82 -20.24
CA SER A 568 -18.68 -43.38 -18.91
C SER A 568 -17.76 -42.57 -18.02
N ASN A 569 -16.90 -41.76 -18.65
CA ASN A 569 -15.97 -40.91 -17.91
C ASN A 569 -16.73 -39.93 -17.04
N PHE A 570 -18.01 -39.72 -17.39
CA PHE A 570 -18.88 -38.82 -16.65
C PHE A 570 -19.19 -39.33 -15.26
N SER A 571 -18.75 -40.54 -14.95
CA SER A 571 -18.91 -41.06 -13.61
C SER A 571 -18.19 -40.19 -12.57
N ASN A 572 -17.24 -39.36 -13.00
CA ASN A 572 -16.60 -38.44 -12.04
C ASN A 572 -17.27 -37.09 -11.74
N TRP A 573 -18.44 -36.78 -12.31
CA TRP A 573 -19.01 -35.51 -11.90
C TRP A 573 -19.71 -35.94 -10.64
N LYS A 574 -19.07 -35.72 -9.51
CA LYS A 574 -19.52 -36.34 -8.29
C LYS A 574 -20.50 -35.42 -7.60
N GLY A 575 -20.63 -34.21 -8.13
CA GLY A 575 -21.58 -33.28 -7.58
C GLY A 575 -22.88 -33.18 -8.35
N LEU A 576 -23.09 -34.04 -9.36
CA LEU A 576 -24.28 -33.84 -10.19
C LEU A 576 -25.57 -34.11 -9.43
N THR A 577 -26.40 -33.07 -9.34
CA THR A 577 -27.75 -33.17 -8.86
C THR A 577 -28.76 -33.49 -9.99
N THR A 578 -28.46 -33.01 -11.19
CA THR A 578 -29.45 -32.99 -12.25
C THR A 578 -28.86 -33.36 -13.61
N LEU A 579 -29.44 -34.37 -14.23
CA LEU A 579 -29.00 -34.81 -15.54
C LEU A 579 -30.16 -34.80 -16.51
N VAL A 580 -30.07 -33.99 -17.55
CA VAL A 580 -31.15 -33.91 -18.52
C VAL A 580 -30.60 -34.12 -19.92
N LEU A 581 -30.89 -35.29 -20.52
CA LEU A 581 -30.57 -35.58 -21.91
C LEU A 581 -31.74 -35.59 -22.90
N SER A 582 -32.96 -35.36 -22.39
CA SER A 582 -34.20 -35.63 -23.13
C SER A 582 -34.22 -34.97 -24.50
N GLU A 583 -34.89 -35.62 -25.46
CA GLU A 583 -34.97 -35.16 -26.85
C GLU A 583 -33.62 -35.01 -27.54
N ASN A 584 -32.95 -36.14 -27.75
CA ASN A 584 -31.79 -36.14 -28.59
C ASN A 584 -31.72 -37.45 -29.33
N ARG A 585 -30.63 -37.67 -30.02
CA ARG A 585 -30.43 -38.90 -30.75
C ARG A 585 -29.56 -39.93 -30.02
N PHE A 586 -29.28 -39.70 -28.72
CA PHE A 586 -28.38 -40.54 -27.93
C PHE A 586 -28.64 -42.04 -28.03
N SER A 587 -27.57 -42.83 -28.09
CA SER A 587 -27.68 -44.29 -28.22
C SER A 587 -26.58 -45.01 -27.44
N GLY A 588 -26.51 -46.34 -27.59
CA GLY A 588 -25.50 -47.11 -26.88
C GLY A 588 -26.04 -47.62 -25.57
N GLY A 589 -27.36 -47.60 -25.44
CA GLY A 589 -28.02 -48.09 -24.25
C GLY A 589 -27.96 -47.11 -23.09
N ILE A 590 -28.93 -47.21 -22.19
CA ILE A 590 -28.94 -46.38 -20.99
C ILE A 590 -27.66 -46.53 -20.17
N PRO A 591 -27.01 -45.39 -19.86
CA PRO A 591 -25.74 -45.40 -19.12
C PRO A 591 -25.79 -46.18 -17.81
N GLN A 592 -24.77 -47.00 -17.56
CA GLN A 592 -24.68 -47.81 -16.35
C GLN A 592 -24.06 -47.11 -15.14
N PHE A 593 -23.27 -46.06 -15.40
CA PHE A 593 -22.43 -45.50 -14.35
C PHE A 593 -23.18 -44.59 -13.40
N LEU A 594 -24.46 -44.36 -13.71
CA LEU A 594 -25.29 -43.42 -12.96
C LEU A 594 -25.26 -43.58 -11.43
N PRO A 595 -25.22 -44.82 -10.92
CA PRO A 595 -25.12 -44.96 -9.46
C PRO A 595 -23.88 -44.32 -8.83
N GLU A 596 -22.77 -44.27 -9.57
CA GLU A 596 -21.55 -43.65 -9.08
C GLU A 596 -21.78 -42.20 -8.63
N LEU A 597 -22.82 -41.56 -9.18
CA LEU A 597 -23.17 -40.20 -8.79
C LEU A 597 -24.18 -40.34 -7.66
N LYS A 598 -23.74 -40.09 -6.44
CA LYS A 598 -24.58 -40.43 -5.30
C LYS A 598 -25.59 -39.33 -5.13
N LYS A 599 -25.30 -38.20 -5.76
CA LYS A 599 -26.06 -36.98 -5.59
C LYS A 599 -27.21 -36.84 -6.60
N LEU A 600 -27.40 -37.83 -7.48
CA LEU A 600 -28.32 -37.60 -8.58
C LEU A 600 -29.76 -37.68 -8.09
N SER A 601 -30.43 -36.55 -8.12
CA SER A 601 -31.83 -36.46 -7.72
C SER A 601 -32.81 -36.30 -8.89
N THR A 602 -32.30 -36.06 -10.09
CA THR A 602 -33.18 -35.89 -11.24
C THR A 602 -32.57 -36.51 -12.47
N LEU A 603 -33.26 -37.47 -13.08
CA LEU A 603 -32.72 -38.09 -14.29
C LEU A 603 -33.80 -38.08 -15.35
N GLN A 604 -33.63 -37.26 -16.38
CA GLN A 604 -34.59 -37.24 -17.46
C GLN A 604 -33.86 -37.45 -18.76
N ILE A 605 -33.93 -38.68 -19.25
CA ILE A 605 -33.29 -39.10 -20.49
C ILE A 605 -34.24 -39.38 -21.66
N ALA A 606 -35.46 -38.89 -21.52
CA ALA A 606 -36.57 -39.24 -22.39
C ALA A 606 -36.29 -39.02 -23.87
N ARG A 607 -37.00 -39.77 -24.70
CA ARG A 607 -37.06 -39.53 -26.13
C ARG A 607 -35.70 -39.47 -26.80
N ASN A 608 -34.97 -40.57 -26.64
CA ASN A 608 -33.71 -40.79 -27.32
C ASN A 608 -33.73 -42.15 -27.97
N ALA A 609 -32.60 -42.55 -28.54
CA ALA A 609 -32.42 -43.84 -29.20
C ALA A 609 -31.72 -44.90 -28.34
N PHE A 610 -31.66 -44.69 -27.03
CA PHE A 610 -30.85 -45.55 -26.16
C PHE A 610 -31.00 -47.04 -26.45
N GLY A 611 -32.23 -47.53 -26.59
CA GLY A 611 -32.45 -48.93 -26.85
C GLY A 611 -32.09 -49.83 -25.66
N GLY A 612 -31.97 -51.13 -25.91
CA GLY A 612 -31.60 -52.07 -24.87
C GLY A 612 -32.68 -52.06 -23.80
N GLU A 613 -32.32 -52.38 -22.56
CA GLU A 613 -33.32 -52.43 -21.49
C GLU A 613 -32.98 -51.43 -20.39
N ILE A 614 -33.88 -51.30 -19.42
CA ILE A 614 -33.64 -50.55 -18.19
C ILE A 614 -32.65 -51.31 -17.30
N PRO A 615 -31.44 -50.76 -17.11
CA PRO A 615 -30.41 -51.44 -16.32
C PRO A 615 -30.80 -51.62 -14.87
N SER A 616 -30.39 -52.75 -14.28
CA SER A 616 -30.59 -52.96 -12.85
C SER A 616 -29.79 -51.95 -12.03
N SER A 617 -28.73 -51.42 -12.63
CA SER A 617 -27.91 -50.42 -11.96
C SER A 617 -28.71 -49.14 -11.68
N ILE A 618 -29.73 -48.91 -12.50
CA ILE A 618 -30.64 -47.78 -12.30
C ILE A 618 -31.32 -47.89 -10.94
N GLY A 619 -31.43 -49.12 -10.43
CA GLY A 619 -32.05 -49.33 -9.13
C GLY A 619 -31.27 -48.87 -7.90
N LEU A 620 -29.94 -48.81 -7.97
CA LEU A 620 -29.23 -48.18 -6.88
C LEU A 620 -28.82 -46.82 -7.37
N ILE A 621 -29.63 -45.84 -7.03
CA ILE A 621 -29.29 -44.46 -7.21
C ILE A 621 -29.88 -43.93 -5.94
N GLU A 622 -29.01 -43.41 -5.08
CA GLU A 622 -29.39 -43.14 -3.70
C GLU A 622 -30.44 -42.06 -3.61
N ASP A 623 -30.21 -40.97 -4.31
CA ASP A 623 -31.00 -39.77 -4.14
C ASP A 623 -32.15 -39.48 -5.14
N LEU A 624 -32.46 -40.43 -6.03
CA LEU A 624 -33.43 -40.13 -7.09
C LEU A 624 -34.77 -39.74 -6.49
N ILE A 625 -35.22 -38.51 -6.77
CA ILE A 625 -36.43 -37.97 -6.14
C ILE A 625 -37.42 -37.35 -7.10
N TYR A 626 -36.98 -36.30 -7.77
CA TYR A 626 -37.87 -35.42 -8.50
C TYR A 626 -38.48 -36.05 -9.75
N ASP A 627 -37.65 -36.71 -10.55
CA ASP A 627 -38.15 -37.41 -11.72
C ASP A 627 -37.19 -38.49 -12.19
N LEU A 628 -37.75 -39.53 -12.80
CA LEU A 628 -36.98 -40.52 -13.53
C LEU A 628 -37.74 -40.67 -14.82
N ASP A 629 -37.16 -40.22 -15.93
CA ASP A 629 -37.85 -40.27 -17.20
C ASP A 629 -37.03 -41.06 -18.18
N LEU A 630 -37.49 -42.30 -18.44
CA LEU A 630 -36.91 -43.19 -19.42
C LEU A 630 -37.73 -43.29 -20.70
N SER A 631 -38.80 -42.51 -20.74
CA SER A 631 -39.78 -42.61 -21.81
C SER A 631 -39.21 -42.43 -23.20
N GLY A 632 -39.79 -43.12 -24.17
CA GLY A 632 -39.49 -42.93 -25.59
C GLY A 632 -38.16 -43.45 -26.10
N ASN A 633 -37.61 -44.48 -25.47
CA ASN A 633 -36.32 -45.02 -25.89
C ASN A 633 -36.26 -46.31 -26.70
N GLY A 634 -37.43 -46.87 -27.03
CA GLY A 634 -37.49 -48.18 -27.68
C GLY A 634 -36.95 -49.21 -26.72
N LEU A 635 -37.16 -48.96 -25.42
CA LEU A 635 -36.65 -49.83 -24.37
C LEU A 635 -37.42 -51.15 -24.37
N THR A 636 -36.70 -52.27 -24.35
CA THR A 636 -37.35 -53.57 -24.35
C THR A 636 -36.95 -54.39 -23.13
N GLY A 637 -37.89 -55.14 -22.60
CA GLY A 637 -37.59 -56.00 -21.47
C GLY A 637 -38.75 -55.85 -20.53
N GLU A 638 -38.54 -56.23 -19.28
CA GLU A 638 -39.53 -56.02 -18.25
C GLU A 638 -38.87 -55.11 -17.24
N ILE A 639 -39.67 -54.56 -16.34
CA ILE A 639 -39.15 -53.68 -15.31
C ILE A 639 -38.23 -54.45 -14.38
N PRO A 640 -36.94 -54.11 -14.38
CA PRO A 640 -36.01 -54.88 -13.55
C PRO A 640 -36.32 -54.67 -12.07
N ALA A 641 -36.09 -55.73 -11.30
CA ALA A 641 -36.48 -55.74 -9.90
C ALA A 641 -35.83 -54.66 -9.05
N LYS A 642 -34.57 -54.35 -9.32
CA LYS A 642 -33.83 -53.35 -8.52
C LYS A 642 -34.53 -51.99 -8.48
N LEU A 643 -35.28 -51.67 -9.53
CA LEU A 643 -36.00 -50.39 -9.63
C LEU A 643 -36.93 -50.16 -8.44
N GLY A 644 -37.36 -51.22 -7.78
CA GLY A 644 -38.24 -51.10 -6.64
C GLY A 644 -37.52 -50.52 -5.44
N ASP A 645 -36.21 -50.34 -5.56
CA ASP A 645 -35.40 -49.76 -4.48
C ASP A 645 -35.56 -48.26 -4.36
N LEU A 646 -36.24 -47.63 -5.31
CA LEU A 646 -36.28 -46.19 -5.29
C LEU A 646 -37.49 -45.77 -4.47
N ILE A 647 -37.23 -45.49 -3.20
CA ILE A 647 -38.30 -45.17 -2.27
C ILE A 647 -38.39 -43.67 -2.01
N LYS A 648 -37.45 -42.92 -2.57
CA LYS A 648 -37.56 -41.48 -2.55
C LYS A 648 -38.14 -40.93 -3.86
N LEU A 649 -38.28 -41.78 -4.87
CA LEU A 649 -38.67 -41.33 -6.19
C LEU A 649 -40.10 -40.82 -6.21
N THR A 650 -40.27 -39.55 -6.57
CA THR A 650 -41.60 -38.95 -6.63
C THR A 650 -42.37 -39.13 -7.95
N ARG A 651 -41.66 -39.15 -9.08
CA ARG A 651 -42.32 -39.20 -10.38
C ARG A 651 -41.64 -40.18 -11.30
N LEU A 652 -42.43 -40.98 -12.01
CA LEU A 652 -41.84 -41.93 -12.93
C LEU A 652 -42.52 -41.91 -14.30
N ASN A 653 -41.78 -41.59 -15.34
CA ASN A 653 -42.30 -41.72 -16.70
C ASN A 653 -41.51 -42.78 -17.44
N ILE A 654 -42.16 -43.93 -17.61
CA ILE A 654 -41.63 -45.07 -18.32
C ILE A 654 -42.25 -45.23 -19.71
N SER A 655 -43.17 -44.33 -20.07
CA SER A 655 -44.07 -44.52 -21.20
C SER A 655 -43.42 -44.63 -22.58
N ASN A 656 -44.21 -45.08 -23.55
CA ASN A 656 -43.81 -45.14 -24.95
C ASN A 656 -42.61 -46.00 -25.27
N ASN A 657 -42.60 -47.21 -24.74
CA ASN A 657 -41.56 -48.19 -25.07
C ASN A 657 -42.11 -49.54 -25.50
N ASN A 658 -41.18 -50.45 -25.75
CA ASN A 658 -41.46 -51.83 -26.11
C ASN A 658 -41.41 -52.78 -24.92
N LEU A 659 -41.38 -52.24 -23.71
CA LEU A 659 -41.28 -53.09 -22.54
C LEU A 659 -42.45 -54.06 -22.47
N THR A 660 -42.11 -55.34 -22.37
CA THR A 660 -43.08 -56.42 -22.24
C THR A 660 -42.85 -57.01 -20.88
N GLY A 661 -43.78 -56.83 -19.97
CA GLY A 661 -43.59 -57.38 -18.64
C GLY A 661 -44.77 -57.23 -17.72
N SER A 662 -44.50 -57.46 -16.44
CA SER A 662 -45.52 -57.59 -15.40
C SER A 662 -46.23 -56.30 -14.96
N LEU A 663 -45.43 -55.25 -14.66
CA LEU A 663 -45.83 -54.06 -13.88
C LEU A 663 -45.81 -54.29 -12.39
N SER A 664 -45.48 -55.51 -11.98
CA SER A 664 -45.51 -55.87 -10.56
C SER A 664 -44.48 -55.12 -9.71
N VAL A 665 -43.32 -54.85 -10.29
CA VAL A 665 -42.20 -54.26 -9.54
C VAL A 665 -42.57 -52.91 -8.91
N LEU A 666 -43.56 -52.22 -9.50
CA LEU A 666 -43.94 -50.87 -9.06
C LEU A 666 -44.56 -50.81 -7.67
N LYS A 667 -44.85 -51.96 -7.07
CA LYS A 667 -45.39 -51.95 -5.71
C LYS A 667 -44.37 -51.34 -4.76
N GLY A 668 -43.10 -51.47 -5.12
CA GLY A 668 -41.99 -51.01 -4.31
C GLY A 668 -41.61 -49.54 -4.27
N LEU A 669 -42.28 -48.69 -5.04
CA LEU A 669 -41.92 -47.28 -5.00
C LEU A 669 -42.82 -46.60 -4.00
N THR A 670 -42.28 -46.31 -2.82
CA THR A 670 -43.13 -45.92 -1.70
C THR A 670 -43.46 -44.42 -1.70
N SER A 671 -42.66 -43.62 -2.41
CA SER A 671 -42.92 -42.18 -2.51
C SER A 671 -43.63 -41.74 -3.78
N LEU A 672 -43.95 -42.67 -4.67
CA LEU A 672 -44.45 -42.27 -6.00
C LEU A 672 -45.73 -41.47 -5.92
N LEU A 673 -45.68 -40.24 -6.41
CA LEU A 673 -46.86 -39.42 -6.58
C LEU A 673 -47.43 -39.60 -7.98
N HIS A 674 -46.55 -39.56 -8.98
CA HIS A 674 -46.94 -39.59 -10.38
C HIS A 674 -46.25 -40.69 -11.15
N VAL A 675 -46.97 -41.31 -12.06
CA VAL A 675 -46.38 -42.29 -12.95
C VAL A 675 -47.04 -42.23 -14.32
N ASP A 676 -46.26 -42.49 -15.38
CA ASP A 676 -46.80 -42.61 -16.72
C ASP A 676 -46.24 -43.85 -17.42
N VAL A 677 -47.12 -44.83 -17.60
CA VAL A 677 -46.79 -46.05 -18.33
C VAL A 677 -47.75 -46.15 -19.50
N SER A 678 -47.30 -45.91 -20.72
CA SER A 678 -48.26 -45.83 -21.79
C SER A 678 -47.62 -46.34 -23.03
N ASN A 679 -48.44 -46.93 -23.89
CA ASN A 679 -47.93 -47.44 -25.14
C ASN A 679 -46.72 -48.30 -24.81
N ASN A 680 -46.99 -49.26 -23.93
CA ASN A 680 -46.08 -50.32 -23.61
C ASN A 680 -46.81 -51.64 -23.75
N GLN A 681 -46.05 -52.71 -23.77
CA GLN A 681 -46.60 -54.06 -23.91
C GLN A 681 -46.82 -54.79 -22.60
N PHE A 682 -46.77 -54.06 -21.48
CA PHE A 682 -46.93 -54.66 -20.16
C PHE A 682 -48.16 -55.55 -20.02
N THR A 683 -47.92 -56.74 -19.49
CA THR A 683 -48.95 -57.75 -19.43
C THR A 683 -49.36 -57.91 -17.98
N GLY A 684 -50.60 -58.33 -17.79
CA GLY A 684 -51.06 -58.56 -16.43
C GLY A 684 -51.75 -57.31 -15.93
N PRO A 685 -52.22 -57.36 -14.68
CA PRO A 685 -52.97 -56.31 -13.99
C PRO A 685 -52.14 -55.11 -13.54
N ILE A 686 -52.83 -54.14 -12.96
CA ILE A 686 -52.24 -52.95 -12.38
C ILE A 686 -51.95 -53.18 -10.89
N PRO A 687 -50.81 -52.68 -10.40
CA PRO A 687 -50.53 -52.77 -8.96
C PRO A 687 -51.55 -51.99 -8.13
N ASP A 688 -51.69 -52.36 -6.86
CA ASP A 688 -52.65 -51.72 -5.97
C ASP A 688 -52.36 -50.25 -5.71
N ASN A 689 -51.14 -49.97 -5.28
CA ASN A 689 -50.76 -48.63 -4.81
C ASN A 689 -50.90 -47.52 -5.83
N LEU A 690 -51.07 -47.85 -7.09
CA LEU A 690 -51.37 -46.79 -8.04
C LEU A 690 -52.88 -46.83 -8.18
N GLU A 691 -53.52 -45.95 -7.41
CA GLU A 691 -54.97 -45.85 -7.38
C GLU A 691 -55.40 -44.40 -7.41
N GLY A 692 -54.98 -43.65 -6.38
CA GLY A 692 -55.43 -42.28 -6.20
C GLY A 692 -55.17 -41.49 -7.45
N GLN A 693 -53.93 -41.58 -7.93
CA GLN A 693 -53.58 -40.97 -9.20
C GLN A 693 -54.14 -41.75 -10.39
N LEU A 694 -54.25 -43.07 -10.26
CA LEU A 694 -54.90 -43.89 -11.28
C LEU A 694 -56.36 -43.47 -11.45
N LEU A 695 -56.95 -43.00 -10.36
CA LEU A 695 -58.31 -42.48 -10.38
C LEU A 695 -58.35 -41.17 -11.18
N SER A 696 -57.44 -40.26 -10.85
CA SER A 696 -57.38 -38.92 -11.44
C SER A 696 -56.73 -38.83 -12.82
N GLU A 697 -55.67 -39.61 -13.04
CA GLU A 697 -54.96 -39.60 -14.31
C GLU A 697 -55.02 -40.97 -14.98
N PRO A 698 -56.22 -41.38 -15.42
CA PRO A 698 -56.37 -42.72 -15.98
C PRO A 698 -55.60 -42.85 -17.29
N SER A 699 -55.43 -41.73 -17.98
CA SER A 699 -54.74 -41.69 -19.27
C SER A 699 -53.35 -42.30 -19.22
N SER A 700 -52.70 -42.19 -18.06
CA SER A 700 -51.32 -42.62 -17.90
C SER A 700 -51.12 -44.12 -18.11
N PHE A 701 -52.19 -44.91 -18.10
CA PHE A 701 -52.08 -46.36 -18.34
C PHE A 701 -52.41 -46.85 -19.77
N SER A 702 -52.83 -45.96 -20.65
CA SER A 702 -53.34 -46.37 -21.97
C SER A 702 -52.25 -46.98 -22.83
N GLY A 703 -52.64 -47.67 -23.89
CA GLY A 703 -51.72 -48.41 -24.72
C GLY A 703 -51.30 -49.71 -24.07
N ASN A 704 -52.01 -50.08 -23.01
CA ASN A 704 -51.84 -51.39 -22.38
C ASN A 704 -53.18 -52.10 -22.20
N PRO A 705 -53.61 -52.84 -23.23
CA PRO A 705 -54.89 -53.57 -23.27
C PRO A 705 -55.09 -54.52 -22.08
N ASN A 706 -54.02 -55.22 -21.70
CA ASN A 706 -54.07 -56.31 -20.75
C ASN A 706 -54.01 -55.89 -19.29
N LEU A 707 -54.02 -54.58 -19.05
CA LEU A 707 -54.09 -54.10 -17.70
C LEU A 707 -55.50 -54.41 -17.16
N CYS A 708 -55.59 -54.93 -15.93
CA CYS A 708 -56.88 -55.31 -15.34
C CYS A 708 -57.28 -54.41 -14.15
N ILE A 709 -58.43 -54.70 -13.55
CA ILE A 709 -58.99 -53.89 -12.45
C ILE A 709 -59.25 -54.72 -11.18
N PRO A 710 -59.07 -54.11 -9.99
CA PRO A 710 -59.38 -54.74 -8.70
C PRO A 710 -60.83 -54.54 -8.28
N LEU B 1 64.10 51.79 7.97
CA LEU B 1 65.15 51.23 8.82
C LEU B 1 66.08 50.37 8.00
N ASN B 2 67.38 50.54 8.19
CA ASN B 2 68.29 49.63 7.52
C ASN B 2 68.24 48.32 8.30
N SER B 3 67.98 48.40 9.61
CA SER B 3 67.87 47.20 10.43
C SER B 3 66.71 46.29 9.96
N ASP B 4 65.52 46.87 9.79
CA ASP B 4 64.38 46.12 9.25
C ASP B 4 64.72 45.53 7.88
N GLY B 5 65.48 46.30 7.09
CA GLY B 5 65.87 45.88 5.76
C GLY B 5 66.84 44.72 5.88
N LEU B 6 67.71 44.81 6.90
CA LEU B 6 68.68 43.76 7.18
C LEU B 6 67.94 42.50 7.64
N THR B 7 66.93 42.68 8.49
CA THR B 7 66.08 41.57 8.90
C THR B 7 65.40 40.90 7.70
N LEU B 8 64.78 41.73 6.85
CA LEU B 8 64.11 41.23 5.66
C LEU B 8 65.06 40.44 4.77
N LEU B 9 66.35 40.77 4.80
CA LEU B 9 67.33 39.99 4.04
C LEU B 9 67.57 38.66 4.73
N SER B 10 67.58 38.67 6.06
CA SER B 10 67.74 37.43 6.81
C SER B 10 66.60 36.48 6.50
N LEU B 11 65.36 36.99 6.59
CA LEU B 11 64.16 36.22 6.23
C LEU B 11 64.28 35.62 4.85
N LEU B 12 64.79 36.42 3.93
CA LEU B 12 64.89 36.08 2.53
C LEU B 12 65.71 34.83 2.22
N LYS B 13 66.68 34.53 3.09
CA LYS B 13 67.60 33.42 2.83
C LYS B 13 66.94 32.06 3.05
N HIS B 14 65.72 32.08 3.58
CA HIS B 14 64.96 30.85 3.80
C HIS B 14 64.01 30.44 2.66
N LEU B 15 63.88 31.26 1.63
CA LEU B 15 62.87 31.04 0.59
C LEU B 15 63.45 30.42 -0.69
N ASP B 16 62.81 29.35 -1.17
CA ASP B 16 63.22 28.63 -2.38
C ASP B 16 62.79 29.36 -3.66
N ARG B 17 61.60 29.97 -3.64
CA ARG B 17 61.05 30.66 -4.81
C ARG B 17 60.25 31.90 -4.43
N VAL B 18 60.49 33.00 -5.15
CA VAL B 18 59.86 34.29 -4.84
C VAL B 18 59.50 35.06 -6.11
N PRO B 19 58.63 36.08 -5.99
CA PRO B 19 58.42 36.93 -7.17
C PRO B 19 59.73 37.61 -7.59
N PRO B 20 59.86 37.96 -8.88
CA PRO B 20 61.02 38.69 -9.41
C PRO B 20 61.20 40.07 -8.75
N GLN B 21 60.11 40.73 -8.41
CA GLN B 21 60.20 42.04 -7.78
C GLN B 21 60.90 42.04 -6.42
N VAL B 22 60.72 40.97 -5.64
CA VAL B 22 61.45 40.91 -4.38
C VAL B 22 62.92 40.63 -4.72
N THR B 23 63.17 39.81 -5.75
CA THR B 23 64.54 39.60 -6.19
C THR B 23 65.19 40.91 -6.65
N SER B 24 64.42 41.73 -7.37
CA SER B 24 64.95 42.98 -7.88
C SER B 24 65.03 44.06 -6.81
N THR B 25 64.02 44.14 -5.96
CA THR B 25 64.02 45.18 -4.91
C THR B 25 64.60 44.76 -3.56
N TRP B 26 64.85 43.47 -3.35
CA TRP B 26 65.43 43.09 -2.07
C TRP B 26 66.89 42.75 -2.32
N LYS B 27 67.80 43.63 -1.88
CA LYS B 27 69.21 43.38 -2.04
C LYS B 27 69.94 44.22 -1.02
N ILE B 28 71.11 43.74 -0.61
CA ILE B 28 71.84 44.36 0.50
C ILE B 28 72.62 45.60 0.09
N ASN B 29 73.12 45.59 -1.15
CA ASN B 29 73.87 46.72 -1.65
C ASN B 29 73.06 47.38 -2.78
N ALA B 30 72.24 48.34 -2.36
CA ALA B 30 71.37 49.12 -3.24
C ALA B 30 71.53 50.63 -3.27
N SER B 31 72.35 51.18 -2.37
CA SER B 31 72.37 52.63 -2.09
C SER B 31 71.03 53.10 -1.44
N GLU B 32 70.30 52.17 -0.82
CA GLU B 32 68.97 52.41 -0.22
C GLU B 32 68.98 52.39 1.30
N ALA B 33 68.44 53.43 1.93
CA ALA B 33 68.40 53.48 3.40
C ALA B 33 67.26 52.70 4.06
N THR B 34 66.13 52.56 3.38
CA THR B 34 64.98 51.87 3.96
C THR B 34 64.39 50.91 2.93
N PRO B 35 63.79 49.78 3.38
CA PRO B 35 63.16 48.94 2.36
C PRO B 35 61.72 49.34 2.09
N CYS B 36 61.41 50.63 2.15
CA CYS B 36 60.03 51.09 2.01
C CYS B 36 59.48 51.00 0.57
N ASN B 37 60.39 50.92 -0.39
CA ASN B 37 60.03 50.73 -1.78
C ASN B 37 60.14 49.28 -2.24
N TRP B 38 60.49 48.38 -1.35
CA TRP B 38 60.63 46.98 -1.74
C TRP B 38 59.27 46.35 -2.02
N PHE B 39 59.27 45.27 -2.80
CA PHE B 39 58.02 44.71 -3.33
C PHE B 39 56.88 44.42 -2.34
N GLY B 40 57.17 43.73 -1.25
CA GLY B 40 56.10 43.34 -0.36
C GLY B 40 55.85 44.27 0.81
N ILE B 41 56.53 45.42 0.81
CA ILE B 41 56.63 46.20 2.03
C ILE B 41 55.84 47.48 1.97
N THR B 42 55.25 47.87 3.10
CA THR B 42 54.65 49.18 3.27
C THR B 42 55.25 49.69 4.56
N CYS B 43 55.67 50.96 4.58
CA CYS B 43 56.32 51.48 5.78
C CYS B 43 55.45 52.52 6.47
N ASP B 44 55.67 52.71 7.76
CA ASP B 44 54.95 53.74 8.50
C ASP B 44 55.55 55.12 8.20
N ASP B 45 55.11 56.13 8.93
CA ASP B 45 55.59 57.49 8.76
C ASP B 45 57.09 57.59 9.08
N SER B 46 57.54 56.73 9.98
CA SER B 46 58.93 56.72 10.45
C SER B 46 59.81 55.82 9.59
N LYS B 47 59.23 55.31 8.50
CA LYS B 47 59.93 54.48 7.51
C LYS B 47 60.44 53.12 8.03
N ASN B 48 59.64 52.47 8.88
CA ASN B 48 59.88 51.08 9.32
C ASN B 48 58.84 50.18 8.67
N VAL B 49 59.14 48.91 8.46
CA VAL B 49 58.13 48.11 7.78
C VAL B 49 56.98 47.82 8.76
N ALA B 50 55.81 48.35 8.40
CA ALA B 50 54.60 48.11 9.16
C ALA B 50 53.97 46.82 8.62
N SER B 51 53.98 46.70 7.30
CA SER B 51 53.36 45.57 6.64
C SER B 51 54.24 44.81 5.65
N LEU B 52 54.10 43.50 5.67
CA LEU B 52 54.72 42.64 4.69
C LEU B 52 53.66 41.71 4.08
N ASN B 53 53.32 41.92 2.80
CA ASN B 53 52.25 41.17 2.15
C ASN B 53 52.77 40.46 0.91
N PHE B 54 52.84 39.14 1.01
CA PHE B 54 53.21 38.28 -0.09
C PHE B 54 52.03 37.55 -0.69
N THR B 55 50.81 37.91 -0.30
CA THR B 55 49.66 37.05 -0.63
C THR B 55 49.49 36.69 -2.11
N ARG B 56 49.10 35.45 -2.36
CA ARG B 56 48.79 35.01 -3.72
C ARG B 56 49.94 35.31 -4.68
N SER B 57 51.15 35.07 -4.19
CA SER B 57 52.35 35.09 -5.01
C SER B 57 52.71 33.63 -4.92
N ARG B 58 53.58 33.12 -5.76
CA ARG B 58 53.90 31.72 -5.54
C ARG B 58 55.25 31.70 -4.86
N VAL B 59 55.18 31.52 -3.54
CA VAL B 59 56.36 31.63 -2.70
C VAL B 59 56.53 30.29 -2.01
N SER B 60 57.65 29.62 -2.30
CA SER B 60 57.94 28.36 -1.65
C SER B 60 59.17 28.56 -0.79
N GLY B 61 59.21 27.86 0.33
CA GLY B 61 60.33 28.02 1.24
C GLY B 61 59.82 27.88 2.66
N GLN B 62 60.63 28.33 3.60
CA GLN B 62 60.24 28.33 5.00
C GLN B 62 60.21 29.76 5.50
N LEU B 63 59.44 30.03 6.54
CA LEU B 63 59.47 31.32 7.17
C LEU B 63 60.55 31.25 8.24
N GLY B 64 61.60 32.06 8.07
CA GLY B 64 62.74 32.01 8.96
C GLY B 64 62.39 32.54 10.33
N PRO B 65 63.15 32.10 11.34
CA PRO B 65 62.97 32.59 12.72
C PRO B 65 63.34 34.06 12.90
N GLU B 66 64.08 34.61 11.94
CA GLU B 66 64.50 36.01 11.98
C GLU B 66 63.34 37.00 11.94
N ILE B 67 62.16 36.50 11.55
CA ILE B 67 60.94 37.31 11.46
C ILE B 67 60.65 38.06 12.76
N GLY B 68 61.10 37.50 13.87
CA GLY B 68 60.88 38.10 15.18
C GLY B 68 61.53 39.45 15.35
N GLU B 69 62.45 39.76 14.45
CA GLU B 69 63.18 41.02 14.50
C GLU B 69 62.39 42.29 14.15
N LEU B 70 61.26 42.16 13.45
CA LEU B 70 60.57 43.36 12.98
C LEU B 70 59.61 43.87 14.05
N LYS B 71 59.99 45.00 14.65
CA LYS B 71 59.30 45.56 15.80
C LYS B 71 58.13 46.43 15.41
N SER B 72 58.12 46.89 14.16
CA SER B 72 57.03 47.76 13.70
C SER B 72 55.98 47.01 12.89
N LEU B 73 56.19 45.72 12.67
CA LEU B 73 55.31 44.94 11.81
C LEU B 73 53.89 44.90 12.38
N GLN B 74 52.94 45.36 11.57
CA GLN B 74 51.54 45.42 11.96
C GLN B 74 50.76 44.32 11.23
N ILE B 75 50.79 44.37 9.92
CA ILE B 75 50.12 43.38 9.10
C ILE B 75 51.15 42.43 8.53
N LEU B 76 50.94 41.14 8.71
CA LEU B 76 51.77 40.14 8.05
C LEU B 76 50.88 39.18 7.26
N ASP B 77 50.93 39.28 5.93
CA ASP B 77 50.03 38.51 5.08
C ASP B 77 50.82 37.60 4.13
N LEU B 78 50.89 36.33 4.50
CA LEU B 78 51.49 35.29 3.67
C LEU B 78 50.47 34.39 2.99
N SER B 79 49.18 34.72 3.14
CA SER B 79 48.10 33.85 2.70
C SER B 79 48.15 33.44 1.23
N THR B 80 47.81 32.18 1.00
CA THR B 80 47.76 31.59 -0.33
C THR B 80 49.12 31.56 -1.00
N ASN B 81 50.02 30.75 -0.43
CA ASN B 81 51.34 30.52 -0.98
C ASN B 81 51.77 29.05 -0.87
N ASN B 82 53.01 28.77 -1.25
CA ASN B 82 53.59 27.43 -1.17
C ASN B 82 54.47 27.14 0.07
N PHE B 83 54.42 28.00 1.08
CA PHE B 83 55.29 27.89 2.27
C PHE B 83 55.24 26.53 2.92
N SER B 84 56.35 26.08 3.48
CA SER B 84 56.35 24.83 4.22
C SER B 84 57.17 24.96 5.49
N GLY B 85 57.27 23.87 6.23
CA GLY B 85 58.06 23.89 7.43
C GLY B 85 57.30 24.40 8.63
N THR B 86 58.00 24.53 9.74
CA THR B 86 57.37 24.96 10.96
C THR B 86 57.18 26.46 11.02
N ILE B 87 56.14 26.89 11.72
CA ILE B 87 55.94 28.29 12.03
C ILE B 87 56.83 28.61 13.22
N PRO B 88 57.75 29.57 13.05
CA PRO B 88 58.78 29.90 14.03
C PRO B 88 58.19 30.53 15.28
N SER B 89 58.60 30.05 16.45
CA SER B 89 58.08 30.55 17.72
C SER B 89 58.38 32.03 17.93
N THR B 90 59.42 32.53 17.27
CA THR B 90 59.86 33.92 17.39
C THR B 90 58.85 34.96 16.83
N LEU B 91 57.79 34.49 16.17
CA LEU B 91 56.68 35.36 15.75
C LEU B 91 56.05 36.07 16.96
N GLY B 92 56.24 35.47 18.13
CA GLY B 92 55.77 36.06 19.37
C GLY B 92 56.53 37.32 19.71
N ASN B 93 57.61 37.59 18.98
CA ASN B 93 58.43 38.78 19.20
C ASN B 93 57.95 40.02 18.46
N CYS B 94 57.02 39.87 17.51
CA CYS B 94 56.64 41.04 16.75
C CYS B 94 55.53 41.68 17.56
N THR B 95 55.91 42.70 18.32
CA THR B 95 55.07 43.19 19.39
C THR B 95 53.91 44.02 18.87
N LYS B 96 54.03 44.44 17.62
CA LYS B 96 52.99 45.22 16.97
C LYS B 96 52.09 44.43 16.04
N LEU B 97 52.28 43.11 15.97
CA LEU B 97 51.51 42.31 15.02
C LEU B 97 50.03 42.40 15.36
N ALA B 98 49.26 42.84 14.37
CA ALA B 98 47.83 43.07 14.50
C ALA B 98 47.10 41.99 13.73
N THR B 99 47.44 41.87 12.44
CA THR B 99 46.87 40.86 11.57
C THR B 99 47.94 39.86 11.17
N LEU B 100 47.72 38.58 11.43
CA LEU B 100 48.67 37.56 11.01
C LEU B 100 47.99 36.42 10.21
N ASP B 101 48.29 36.34 8.90
CA ASP B 101 47.61 35.38 8.05
C ASP B 101 48.60 34.44 7.40
N LEU B 102 48.64 33.21 7.91
CA LEU B 102 49.43 32.14 7.34
C LEU B 102 48.59 31.16 6.50
N SER B 103 47.32 31.50 6.26
CA SER B 103 46.40 30.54 5.65
C SER B 103 46.77 30.07 4.23
N GLU B 104 46.23 28.93 3.86
CA GLU B 104 46.42 28.35 2.53
C GLU B 104 47.89 28.16 2.19
N ASN B 105 48.57 27.41 3.04
CA ASN B 105 49.98 27.10 2.84
C ASN B 105 50.22 25.63 3.19
N GLY B 106 51.49 25.24 3.23
CA GLY B 106 51.88 23.90 3.61
C GLY B 106 52.53 23.80 4.98
N PHE B 107 52.29 24.79 5.85
CA PHE B 107 52.98 24.83 7.15
C PHE B 107 52.75 23.54 7.91
N SER B 108 53.76 23.11 8.66
CA SER B 108 53.62 21.86 9.39
C SER B 108 54.08 21.98 10.84
N ASP B 109 54.06 20.82 11.50
CA ASP B 109 54.29 20.65 12.93
C ASP B 109 53.35 21.50 13.79
N LYS B 110 53.85 21.97 14.94
CA LYS B 110 52.97 22.60 15.94
C LYS B 110 52.66 24.07 15.74
N ILE B 111 51.54 24.50 16.33
CA ILE B 111 51.26 25.92 16.50
C ILE B 111 52.04 26.40 17.73
N PRO B 112 52.91 27.41 17.55
CA PRO B 112 53.78 27.94 18.62
C PRO B 112 53.00 28.42 19.84
N ASP B 113 53.55 28.20 21.03
CA ASP B 113 52.90 28.62 22.27
C ASP B 113 53.33 30.00 22.77
N THR B 114 54.17 30.67 21.98
CA THR B 114 54.73 31.97 22.32
C THR B 114 53.88 33.14 21.79
N LEU B 115 52.82 32.79 21.07
CA LEU B 115 52.01 33.75 20.33
C LEU B 115 51.31 34.65 21.33
N ASP B 116 51.45 34.24 22.57
CA ASP B 116 50.93 34.87 23.76
C ASP B 116 51.42 36.32 23.91
N SER B 117 52.59 36.63 23.36
CA SER B 117 53.17 37.97 23.54
C SER B 117 52.56 39.08 22.69
N LEU B 118 51.68 38.75 21.75
CA LEU B 118 51.24 39.77 20.82
C LEU B 118 49.99 40.42 21.40
N LYS B 119 50.19 41.61 21.95
CA LYS B 119 49.14 42.29 22.67
C LYS B 119 48.30 43.03 21.66
N ARG B 120 48.80 43.17 20.44
CA ARG B 120 48.05 43.89 19.41
C ARG B 120 47.27 43.00 18.41
N LEU B 121 47.46 41.68 18.48
CA LEU B 121 46.90 40.81 17.45
C LEU B 121 45.39 40.74 17.53
N GLU B 122 44.71 41.09 16.44
CA GLU B 122 43.24 41.10 16.43
C GLU B 122 42.68 39.84 15.77
N VAL B 123 43.06 39.68 14.50
CA VAL B 123 42.59 38.61 13.64
C VAL B 123 43.76 37.66 13.37
N LEU B 124 43.52 36.35 13.47
CA LEU B 124 44.58 35.38 13.23
C LEU B 124 44.15 34.24 12.29
N TYR B 125 44.82 34.09 11.15
CA TYR B 125 44.38 33.07 10.22
C TYR B 125 45.43 31.96 10.02
N LEU B 126 45.16 30.78 10.55
CA LEU B 126 45.98 29.60 10.27
C LEU B 126 45.39 28.56 9.31
N TYR B 127 44.19 28.81 8.80
CA TYR B 127 43.42 27.76 8.12
C TYR B 127 44.03 27.21 6.83
N ILE B 128 43.63 25.98 6.51
CA ILE B 128 44.12 25.28 5.34
C ILE B 128 45.64 25.17 5.36
N ASN B 129 46.13 24.32 6.26
CA ASN B 129 47.55 23.99 6.35
C ASN B 129 47.76 22.54 6.75
N PHE B 130 49.01 22.16 6.96
CA PHE B 130 49.36 20.85 7.48
C PHE B 130 49.61 20.81 8.99
N LEU B 131 49.21 21.86 9.72
CA LEU B 131 49.43 21.89 11.16
C LEU B 131 48.87 20.68 11.92
N THR B 132 49.59 20.31 12.97
CA THR B 132 49.24 19.14 13.76
C THR B 132 49.61 19.38 15.21
N GLY B 133 49.36 18.38 16.06
CA GLY B 133 49.65 18.50 17.48
C GLY B 133 48.49 18.98 18.34
N GLU B 134 48.79 19.25 19.60
CA GLU B 134 47.82 19.75 20.58
C GLU B 134 47.59 21.23 20.35
N LEU B 135 46.44 21.75 20.77
CA LEU B 135 46.25 23.20 20.82
C LEU B 135 46.86 23.71 22.11
N PRO B 136 47.82 24.64 22.00
CA PRO B 136 48.52 25.26 23.14
C PRO B 136 47.56 26.03 24.04
N GLU B 137 47.76 25.89 25.35
CA GLU B 137 46.98 26.62 26.34
C GLU B 137 47.07 28.12 26.07
N SER B 138 48.25 28.56 25.65
CA SER B 138 48.54 29.98 25.44
C SER B 138 47.75 30.61 24.31
N LEU B 139 47.29 29.77 23.37
CA LEU B 139 46.62 30.27 22.17
C LEU B 139 45.35 31.06 22.45
N PHE B 140 44.62 30.71 23.50
CA PHE B 140 43.41 31.46 23.83
C PHE B 140 43.66 32.55 24.87
N ARG B 141 44.93 32.75 25.23
CA ARG B 141 45.27 33.76 26.21
C ARG B 141 45.62 35.09 25.54
N ILE B 142 45.56 35.14 24.21
CA ILE B 142 45.85 36.37 23.47
C ILE B 142 44.83 37.47 23.71
N PRO B 143 45.28 38.59 24.30
CA PRO B 143 44.39 39.61 24.85
C PRO B 143 43.37 40.20 23.87
N LYS B 144 43.81 40.61 22.68
CA LYS B 144 42.89 41.29 21.75
C LYS B 144 42.26 40.44 20.61
N LEU B 145 42.54 39.14 20.60
CA LEU B 145 42.11 38.27 19.50
C LEU B 145 40.61 38.26 19.29
N GLN B 146 40.19 38.58 18.07
CA GLN B 146 38.77 38.67 17.74
C GLN B 146 38.34 37.46 16.91
N VAL B 147 39.01 37.27 15.77
CA VAL B 147 38.73 36.13 14.91
C VAL B 147 39.90 35.14 14.78
N LEU B 148 39.60 33.87 14.93
CA LEU B 148 40.60 32.81 14.82
C LEU B 148 40.06 31.66 13.96
N TYR B 149 40.70 31.38 12.83
CA TYR B 149 40.24 30.31 11.92
C TYR B 149 41.28 29.18 11.82
N LEU B 150 40.99 28.03 12.42
CA LEU B 150 41.93 26.90 12.44
C LEU B 150 41.62 25.79 11.42
N ASP B 151 40.61 25.99 10.58
CA ASP B 151 40.06 24.88 9.80
C ASP B 151 41.01 24.17 8.85
N TYR B 152 40.69 22.90 8.56
CA TYR B 152 41.46 22.09 7.64
C TYR B 152 42.90 21.94 8.07
N ASN B 153 43.11 21.32 9.22
CA ASN B 153 44.46 20.93 9.64
C ASN B 153 44.42 19.51 10.21
N ASN B 154 45.57 19.07 10.68
CA ASN B 154 45.71 17.79 11.37
C ASN B 154 45.68 17.93 12.91
N LEU B 155 45.27 19.09 13.39
CA LEU B 155 45.18 19.37 14.83
C LEU B 155 44.35 18.35 15.64
N THR B 156 44.91 17.92 16.77
CA THR B 156 44.28 16.91 17.61
C THR B 156 44.29 17.33 19.09
N GLY B 157 43.75 16.45 19.93
CA GLY B 157 43.65 16.70 21.36
C GLY B 157 42.41 17.49 21.75
N PRO B 158 42.34 17.88 23.03
CA PRO B 158 41.16 18.60 23.54
C PRO B 158 41.19 20.05 23.12
N ILE B 159 40.02 20.65 22.98
CA ILE B 159 39.95 22.09 22.92
C ILE B 159 40.35 22.55 24.30
N PRO B 160 41.43 23.33 24.39
CA PRO B 160 42.00 23.72 25.68
C PRO B 160 40.96 24.33 26.61
N GLN B 161 41.11 24.05 27.90
CA GLN B 161 40.16 24.53 28.89
C GLN B 161 40.35 26.05 29.01
N SER B 162 41.52 26.53 28.59
CA SER B 162 41.85 27.95 28.57
C SER B 162 41.04 28.77 27.55
N ILE B 163 40.20 28.10 26.78
CA ILE B 163 39.34 28.74 25.78
C ILE B 163 38.51 29.88 26.38
N GLY B 164 38.24 29.78 27.68
CA GLY B 164 37.49 30.80 28.38
C GLY B 164 38.21 32.11 28.66
N ASP B 165 39.53 32.17 28.42
CA ASP B 165 40.29 33.38 28.75
C ASP B 165 40.16 34.51 27.71
N ALA B 166 39.87 34.18 26.45
CA ALA B 166 39.87 35.24 25.46
C ALA B 166 38.46 35.78 25.41
N LYS B 167 38.32 36.99 25.94
CA LYS B 167 37.02 37.59 26.15
C LYS B 167 36.70 38.40 24.90
N GLU B 168 37.66 38.45 23.99
CA GLU B 168 37.43 39.14 22.74
C GLU B 168 36.96 38.27 21.57
N LEU B 169 37.02 36.94 21.71
CA LEU B 169 36.86 36.06 20.54
C LEU B 169 35.49 36.28 19.95
N VAL B 170 35.43 36.79 18.71
CA VAL B 170 34.14 37.01 18.07
C VAL B 170 33.77 35.95 17.01
N GLU B 171 34.80 35.33 16.43
CA GLU B 171 34.61 34.26 15.43
C GLU B 171 35.61 33.13 15.63
N LEU B 172 35.12 31.89 15.73
CA LEU B 172 35.99 30.73 15.91
C LEU B 172 35.68 29.56 14.96
N SER B 173 36.63 29.25 14.10
CA SER B 173 36.47 28.18 13.12
C SER B 173 37.47 27.08 13.42
N MET B 174 36.99 25.98 13.97
CA MET B 174 37.81 24.81 14.23
C MET B 174 37.59 23.60 13.29
N TYR B 175 36.73 23.76 12.29
CA TYR B 175 36.28 22.62 11.52
C TYR B 175 37.33 21.91 10.67
N ALA B 176 37.03 20.67 10.30
CA ALA B 176 37.92 19.81 9.52
C ALA B 176 39.29 19.60 10.17
N ASN B 177 39.26 19.23 11.45
CA ASN B 177 40.45 18.79 12.16
C ASN B 177 40.15 17.44 12.83
N GLN B 178 41.08 16.97 13.65
CA GLN B 178 40.91 15.77 14.49
C GLN B 178 40.52 16.05 15.95
N PHE B 179 40.08 17.28 16.25
CA PHE B 179 39.81 17.67 17.65
C PHE B 179 38.97 16.64 18.40
N SER B 180 39.40 16.34 19.63
CA SER B 180 38.83 15.27 20.44
C SER B 180 38.53 15.72 21.88
N GLY B 181 37.86 14.87 22.65
CA GLY B 181 37.54 15.21 24.04
C GLY B 181 36.20 15.91 24.14
N ASN B 182 35.80 16.29 25.34
CA ASN B 182 34.56 17.05 25.49
C ASN B 182 34.78 18.51 25.19
N ILE B 183 33.79 19.15 24.57
CA ILE B 183 33.82 20.60 24.46
C ILE B 183 33.81 21.11 25.88
N PRO B 184 34.89 21.82 26.28
CA PRO B 184 35.05 22.19 27.69
C PRO B 184 33.86 22.97 28.20
N GLU B 185 33.39 22.64 29.41
CA GLU B 185 32.28 23.36 30.04
C GLU B 185 32.57 24.86 30.06
N SER B 186 33.86 25.20 30.13
CA SER B 186 34.36 26.58 30.23
C SER B 186 34.20 27.40 28.95
N ILE B 187 33.71 26.76 27.89
CA ILE B 187 33.49 27.44 26.62
C ILE B 187 32.51 28.62 26.73
N GLY B 188 31.55 28.50 27.65
CA GLY B 188 30.56 29.54 27.86
C GLY B 188 31.13 30.86 28.34
N ASN B 189 32.32 30.83 28.95
CA ASN B 189 32.97 32.06 29.44
C ASN B 189 33.67 32.92 28.39
N SER B 190 33.78 32.46 27.15
CA SER B 190 34.30 33.36 26.13
C SER B 190 33.08 34.00 25.47
N SER B 191 32.76 35.20 25.96
CA SER B 191 31.42 35.75 25.86
C SER B 191 31.14 36.54 24.60
N SER B 192 32.19 36.92 23.89
CA SER B 192 32.02 37.73 22.69
C SER B 192 31.56 36.88 21.50
N LEU B 193 31.68 35.55 21.65
CA LEU B 193 31.53 34.63 20.52
C LEU B 193 30.24 34.87 19.76
N GLN B 194 30.38 35.02 18.45
CA GLN B 194 29.21 35.14 17.60
C GLN B 194 29.08 33.89 16.74
N ILE B 195 30.13 33.64 15.95
CA ILE B 195 30.18 32.51 15.04
C ILE B 195 31.11 31.44 15.60
N LEU B 196 30.58 30.22 15.80
CA LEU B 196 31.38 29.12 16.33
C LEU B 196 31.28 27.88 15.41
N TYR B 197 32.39 27.56 14.76
CA TYR B 197 32.40 26.41 13.88
C TYR B 197 33.24 25.31 14.52
N LEU B 198 32.55 24.33 15.13
CA LEU B 198 33.21 23.14 15.67
C LEU B 198 33.03 21.86 14.86
N HIS B 199 32.34 21.94 13.73
CA HIS B 199 31.95 20.74 12.99
C HIS B 199 33.08 19.93 12.34
N ARG B 200 32.78 18.69 11.99
CA ARG B 200 33.72 17.80 11.33
C ARG B 200 35.00 17.60 12.14
N ASN B 201 34.80 17.20 13.38
CA ASN B 201 35.88 16.79 14.23
C ASN B 201 35.58 15.44 14.85
N LYS B 202 36.43 15.03 15.78
CA LYS B 202 36.25 13.81 16.56
C LYS B 202 35.67 14.04 17.98
N LEU B 203 35.08 15.22 18.24
CA LEU B 203 34.59 15.54 19.58
C LEU B 203 33.61 14.51 20.14
N VAL B 204 33.66 14.31 21.46
CA VAL B 204 32.77 13.37 22.14
C VAL B 204 32.10 14.07 23.33
N GLY B 205 31.32 13.30 24.09
CA GLY B 205 30.64 13.85 25.25
C GLY B 205 29.42 14.65 24.84
N SER B 206 28.85 15.37 25.79
CA SER B 206 27.62 16.14 25.57
C SER B 206 27.91 17.61 25.30
N LEU B 207 27.01 18.25 24.56
CA LEU B 207 27.04 19.70 24.45
C LEU B 207 27.04 20.23 25.87
N PRO B 208 28.07 20.98 26.24
CA PRO B 208 28.13 21.55 27.60
C PRO B 208 27.00 22.55 27.79
N GLU B 209 26.44 22.61 28.99
CA GLU B 209 25.32 23.51 29.26
C GLU B 209 25.65 24.98 28.99
N SER B 210 26.91 25.35 29.23
CA SER B 210 27.34 26.74 29.10
C SER B 210 27.14 27.39 27.72
N LEU B 211 26.81 26.60 26.69
CA LEU B 211 26.49 27.18 25.38
C LEU B 211 25.35 28.19 25.51
N ASN B 212 24.57 28.03 26.57
CA ASN B 212 23.47 28.93 26.83
C ASN B 212 23.91 30.24 27.45
N LEU B 213 25.20 30.34 27.77
CA LEU B 213 25.75 31.58 28.30
C LEU B 213 26.30 32.51 27.23
N LEU B 214 26.24 32.09 25.96
CA LEU B 214 26.79 32.95 24.94
C LEU B 214 25.61 33.67 24.30
N GLY B 215 25.43 34.91 24.71
CA GLY B 215 24.23 35.65 24.37
C GLY B 215 24.42 36.34 23.05
N ASN B 216 25.67 36.32 22.58
CA ASN B 216 26.03 36.89 21.28
C ASN B 216 26.07 35.84 20.14
N LEU B 217 25.71 34.59 20.43
CA LEU B 217 25.78 33.49 19.45
C LEU B 217 24.83 33.65 18.25
N THR B 218 25.38 33.60 17.04
CA THR B 218 24.61 33.73 15.79
C THR B 218 24.55 32.44 15.00
N THR B 219 25.71 31.87 14.71
CA THR B 219 25.80 30.66 13.93
C THR B 219 26.57 29.60 14.74
N LEU B 220 25.98 28.42 14.92
CA LEU B 220 26.64 27.36 15.68
C LEU B 220 26.69 26.02 14.94
N PHE B 221 27.89 25.53 14.66
CA PHE B 221 28.06 24.24 13.99
C PHE B 221 28.83 23.28 14.89
N VAL B 222 28.14 22.29 15.43
CA VAL B 222 28.82 21.17 16.10
C VAL B 222 28.75 19.84 15.34
N GLY B 223 28.16 19.88 14.16
CA GLY B 223 27.90 18.67 13.38
C GLY B 223 29.12 17.84 13.00
N ASN B 224 28.87 16.68 12.42
CA ASN B 224 29.92 15.73 12.07
C ASN B 224 30.91 15.43 13.21
N ASN B 225 30.34 15.11 14.37
CA ASN B 225 31.13 14.71 15.53
C ASN B 225 30.64 13.39 16.15
N SER B 226 31.28 13.02 17.25
CA SER B 226 30.93 11.84 18.06
C SER B 226 30.08 12.19 19.31
N LEU B 227 29.48 13.37 19.34
CA LEU B 227 28.76 13.84 20.53
C LEU B 227 27.63 12.90 21.01
N GLN B 228 27.33 13.00 22.32
CA GLN B 228 26.27 12.22 22.97
C GLN B 228 25.35 13.15 23.76
N GLY B 229 24.44 12.58 24.53
CA GLY B 229 23.63 13.37 25.45
C GLY B 229 22.51 14.10 24.74
N PRO B 230 21.65 14.80 25.49
CA PRO B 230 20.55 15.50 24.83
C PRO B 230 21.03 16.77 24.16
N VAL B 231 20.14 17.40 23.41
CA VAL B 231 20.47 18.71 22.89
C VAL B 231 19.89 19.59 23.96
N ARG B 232 20.78 20.15 24.78
CA ARG B 232 20.33 21.01 25.86
C ARG B 232 20.60 22.38 25.33
N PHE B 233 19.57 22.98 24.75
CA PHE B 233 19.76 24.24 24.09
C PHE B 233 18.45 24.96 23.90
N GLY B 234 18.54 26.28 23.74
CA GLY B 234 17.41 27.16 23.76
C GLY B 234 17.43 27.77 25.14
N SER B 235 17.12 29.05 25.20
CA SER B 235 17.32 29.84 26.40
C SER B 235 17.03 31.28 26.05
N PRO B 236 16.93 32.15 27.07
CA PRO B 236 16.89 33.58 26.76
C PRO B 236 18.15 34.04 25.97
N ASN B 237 19.28 33.34 26.13
CA ASN B 237 20.41 33.61 25.25
C ASN B 237 20.17 32.75 24.02
N CYS B 238 19.74 33.49 23.02
CA CYS B 238 19.15 33.04 21.80
C CYS B 238 18.75 34.41 21.32
N LYS B 239 18.12 34.51 20.16
CA LYS B 239 17.60 35.77 19.60
C LYS B 239 18.71 36.53 18.86
N ASN B 240 19.97 36.16 19.09
CA ASN B 240 21.04 36.54 18.19
C ASN B 240 21.34 35.44 17.17
N LEU B 241 20.75 34.25 17.36
CA LEU B 241 21.08 33.03 16.60
C LEU B 241 20.25 32.81 15.36
N LEU B 242 20.85 32.96 14.18
CA LEU B 242 20.16 32.66 12.92
C LEU B 242 20.43 31.27 12.31
N THR B 243 21.49 30.60 12.76
CA THR B 243 21.88 29.31 12.16
C THR B 243 22.42 28.29 13.18
N LEU B 244 21.81 27.11 13.17
CA LEU B 244 22.21 26.01 14.05
C LEU B 244 22.33 24.69 13.31
N ASP B 245 23.52 24.08 13.30
CA ASP B 245 23.64 22.76 12.72
C ASP B 245 24.31 21.78 13.67
N LEU B 246 23.50 20.85 14.18
CA LEU B 246 23.94 19.75 15.05
C LEU B 246 24.07 18.38 14.38
N SER B 247 23.93 18.35 13.06
CA SER B 247 23.76 17.11 12.27
C SER B 247 24.86 16.06 12.46
N TYR B 248 24.51 14.80 12.26
CA TYR B 248 25.46 13.68 12.28
C TYR B 248 26.20 13.53 13.62
N ASN B 249 25.43 13.17 14.65
CA ASN B 249 25.94 12.85 15.97
C ASN B 249 25.05 11.75 16.55
N GLU B 250 25.38 11.26 17.74
CA GLU B 250 24.48 10.34 18.41
C GLU B 250 23.95 11.00 19.67
N PHE B 251 22.75 11.58 19.58
CA PHE B 251 22.14 12.23 20.75
C PHE B 251 21.19 11.25 21.50
N GLU B 252 20.70 11.68 22.66
CA GLU B 252 19.55 11.08 23.34
C GLU B 252 18.51 12.19 23.45
N GLY B 253 17.24 11.92 23.19
CA GLY B 253 16.29 13.00 23.34
C GLY B 253 15.71 13.49 22.04
N GLY B 254 15.08 14.65 22.07
CA GLY B 254 14.38 15.12 20.91
C GLY B 254 14.61 16.59 20.72
N VAL B 255 13.97 17.15 19.70
CA VAL B 255 14.08 18.56 19.43
C VAL B 255 13.62 19.28 20.68
N PRO B 256 14.55 20.03 21.32
CA PRO B 256 14.19 20.73 22.55
C PRO B 256 13.18 21.81 22.19
N PRO B 257 12.07 21.86 22.93
CA PRO B 257 11.03 22.88 22.71
C PRO B 257 11.55 24.26 23.09
N ALA B 258 12.59 24.28 23.94
CA ALA B 258 13.23 25.52 24.37
C ALA B 258 13.85 26.29 23.20
N LEU B 259 13.97 25.62 22.06
CA LEU B 259 14.42 26.27 20.83
C LEU B 259 13.41 27.32 20.34
N GLY B 260 12.21 27.29 20.91
CA GLY B 260 11.23 28.36 20.70
C GLY B 260 11.77 29.71 21.14
N ASN B 261 12.67 29.69 22.13
CA ASN B 261 13.31 30.92 22.63
C ASN B 261 14.17 31.64 21.59
N CYS B 262 14.64 30.95 20.55
CA CYS B 262 15.53 31.60 19.59
C CYS B 262 14.67 32.11 18.45
N SER B 263 14.34 33.39 18.48
CA SER B 263 13.32 33.91 17.59
C SER B 263 13.90 34.26 16.25
N SER B 264 15.24 34.31 16.20
CA SER B 264 15.93 34.81 15.02
C SER B 264 16.36 33.78 13.98
N LEU B 265 16.21 32.48 14.30
CA LEU B 265 16.76 31.40 13.47
C LEU B 265 16.28 31.48 12.04
N ASP B 266 17.22 31.53 11.09
CA ASP B 266 16.85 31.39 9.69
C ASP B 266 16.77 29.91 9.32
N ALA B 267 17.69 29.12 9.86
CA ALA B 267 17.77 27.70 9.57
C ALA B 267 18.09 26.87 10.81
N LEU B 268 17.26 25.87 11.06
CA LEU B 268 17.49 24.90 12.12
C LEU B 268 17.69 23.56 11.44
N VAL B 269 18.90 23.02 11.55
CA VAL B 269 19.24 21.81 10.82
C VAL B 269 19.84 20.78 11.77
N ILE B 270 19.08 19.73 12.03
CA ILE B 270 19.58 18.55 12.73
C ILE B 270 19.19 17.33 11.91
N VAL B 271 20.20 16.74 11.30
CA VAL B 271 20.03 15.62 10.41
C VAL B 271 20.81 14.48 11.02
N SER B 272 20.20 13.30 11.05
CA SER B 272 20.89 12.09 11.47
C SER B 272 21.55 12.22 12.84
N GLY B 273 20.80 12.74 13.82
CA GLY B 273 21.22 12.61 15.20
C GLY B 273 20.34 11.49 15.72
N ASN B 274 20.71 10.82 16.81
CA ASN B 274 19.79 9.79 17.25
C ASN B 274 18.75 10.61 17.98
N LEU B 275 17.59 10.78 17.37
CA LEU B 275 16.64 11.76 17.90
C LEU B 275 15.23 11.20 17.86
N SER B 276 14.57 11.18 19.02
CA SER B 276 13.23 10.64 19.13
C SER B 276 12.28 11.66 19.72
N GLY B 277 11.03 11.23 19.92
CA GLY B 277 10.03 12.09 20.50
C GLY B 277 9.32 12.94 19.47
N THR B 278 8.66 13.99 19.96
CA THR B 278 7.75 14.78 19.15
C THR B 278 8.45 16.01 18.63
N ILE B 279 8.08 16.42 17.43
CA ILE B 279 8.51 17.72 16.96
C ILE B 279 7.68 18.75 17.69
N PRO B 280 8.33 19.61 18.50
CA PRO B 280 7.68 20.58 19.37
C PRO B 280 6.91 21.66 18.61
N SER B 281 5.73 22.00 19.14
CA SER B 281 4.89 23.06 18.63
C SER B 281 5.61 24.41 18.67
N SER B 282 6.48 24.60 19.67
CA SER B 282 7.22 25.86 19.81
C SER B 282 8.02 26.20 18.56
N LEU B 283 8.36 25.18 17.78
CA LEU B 283 9.07 25.40 16.54
C LEU B 283 8.22 26.32 15.65
N GLY B 284 6.90 26.34 15.92
CA GLY B 284 5.98 27.23 15.24
C GLY B 284 6.06 28.69 15.65
N MET B 285 6.69 28.98 16.78
CA MET B 285 6.82 30.36 17.25
C MET B 285 7.70 31.25 16.37
N LEU B 286 8.67 30.64 15.69
CA LEU B 286 9.66 31.45 14.97
C LEU B 286 9.43 31.62 13.47
N LYS B 287 9.12 32.84 13.06
CA LYS B 287 9.24 33.20 11.65
C LYS B 287 10.73 33.55 11.51
N ASN B 288 11.12 34.01 10.32
CA ASN B 288 12.52 34.21 9.94
C ASN B 288 13.20 32.87 9.67
N LEU B 289 12.53 31.76 9.99
CA LEU B 289 13.07 30.40 9.79
C LEU B 289 12.68 29.87 8.41
N THR B 290 13.68 29.80 7.52
CA THR B 290 13.47 29.32 6.16
C THR B 290 13.82 27.85 5.95
N ILE B 291 14.54 27.26 6.92
CA ILE B 291 14.97 25.87 6.79
C ILE B 291 14.80 25.11 8.09
N LEU B 292 13.99 24.06 8.03
CA LEU B 292 13.90 23.14 9.14
C LEU B 292 14.22 21.77 8.57
N ASN B 293 15.36 21.22 8.96
CA ASN B 293 15.72 19.92 8.47
C ASN B 293 15.92 18.99 9.65
N LEU B 294 14.91 18.15 9.88
CA LEU B 294 14.92 17.13 10.93
C LEU B 294 15.12 15.72 10.39
N SER B 295 15.40 15.63 9.10
CA SER B 295 15.40 14.34 8.41
C SER B 295 16.40 13.36 8.99
N GLU B 296 16.11 12.08 8.76
CA GLU B 296 16.95 10.96 9.18
C GLU B 296 17.13 10.86 10.69
N ASN B 297 16.03 11.03 11.42
CA ASN B 297 16.02 10.80 12.86
C ASN B 297 15.06 9.66 13.26
N ARG B 298 14.90 9.47 14.57
CA ARG B 298 13.97 8.49 15.15
C ARG B 298 12.62 9.10 15.53
N LEU B 299 12.33 10.31 15.06
CA LEU B 299 11.15 11.04 15.53
C LEU B 299 9.84 10.26 15.43
N SER B 300 9.16 10.18 16.58
CA SER B 300 8.03 9.27 16.82
C SER B 300 6.58 9.77 16.80
N GLY B 301 6.33 11.00 16.34
CA GLY B 301 4.96 11.51 16.40
C GLY B 301 4.62 12.39 15.21
N SER B 302 3.40 12.94 15.17
CA SER B 302 3.02 13.73 14.00
C SER B 302 3.61 15.12 14.08
N ILE B 303 3.41 15.88 13.02
CA ILE B 303 3.89 17.25 12.98
C ILE B 303 2.82 18.24 13.41
N PRO B 304 3.20 19.16 14.31
CA PRO B 304 2.24 20.12 14.85
C PRO B 304 1.79 21.05 13.75
N ALA B 305 0.50 21.38 13.75
CA ALA B 305 -0.02 22.37 12.81
C ALA B 305 0.64 23.72 13.05
N GLU B 306 1.22 23.90 14.25
CA GLU B 306 1.97 25.11 14.61
C GLU B 306 3.08 25.41 13.61
N LEU B 307 3.55 24.38 12.92
CA LEU B 307 4.56 24.56 11.90
C LEU B 307 4.01 25.39 10.73
N GLY B 308 2.68 25.42 10.60
CA GLY B 308 2.04 26.26 9.60
C GLY B 308 2.13 27.71 10.01
N ASN B 309 2.58 27.92 11.24
CA ASN B 309 2.79 29.25 11.81
C ASN B 309 4.21 29.81 11.56
N CYS B 310 5.05 29.07 10.85
CA CYS B 310 6.38 29.57 10.47
C CYS B 310 6.27 30.07 9.06
N SER B 311 6.10 31.38 8.90
CA SER B 311 5.63 31.93 7.64
C SER B 311 6.72 32.12 6.62
N SER B 312 7.96 32.25 7.08
CA SER B 312 9.07 32.50 6.18
C SER B 312 9.71 31.19 5.68
N LEU B 313 9.06 30.09 6.02
CA LEU B 313 9.53 28.74 5.68
C LEU B 313 9.68 28.48 4.18
N ASN B 314 10.85 28.02 3.80
CA ASN B 314 11.22 27.70 2.42
C ASN B 314 11.30 26.18 2.23
N LEU B 315 12.16 25.56 3.06
CA LEU B 315 12.42 24.14 3.05
C LEU B 315 11.95 23.47 4.34
N LEU B 316 11.11 22.45 4.20
CA LEU B 316 10.81 21.58 5.32
C LEU B 316 11.24 20.15 4.98
N LYS B 317 12.30 19.66 5.61
CA LYS B 317 12.76 18.31 5.32
C LYS B 317 12.49 17.45 6.53
N LEU B 318 11.44 16.65 6.43
CA LEU B 318 11.07 15.73 7.49
C LEU B 318 11.38 14.27 7.21
N ASN B 319 12.00 14.01 6.06
CA ASN B 319 12.09 12.67 5.53
C ASN B 319 12.85 11.68 6.41
N ASP B 320 12.59 10.40 6.18
CA ASP B 320 13.28 9.32 6.89
C ASP B 320 13.11 9.38 8.40
N ASN B 321 11.86 9.47 8.84
CA ASN B 321 11.50 9.36 10.25
C ASN B 321 10.34 8.38 10.40
N GLN B 322 9.86 8.18 11.64
CA GLN B 322 8.68 7.36 11.92
C GLN B 322 7.39 8.18 12.01
N LEU B 323 7.43 9.42 11.52
CA LEU B 323 6.29 10.33 11.59
C LEU B 323 5.02 9.74 11.02
N VAL B 324 3.90 10.06 11.65
CA VAL B 324 2.60 9.49 11.31
C VAL B 324 1.54 10.57 11.26
N GLY B 325 0.35 10.24 10.80
CA GLY B 325 -0.76 11.18 10.85
C GLY B 325 -1.04 11.78 9.50
N GLY B 326 -1.87 12.81 9.49
CA GLY B 326 -2.17 13.50 8.25
C GLY B 326 -1.19 14.62 8.09
N ILE B 327 -0.94 15.01 6.84
CA ILE B 327 -0.12 16.18 6.59
C ILE B 327 -1.02 17.36 6.91
N PRO B 328 -0.59 18.23 7.84
CA PRO B 328 -1.41 19.37 8.27
C PRO B 328 -1.73 20.34 7.14
N SER B 329 -2.99 20.73 7.05
CA SER B 329 -3.47 21.66 6.04
C SER B 329 -2.78 23.01 6.19
N ALA B 330 -2.38 23.32 7.43
CA ALA B 330 -1.71 24.59 7.75
C ALA B 330 -0.49 24.89 6.87
N LEU B 331 0.11 23.85 6.30
CA LEU B 331 1.29 23.99 5.45
C LEU B 331 1.01 24.71 4.13
N GLY B 332 -0.21 24.59 3.63
CA GLY B 332 -0.57 25.27 2.40
C GLY B 332 -0.59 26.77 2.62
N LYS B 333 -0.79 27.14 3.89
CA LYS B 333 -0.81 28.54 4.33
C LYS B 333 0.54 29.24 4.12
N LEU B 334 1.61 28.45 4.01
CA LEU B 334 2.94 29.04 3.80
C LEU B 334 3.16 29.37 2.30
N ARG B 335 3.35 30.66 2.02
CA ARG B 335 3.53 31.12 0.64
C ARG B 335 4.99 31.15 0.24
N LYS B 336 5.87 30.97 1.21
CA LYS B 336 7.28 30.92 0.89
C LYS B 336 7.82 29.48 0.83
N LEU B 337 6.93 28.50 1.02
CA LEU B 337 7.32 27.10 1.09
C LEU B 337 7.56 26.54 -0.32
N GLU B 338 8.83 26.26 -0.62
CA GLU B 338 9.26 25.81 -1.95
C GLU B 338 9.27 24.28 -2.14
N SER B 339 9.73 23.59 -1.11
CA SER B 339 10.03 22.18 -1.15
C SER B 339 9.49 21.48 0.09
N LEU B 340 8.58 20.54 -0.13
CA LEU B 340 8.05 19.77 0.97
C LEU B 340 8.60 18.36 0.86
N GLU B 341 9.50 17.98 1.77
CA GLU B 341 10.15 16.68 1.66
C GLU B 341 9.75 15.82 2.85
N LEU B 342 8.77 14.96 2.56
CA LEU B 342 8.15 14.07 3.54
C LEU B 342 8.50 12.60 3.43
N PHE B 343 9.28 12.24 2.42
CA PHE B 343 9.40 10.85 1.98
C PHE B 343 9.97 9.92 3.04
N GLU B 344 9.67 8.64 2.91
CA GLU B 344 10.11 7.61 3.86
C GLU B 344 9.61 7.83 5.31
N ASN B 345 8.30 7.91 5.43
CA ASN B 345 7.64 8.06 6.72
C ASN B 345 6.35 7.23 6.74
N ARG B 346 5.64 7.31 7.86
CA ARG B 346 4.36 6.61 8.05
C ARG B 346 3.13 7.48 7.79
N PHE B 347 3.32 8.65 7.18
CA PHE B 347 2.22 9.59 6.96
C PHE B 347 1.02 8.88 6.33
N SER B 348 -0.17 9.26 6.79
CA SER B 348 -1.42 8.69 6.26
C SER B 348 -2.46 9.76 6.02
N GLY B 349 -3.54 9.37 5.35
CA GLY B 349 -4.63 10.29 5.07
C GLY B 349 -4.44 10.82 3.68
N GLU B 350 -5.33 11.69 3.25
CA GLU B 350 -5.14 12.32 1.96
C GLU B 350 -4.18 13.47 2.20
N ILE B 351 -3.66 14.07 1.13
CA ILE B 351 -2.90 15.30 1.23
C ILE B 351 -3.88 16.47 1.23
N PRO B 352 -3.81 17.33 2.27
CA PRO B 352 -4.79 18.42 2.42
C PRO B 352 -4.84 19.28 1.18
N ILE B 353 -6.02 19.73 0.80
CA ILE B 353 -6.25 20.40 -0.47
C ILE B 353 -5.48 21.71 -0.61
N GLU B 354 -5.20 22.37 0.52
CA GLU B 354 -4.40 23.60 0.51
C GLU B 354 -3.05 23.42 -0.17
N ILE B 355 -2.33 22.34 0.19
CA ILE B 355 -1.03 22.06 -0.40
C ILE B 355 -1.13 21.94 -1.91
N TRP B 356 -2.22 21.36 -2.38
CA TRP B 356 -2.45 21.23 -3.81
C TRP B 356 -2.56 22.61 -4.45
N LYS B 357 -2.90 23.60 -3.62
CA LYS B 357 -3.12 24.95 -4.11
C LYS B 357 -1.89 25.84 -3.97
N SER B 358 -0.79 25.30 -3.48
CA SER B 358 0.44 26.06 -3.33
C SER B 358 0.97 26.55 -4.67
N GLN B 359 1.18 27.85 -4.78
CA GLN B 359 1.82 28.40 -5.96
C GLN B 359 3.32 28.64 -5.74
N SER B 360 3.78 28.44 -4.50
CA SER B 360 5.20 28.47 -4.17
C SER B 360 5.90 27.11 -4.28
N LEU B 361 5.14 26.02 -4.34
CA LEU B 361 5.74 24.68 -4.33
C LEU B 361 6.40 24.31 -5.63
N THR B 362 7.68 24.00 -5.55
CA THR B 362 8.45 23.46 -6.66
C THR B 362 8.52 21.92 -6.64
N GLN B 363 8.92 21.38 -5.50
CA GLN B 363 9.24 19.99 -5.36
C GLN B 363 8.37 19.37 -4.26
N LEU B 364 7.56 18.38 -4.63
CA LEU B 364 6.74 17.69 -3.64
C LEU B 364 7.23 16.25 -3.54
N LEU B 365 7.96 15.93 -2.48
CA LEU B 365 8.50 14.60 -2.39
C LEU B 365 7.84 13.90 -1.21
N VAL B 366 6.80 13.13 -1.55
CA VAL B 366 6.00 12.37 -0.58
C VAL B 366 6.12 10.84 -0.57
N TYR B 367 7.03 10.30 -1.39
CA TYR B 367 7.12 8.87 -1.65
C TYR B 367 7.42 8.03 -0.41
N GLN B 368 7.14 6.73 -0.49
CA GLN B 368 7.29 5.82 0.66
C GLN B 368 6.52 6.30 1.88
N ASN B 369 5.23 6.51 1.68
CA ASN B 369 4.30 6.79 2.76
C ASN B 369 2.99 6.02 2.54
N ASN B 370 2.06 6.18 3.46
CA ASN B 370 0.72 5.68 3.21
C ASN B 370 -0.17 6.85 2.90
N LEU B 371 -0.32 7.22 1.65
CA LEU B 371 -1.11 8.40 1.32
C LEU B 371 -2.09 8.00 0.27
N THR B 372 -3.18 8.73 0.17
CA THR B 372 -4.19 8.31 -0.76
C THR B 372 -5.03 9.47 -1.24
N GLY B 373 -6.11 9.15 -1.92
CA GLY B 373 -6.97 10.17 -2.47
C GLY B 373 -6.75 10.29 -3.95
N GLU B 374 -7.49 11.21 -4.55
CA GLU B 374 -7.43 11.43 -5.98
C GLU B 374 -6.49 12.60 -6.22
N LEU B 375 -5.77 12.56 -7.33
CA LEU B 375 -4.96 13.70 -7.69
C LEU B 375 -5.91 14.71 -8.29
N PRO B 376 -6.11 15.84 -7.60
CA PRO B 376 -7.11 16.85 -7.96
C PRO B 376 -6.71 17.60 -9.21
N VAL B 377 -7.68 18.18 -9.92
CA VAL B 377 -7.40 18.89 -11.17
C VAL B 377 -6.57 20.11 -10.83
N GLU B 378 -6.66 20.50 -9.56
CA GLU B 378 -5.90 21.60 -8.99
C GLU B 378 -4.40 21.38 -9.11
N MET B 379 -3.99 20.11 -9.17
CA MET B 379 -2.58 19.78 -9.30
C MET B 379 -2.05 20.38 -10.59
N THR B 380 -2.90 20.40 -11.60
CA THR B 380 -2.56 21.01 -12.89
C THR B 380 -2.39 22.52 -12.76
N GLU B 381 -2.85 23.08 -11.65
CA GLU B 381 -2.78 24.52 -11.42
C GLU B 381 -1.60 25.02 -10.57
N MET B 382 -0.69 24.13 -10.15
CA MET B 382 0.45 24.61 -9.36
C MET B 382 1.49 24.97 -10.39
N LYS B 383 1.70 26.26 -10.57
CA LYS B 383 2.48 26.77 -11.69
C LYS B 383 3.99 26.56 -11.53
N LYS B 384 4.47 26.57 -10.28
CA LYS B 384 5.89 26.37 -9.97
C LYS B 384 6.28 24.90 -9.83
N LEU B 385 5.36 23.97 -10.12
CA LEU B 385 5.65 22.55 -9.91
C LEU B 385 6.69 21.97 -10.89
N LYS B 386 7.73 21.37 -10.31
CA LYS B 386 8.87 20.85 -11.06
C LYS B 386 9.03 19.34 -10.94
N ILE B 387 9.19 18.90 -9.70
CA ILE B 387 9.35 17.51 -9.36
C ILE B 387 8.17 17.07 -8.51
N ALA B 388 7.49 16.00 -8.94
CA ALA B 388 6.42 15.43 -8.14
C ALA B 388 6.70 13.95 -7.99
N THR B 389 7.08 13.53 -6.80
CA THR B 389 7.31 12.13 -6.59
C THR B 389 6.35 11.66 -5.50
N LEU B 390 5.34 10.93 -5.96
CA LEU B 390 4.28 10.41 -5.13
C LEU B 390 4.43 8.91 -4.91
N PHE B 391 5.48 8.33 -5.50
CA PHE B 391 5.57 6.88 -5.65
C PHE B 391 5.54 6.06 -4.35
N ASN B 392 5.08 4.82 -4.46
CA ASN B 392 4.85 3.96 -3.28
C ASN B 392 3.93 4.53 -2.21
N ASN B 393 2.74 4.94 -2.64
CA ASN B 393 1.63 5.38 -1.77
C ASN B 393 0.32 4.70 -2.22
N SER B 394 -0.82 5.10 -1.68
CA SER B 394 -2.13 4.57 -2.07
C SER B 394 -2.96 5.41 -3.07
N PHE B 395 -2.37 6.43 -3.68
CA PHE B 395 -3.13 7.32 -4.56
C PHE B 395 -3.96 6.59 -5.62
N TYR B 396 -5.20 7.05 -5.81
CA TYR B 396 -6.11 6.43 -6.78
C TYR B 396 -6.75 7.46 -7.70
N GLY B 397 -7.66 6.99 -8.54
CA GLY B 397 -8.32 7.84 -9.51
C GLY B 397 -7.44 7.93 -10.73
N ALA B 398 -7.89 8.66 -11.75
CA ALA B 398 -7.06 9.00 -12.89
C ALA B 398 -6.15 10.21 -12.62
N ILE B 399 -5.04 10.30 -13.35
CA ILE B 399 -4.19 11.49 -13.29
C ILE B 399 -4.86 12.54 -14.14
N PRO B 400 -5.02 13.77 -13.59
CA PRO B 400 -5.71 14.83 -14.33
C PRO B 400 -5.05 15.03 -15.68
N PRO B 401 -5.84 14.96 -16.75
CA PRO B 401 -5.34 15.00 -18.14
C PRO B 401 -4.55 16.26 -18.46
N GLY B 402 -4.77 17.30 -17.68
CA GLY B 402 -4.13 18.57 -17.92
C GLY B 402 -2.80 18.80 -17.22
N LEU B 403 -2.35 17.82 -16.43
CA LEU B 403 -1.15 17.97 -15.60
C LEU B 403 0.08 18.48 -16.34
N GLY B 404 0.22 18.14 -17.61
CA GLY B 404 1.39 18.61 -18.32
C GLY B 404 1.38 20.07 -18.78
N VAL B 405 0.19 20.64 -18.91
CA VAL B 405 0.01 22.01 -19.38
C VAL B 405 0.58 23.00 -18.35
N ASN B 406 1.04 22.42 -17.24
CA ASN B 406 1.77 23.14 -16.20
C ASN B 406 3.14 23.60 -16.72
N SER B 407 3.67 22.91 -17.72
CA SER B 407 4.84 23.35 -18.50
C SER B 407 6.18 23.37 -17.71
N SER B 408 6.09 23.30 -16.40
CA SER B 408 7.30 23.24 -15.58
C SER B 408 7.72 21.85 -15.09
N LEU B 409 7.09 20.78 -15.59
CA LEU B 409 7.40 19.44 -15.10
C LEU B 409 8.75 18.86 -15.53
N GLU B 410 9.54 18.46 -14.53
CA GLU B 410 10.83 17.79 -14.72
C GLU B 410 10.76 16.30 -14.34
N GLU B 411 10.38 16.04 -13.10
CA GLU B 411 10.26 14.66 -12.63
C GLU B 411 8.84 14.32 -12.14
N VAL B 412 8.22 13.35 -12.81
CA VAL B 412 6.97 12.75 -12.38
C VAL B 412 7.22 11.29 -12.01
N ASP B 413 7.13 10.94 -10.73
CA ASP B 413 7.16 9.52 -10.39
C ASP B 413 5.96 9.14 -9.51
N PHE B 414 4.98 8.51 -10.15
CA PHE B 414 3.73 8.04 -9.54
C PHE B 414 3.71 6.53 -9.27
N ILE B 415 4.86 5.89 -9.47
CA ILE B 415 5.00 4.45 -9.41
C ILE B 415 4.42 3.84 -8.13
N GLY B 416 3.81 2.67 -8.26
CA GLY B 416 3.37 1.90 -7.12
C GLY B 416 2.20 2.52 -6.41
N ASN B 417 1.20 2.91 -7.20
CA ASN B 417 -0.06 3.36 -6.66
C ASN B 417 -1.23 2.59 -7.26
N LYS B 418 -2.44 3.02 -6.98
CA LYS B 418 -3.64 2.45 -7.58
C LYS B 418 -4.15 3.22 -8.81
N LEU B 419 -3.37 4.18 -9.30
CA LEU B 419 -3.84 5.05 -10.38
C LEU B 419 -4.43 4.32 -11.60
N THR B 420 -5.55 4.83 -12.10
CA THR B 420 -6.17 4.30 -13.32
C THR B 420 -6.28 5.37 -14.40
N GLY B 421 -6.86 5.00 -15.53
CA GLY B 421 -7.02 5.90 -16.66
C GLY B 421 -5.92 5.68 -17.67
N GLU B 422 -5.84 6.55 -18.67
CA GLU B 422 -4.77 6.49 -19.65
C GLU B 422 -3.58 7.33 -19.17
N ILE B 423 -2.50 7.33 -19.96
CA ILE B 423 -1.34 8.15 -19.68
C ILE B 423 -1.70 9.56 -20.10
N PRO B 424 -1.60 10.52 -19.16
CA PRO B 424 -1.90 11.92 -19.47
C PRO B 424 -0.98 12.40 -20.61
N PRO B 425 -1.58 13.00 -21.67
CA PRO B 425 -0.97 13.40 -22.94
C PRO B 425 -0.05 14.63 -22.91
N ASN B 426 -0.20 15.50 -21.91
CA ASN B 426 0.52 16.77 -21.92
C ASN B 426 1.79 16.91 -21.07
N LEU B 427 2.21 15.84 -20.41
CA LEU B 427 3.29 15.89 -19.43
C LEU B 427 4.58 16.60 -19.88
N CYS B 428 4.89 16.47 -21.16
CA CYS B 428 6.03 17.16 -21.76
C CYS B 428 5.68 18.47 -22.46
N HIS B 429 4.47 18.97 -22.23
CA HIS B 429 4.06 20.24 -22.84
C HIS B 429 5.11 21.31 -22.70
N GLY B 430 5.67 21.45 -21.51
CA GLY B 430 6.68 22.45 -21.26
C GLY B 430 8.05 22.12 -21.79
N ARG B 431 8.20 20.90 -22.30
CA ARG B 431 9.44 20.42 -22.89
C ARG B 431 10.66 20.37 -21.94
N LYS B 432 10.41 20.33 -20.62
CA LYS B 432 11.48 19.98 -19.66
C LYS B 432 11.45 18.59 -18.98
N LEU B 433 10.54 17.69 -19.33
CA LEU B 433 10.39 16.46 -18.55
C LEU B 433 11.59 15.52 -18.73
N ARG B 434 12.29 15.27 -17.63
CA ARG B 434 13.39 14.31 -17.60
C ARG B 434 12.96 12.87 -17.24
N ILE B 435 12.01 12.77 -16.31
CA ILE B 435 11.58 11.51 -15.72
C ILE B 435 10.06 11.31 -15.89
N LEU B 436 9.70 10.22 -16.55
CA LEU B 436 8.32 9.76 -16.54
C LEU B 436 8.24 8.39 -15.89
N ASN B 437 7.83 8.34 -14.63
CA ASN B 437 7.64 7.05 -14.03
C ASN B 437 6.19 6.86 -13.62
N LEU B 438 5.44 6.11 -14.42
CA LEU B 438 4.07 5.73 -14.08
C LEU B 438 3.88 4.27 -13.66
N GLY B 439 4.97 3.51 -13.63
CA GLY B 439 4.91 2.08 -13.45
C GLY B 439 4.17 1.53 -12.22
N SER B 440 3.74 0.27 -12.31
CA SER B 440 3.04 -0.38 -11.21
C SER B 440 1.76 0.35 -10.82
N ASN B 441 0.94 0.60 -11.83
CA ASN B 441 -0.42 1.10 -11.63
C ASN B 441 -1.48 0.24 -12.34
N LEU B 442 -2.70 0.76 -12.42
CA LEU B 442 -3.81 0.13 -13.15
C LEU B 442 -4.05 0.68 -14.56
N LEU B 443 -3.08 1.40 -15.13
CA LEU B 443 -3.31 2.12 -16.38
C LEU B 443 -3.61 1.21 -17.56
N HIS B 444 -4.19 1.79 -18.61
CA HIS B 444 -4.54 1.03 -19.82
C HIS B 444 -4.47 1.97 -21.01
N GLY B 445 -4.48 1.42 -22.23
CA GLY B 445 -4.44 2.24 -23.42
C GLY B 445 -3.06 2.30 -24.05
N THR B 446 -2.91 3.11 -25.09
CA THR B 446 -1.64 3.25 -25.77
C THR B 446 -0.75 4.38 -25.22
N ILE B 447 0.45 4.49 -25.80
CA ILE B 447 1.35 5.60 -25.48
C ILE B 447 1.07 6.74 -26.46
N PRO B 448 0.62 7.90 -25.93
CA PRO B 448 0.21 9.07 -26.73
C PRO B 448 1.35 9.57 -27.59
N ALA B 449 1.07 9.95 -28.83
CA ALA B 449 2.13 10.46 -29.71
C ALA B 449 2.88 11.67 -29.11
N SER B 450 2.18 12.47 -28.29
CA SER B 450 2.81 13.61 -27.64
C SER B 450 3.91 13.17 -26.66
N ILE B 451 3.63 12.16 -25.85
CA ILE B 451 4.65 11.58 -24.96
C ILE B 451 5.76 10.97 -25.82
N GLY B 452 5.40 10.53 -27.02
CA GLY B 452 6.41 10.06 -27.95
C GLY B 452 7.37 11.16 -28.37
N HIS B 453 6.85 12.39 -28.48
CA HIS B 453 7.64 13.55 -28.92
C HIS B 453 8.73 14.00 -27.93
N CYS B 454 8.62 13.56 -26.67
CA CYS B 454 9.41 14.17 -25.61
C CYS B 454 10.83 13.63 -25.73
N LYS B 455 11.76 14.51 -26.08
CA LYS B 455 13.10 14.13 -26.42
C LYS B 455 13.96 14.23 -25.18
N THR B 456 13.39 14.83 -24.14
CA THR B 456 14.09 15.16 -22.90
C THR B 456 13.97 14.08 -21.81
N ILE B 457 13.24 13.02 -22.10
CA ILE B 457 13.07 11.95 -21.14
C ILE B 457 14.34 11.10 -21.02
N ARG B 458 14.85 10.98 -19.80
CA ARG B 458 15.97 10.10 -19.47
C ARG B 458 15.49 8.71 -19.00
N ARG B 459 14.61 8.69 -18.00
CA ARG B 459 14.06 7.44 -17.48
C ARG B 459 12.57 7.36 -17.80
N PHE B 460 12.18 6.35 -18.59
CA PHE B 460 10.81 6.14 -19.00
C PHE B 460 10.44 4.77 -18.46
N ILE B 461 9.70 4.72 -17.36
CA ILE B 461 9.32 3.42 -16.85
C ILE B 461 7.79 3.26 -16.74
N LEU B 462 7.25 2.45 -17.67
CA LEU B 462 5.84 2.15 -17.76
C LEU B 462 5.46 0.78 -17.22
N ARG B 463 6.45 0.07 -16.70
CA ARG B 463 6.31 -1.34 -16.39
C ARG B 463 5.12 -1.62 -15.48
N GLU B 464 4.53 -2.82 -15.62
CA GLU B 464 3.47 -3.31 -14.73
C GLU B 464 2.18 -2.48 -14.80
N ASN B 465 1.70 -2.27 -16.02
CA ASN B 465 0.35 -1.74 -16.22
C ASN B 465 -0.42 -2.62 -17.23
N ASN B 466 -1.61 -2.18 -17.64
CA ASN B 466 -2.31 -2.78 -18.75
C ASN B 466 -2.15 -2.10 -20.10
N LEU B 467 -1.14 -1.25 -20.21
CA LEU B 467 -0.83 -0.55 -21.45
C LEU B 467 -0.74 -1.47 -22.68
N SER B 468 -1.05 -0.93 -23.85
CA SER B 468 -0.98 -1.71 -25.08
C SER B 468 -0.66 -0.83 -26.26
N GLY B 469 -0.66 -1.42 -27.45
CA GLY B 469 -0.46 -0.66 -28.66
C GLY B 469 1.00 -0.72 -29.04
N LEU B 470 1.36 0.00 -30.10
CA LEU B 470 2.73 0.07 -30.59
C LEU B 470 3.68 0.96 -29.77
N LEU B 471 4.98 0.71 -29.92
CA LEU B 471 6.01 1.53 -29.31
C LEU B 471 6.25 2.77 -30.18
N PRO B 472 6.56 3.91 -29.54
CA PRO B 472 6.89 5.11 -30.32
C PRO B 472 8.15 4.95 -31.17
N GLU B 473 8.30 5.76 -32.21
CA GLU B 473 9.58 5.81 -32.91
C GLU B 473 10.47 6.72 -32.05
N PHE B 474 11.76 6.43 -31.99
CA PHE B 474 12.68 7.27 -31.27
C PHE B 474 13.70 7.83 -32.26
N SER B 475 14.54 8.77 -31.82
CA SER B 475 15.50 9.43 -32.71
C SER B 475 16.92 9.41 -32.17
N GLN B 476 17.87 9.96 -32.94
CA GLN B 476 19.22 10.13 -32.43
C GLN B 476 19.25 11.29 -31.42
N ASP B 477 18.19 12.08 -31.41
CA ASP B 477 18.09 13.22 -30.50
C ASP B 477 17.33 12.89 -29.23
N HIS B 478 17.03 11.63 -29.02
CA HIS B 478 16.40 11.25 -27.77
C HIS B 478 17.43 11.12 -26.67
N SER B 479 17.09 11.61 -25.49
CA SER B 479 17.94 11.55 -24.30
C SER B 479 17.73 10.22 -23.54
N LEU B 480 16.96 9.32 -24.13
CA LEU B 480 16.52 8.09 -23.47
C LEU B 480 17.70 7.32 -22.90
N SER B 481 17.60 6.99 -21.62
CA SER B 481 18.67 6.42 -20.81
C SER B 481 18.26 5.05 -20.25
N PHE B 482 17.14 5.03 -19.54
CA PHE B 482 16.57 3.83 -18.92
C PHE B 482 15.13 3.60 -19.42
N LEU B 483 14.88 2.48 -20.10
CA LEU B 483 13.50 2.14 -20.50
C LEU B 483 13.05 0.81 -19.89
N ASP B 484 12.08 0.87 -18.99
CA ASP B 484 11.51 -0.36 -18.50
C ASP B 484 10.00 -0.36 -18.73
N PHE B 485 9.55 -1.12 -19.74
CA PHE B 485 8.12 -1.33 -20.06
C PHE B 485 7.54 -2.71 -19.64
N ASN B 486 8.33 -3.49 -18.92
CA ASN B 486 7.96 -4.88 -18.71
C ASN B 486 6.56 -5.11 -18.10
N SER B 487 5.95 -6.23 -18.45
CA SER B 487 4.59 -6.60 -18.01
C SER B 487 3.54 -5.59 -18.43
N ASN B 488 3.38 -5.46 -19.73
CA ASN B 488 2.25 -4.76 -20.29
C ASN B 488 1.65 -5.57 -21.45
N ASN B 489 0.73 -4.97 -22.17
CA ASN B 489 0.23 -5.51 -23.43
C ASN B 489 0.79 -4.97 -24.74
N PHE B 490 1.91 -4.25 -24.67
CA PHE B 490 2.52 -3.66 -25.87
C PHE B 490 2.66 -4.68 -27.00
N GLU B 491 2.42 -4.26 -28.25
CA GLU B 491 2.51 -5.16 -29.41
C GLU B 491 3.28 -4.58 -30.57
N GLY B 492 3.33 -5.32 -31.67
CA GLY B 492 3.99 -4.86 -32.87
C GLY B 492 5.45 -5.26 -32.85
N PRO B 493 6.20 -4.89 -33.89
CA PRO B 493 7.63 -5.17 -33.92
C PRO B 493 8.37 -4.20 -33.01
N ILE B 494 9.51 -4.60 -32.45
CA ILE B 494 10.33 -3.67 -31.69
C ILE B 494 10.95 -2.69 -32.68
N PRO B 495 10.68 -1.39 -32.51
CA PRO B 495 11.13 -0.37 -33.48
C PRO B 495 12.65 -0.27 -33.59
N GLY B 496 13.19 -0.32 -34.80
CA GLY B 496 14.63 -0.22 -35.00
C GLY B 496 15.17 1.12 -34.53
N SER B 497 14.30 2.12 -34.57
CA SER B 497 14.65 3.48 -34.17
C SER B 497 15.05 3.56 -32.70
N LEU B 498 14.83 2.48 -31.95
CA LEU B 498 15.24 2.41 -30.55
C LEU B 498 16.75 2.39 -30.43
N GLY B 499 17.42 1.87 -31.45
CA GLY B 499 18.87 1.81 -31.46
C GLY B 499 19.53 3.15 -31.71
N SER B 500 18.74 4.12 -32.15
CA SER B 500 19.32 5.41 -32.41
C SER B 500 19.45 6.22 -31.12
N CYS B 501 18.93 5.74 -29.98
CA CYS B 501 19.10 6.56 -28.78
C CYS B 501 20.46 6.16 -28.24
N LYS B 502 21.46 6.99 -28.52
CA LYS B 502 22.84 6.56 -28.44
C LYS B 502 23.23 6.31 -26.98
N ASN B 503 22.44 6.89 -26.11
CA ASN B 503 22.70 6.82 -24.68
C ASN B 503 21.87 5.79 -23.88
N LEU B 504 21.08 4.95 -24.57
CA LEU B 504 20.33 3.91 -23.88
C LEU B 504 21.29 2.96 -23.18
N SER B 505 21.18 2.84 -21.85
CA SER B 505 21.97 1.84 -21.12
C SER B 505 21.17 0.60 -20.66
N SER B 506 19.85 0.72 -20.63
CA SER B 506 19.00 -0.35 -20.10
C SER B 506 17.71 -0.47 -20.93
N ILE B 507 17.38 -1.69 -21.38
CA ILE B 507 16.12 -1.95 -22.07
C ILE B 507 15.38 -3.14 -21.47
N ASN B 508 14.25 -2.89 -20.83
CA ASN B 508 13.42 -3.98 -20.42
C ASN B 508 12.07 -3.91 -21.10
N LEU B 509 11.90 -4.75 -22.12
CA LEU B 509 10.66 -4.95 -22.88
C LEU B 509 9.91 -6.23 -22.48
N SER B 510 10.37 -6.87 -21.42
CA SER B 510 9.92 -8.22 -21.10
C SER B 510 8.42 -8.31 -20.78
N ARG B 511 7.89 -9.53 -20.85
CA ARG B 511 6.47 -9.85 -20.61
C ARG B 511 5.50 -8.93 -21.37
N ASN B 512 5.67 -8.84 -22.67
CA ASN B 512 4.73 -8.12 -23.53
C ASN B 512 4.28 -8.98 -24.71
N ARG B 513 3.60 -8.36 -25.68
CA ARG B 513 3.20 -9.07 -26.90
C ARG B 513 4.03 -8.84 -28.16
N PHE B 514 5.20 -8.21 -28.06
CA PHE B 514 5.95 -7.82 -29.26
C PHE B 514 6.19 -8.96 -30.26
N THR B 515 6.04 -8.67 -31.55
CA THR B 515 6.30 -9.69 -32.55
C THR B 515 7.43 -9.27 -33.47
N GLY B 516 7.69 -10.11 -34.46
CA GLY B 516 8.66 -9.82 -35.49
C GLY B 516 10.05 -10.22 -35.07
N GLN B 517 11.02 -9.81 -35.88
CA GLN B 517 12.43 -10.09 -35.64
C GLN B 517 13.04 -9.03 -34.73
N ILE B 518 14.10 -9.40 -34.01
CA ILE B 518 14.87 -8.46 -33.20
C ILE B 518 15.68 -7.57 -34.13
N PRO B 519 15.42 -6.26 -34.10
CA PRO B 519 16.08 -5.29 -35.01
C PRO B 519 17.59 -5.22 -34.79
N PRO B 520 18.40 -5.35 -35.86
CA PRO B 520 19.85 -5.28 -35.77
C PRO B 520 20.36 -3.87 -35.43
N GLN B 521 19.51 -2.86 -35.60
CA GLN B 521 19.88 -1.49 -35.24
C GLN B 521 20.24 -1.38 -33.77
N LEU B 522 19.70 -2.28 -32.96
CA LEU B 522 20.02 -2.30 -31.53
C LEU B 522 21.52 -2.54 -31.33
N GLY B 523 22.21 -3.04 -32.35
CA GLY B 523 23.66 -3.14 -32.30
C GLY B 523 24.36 -1.80 -32.23
N ASN B 524 23.63 -0.72 -32.48
CA ASN B 524 24.19 0.62 -32.38
C ASN B 524 24.34 1.09 -30.96
N LEU B 525 23.72 0.40 -30.01
CA LEU B 525 23.73 0.94 -28.66
C LEU B 525 24.97 0.42 -27.93
N GLN B 526 25.95 1.31 -27.80
CA GLN B 526 27.24 0.94 -27.23
C GLN B 526 27.37 1.24 -25.75
N ASN B 527 26.39 1.95 -25.18
CA ASN B 527 26.30 2.05 -23.73
C ASN B 527 25.30 1.08 -23.07
N LEU B 528 24.70 0.18 -23.84
CA LEU B 528 23.61 -0.66 -23.34
C LEU B 528 24.19 -1.77 -22.45
N GLY B 529 23.83 -1.76 -21.17
CA GLY B 529 24.37 -2.74 -20.25
C GLY B 529 23.39 -3.85 -19.95
N TYR B 530 22.12 -3.61 -20.23
CA TYR B 530 21.09 -4.55 -19.87
C TYR B 530 20.07 -4.62 -20.97
N MET B 531 19.82 -5.84 -21.45
CA MET B 531 18.77 -6.03 -22.43
C MET B 531 17.91 -7.23 -22.12
N ASN B 532 16.66 -6.94 -21.78
CA ASN B 532 15.66 -7.96 -21.50
C ASN B 532 14.52 -7.87 -22.51
N LEU B 533 14.51 -8.80 -23.45
CA LEU B 533 13.40 -9.05 -24.36
C LEU B 533 12.53 -10.25 -24.02
N SER B 534 12.77 -10.87 -22.87
CA SER B 534 12.15 -12.15 -22.57
C SER B 534 10.61 -12.11 -22.45
N ARG B 535 9.99 -13.27 -22.64
CA ARG B 535 8.54 -13.42 -22.63
C ARG B 535 7.81 -12.48 -23.61
N ASN B 536 8.07 -12.69 -24.89
CA ASN B 536 7.32 -12.07 -25.96
C ASN B 536 7.04 -13.10 -27.06
N LEU B 537 6.55 -12.63 -28.20
CA LEU B 537 6.32 -13.46 -29.39
C LEU B 537 7.43 -13.42 -30.44
N LEU B 538 8.62 -12.96 -30.07
CA LEU B 538 9.72 -12.76 -31.03
C LEU B 538 10.11 -13.99 -31.84
N GLU B 539 10.50 -13.73 -33.09
CA GLU B 539 10.85 -14.77 -34.03
C GLU B 539 12.06 -14.40 -34.88
N GLY B 540 12.56 -15.37 -35.63
CA GLY B 540 13.78 -15.18 -36.40
C GLY B 540 14.97 -15.46 -35.50
N SER B 541 16.14 -15.01 -35.94
CA SER B 541 17.35 -15.32 -35.23
C SER B 541 17.98 -14.04 -34.69
N LEU B 542 19.03 -14.22 -33.89
CA LEU B 542 19.79 -13.12 -33.29
C LEU B 542 20.67 -12.47 -34.34
N PRO B 543 20.41 -11.19 -34.63
CA PRO B 543 21.26 -10.46 -35.58
C PRO B 543 22.67 -10.43 -35.02
N ALA B 544 23.67 -10.78 -35.83
CA ALA B 544 25.06 -10.77 -35.35
C ALA B 544 25.49 -9.36 -34.98
N GLN B 545 24.82 -8.36 -35.55
CA GLN B 545 25.08 -6.95 -35.26
C GLN B 545 25.05 -6.63 -33.75
N LEU B 546 24.28 -7.41 -33.00
CA LEU B 546 24.16 -7.27 -31.56
C LEU B 546 25.52 -7.38 -30.83
N SER B 547 26.50 -7.96 -31.50
CA SER B 547 27.86 -8.06 -30.95
C SER B 547 28.51 -6.72 -30.67
N ASN B 548 28.04 -5.68 -31.36
CA ASN B 548 28.53 -4.32 -31.14
C ASN B 548 28.05 -3.64 -29.85
N CYS B 549 27.17 -4.27 -29.10
CA CYS B 549 26.82 -3.62 -27.84
C CYS B 549 27.87 -4.15 -26.91
N VAL B 550 28.91 -3.34 -26.71
CA VAL B 550 30.15 -3.84 -26.13
C VAL B 550 30.06 -3.75 -24.64
N SER B 551 29.10 -2.97 -24.16
CA SER B 551 28.90 -2.78 -22.73
C SER B 551 27.92 -3.79 -22.11
N LEU B 552 27.36 -4.73 -22.88
CA LEU B 552 26.35 -5.64 -22.32
C LEU B 552 26.80 -6.42 -21.09
N GLU B 553 26.02 -6.28 -20.03
CA GLU B 553 26.17 -7.05 -18.81
C GLU B 553 25.22 -8.26 -18.86
N ARG B 554 23.95 -7.99 -19.08
CA ARG B 554 22.96 -9.02 -18.93
C ARG B 554 22.15 -9.09 -20.22
N PHE B 555 22.03 -10.28 -20.79
CA PHE B 555 21.29 -10.45 -22.02
C PHE B 555 20.27 -11.57 -21.85
N ASP B 556 19.01 -11.19 -21.87
CA ASP B 556 17.97 -12.16 -21.67
C ASP B 556 16.96 -12.00 -22.77
N VAL B 557 16.94 -12.98 -23.67
CA VAL B 557 15.89 -13.19 -24.68
C VAL B 557 14.93 -14.36 -24.44
N GLY B 558 14.97 -14.95 -23.25
CA GLY B 558 14.23 -16.17 -23.00
C GLY B 558 12.74 -16.14 -23.32
N PHE B 559 12.14 -17.32 -23.49
CA PHE B 559 10.70 -17.43 -23.78
C PHE B 559 10.19 -16.67 -25.01
N ASN B 560 10.78 -16.98 -26.16
CA ASN B 560 10.26 -16.51 -27.44
C ASN B 560 10.30 -17.67 -28.46
N SER B 561 10.06 -17.36 -29.71
CA SER B 561 10.24 -18.30 -30.82
C SER B 561 11.54 -18.11 -31.60
N LEU B 562 12.48 -17.37 -31.02
CA LEU B 562 13.75 -17.11 -31.66
C LEU B 562 14.40 -18.43 -32.06
N ASN B 563 15.01 -18.45 -33.25
CA ASN B 563 15.67 -19.66 -33.69
C ASN B 563 17.04 -19.37 -34.25
N GLY B 564 17.71 -20.41 -34.71
CA GLY B 564 19.00 -20.23 -35.36
C GLY B 564 20.12 -20.62 -34.45
N SER B 565 21.34 -20.43 -34.92
CA SER B 565 22.50 -20.66 -34.10
C SER B 565 22.88 -19.33 -33.49
N VAL B 566 23.38 -19.38 -32.26
CA VAL B 566 23.89 -18.20 -31.59
C VAL B 566 25.14 -17.67 -32.29
N PRO B 567 25.07 -16.42 -32.80
CA PRO B 567 26.24 -15.83 -33.45
C PRO B 567 27.44 -15.89 -32.50
N SER B 568 28.57 -16.37 -32.97
CA SER B 568 29.74 -16.50 -32.11
C SER B 568 30.42 -15.15 -31.90
N ASN B 569 30.02 -14.15 -32.68
CA ASN B 569 30.51 -12.78 -32.52
C ASN B 569 30.14 -12.20 -31.15
N PHE B 570 29.19 -12.84 -30.46
CA PHE B 570 28.77 -12.38 -29.15
C PHE B 570 29.89 -12.55 -28.13
N SER B 571 30.97 -13.20 -28.55
CA SER B 571 32.20 -13.31 -27.77
C SER B 571 32.77 -11.91 -27.55
N ASN B 572 32.25 -10.93 -28.29
CA ASN B 572 32.65 -9.56 -28.14
C ASN B 572 32.03 -8.85 -26.94
N TRP B 573 31.10 -9.49 -26.25
CA TRP B 573 30.56 -8.82 -25.09
C TRP B 573 31.42 -9.26 -23.93
N LYS B 574 32.42 -8.46 -23.62
CA LYS B 574 33.50 -9.00 -22.82
C LYS B 574 33.17 -8.77 -21.36
N GLY B 575 32.15 -7.96 -21.12
CA GLY B 575 31.67 -7.71 -19.80
C GLY B 575 30.43 -8.49 -19.39
N LEU B 576 30.00 -9.45 -20.21
CA LEU B 576 28.74 -10.15 -19.94
C LEU B 576 28.79 -11.03 -18.66
N THR B 577 27.88 -10.75 -17.73
CA THR B 577 27.65 -11.57 -16.53
C THR B 577 26.59 -12.71 -16.65
N THR B 578 25.56 -12.45 -17.45
CA THR B 578 24.35 -13.21 -17.42
C THR B 578 23.88 -13.43 -18.84
N LEU B 579 23.72 -14.70 -19.22
CA LEU B 579 23.19 -15.03 -20.53
C LEU B 579 21.98 -15.93 -20.34
N VAL B 580 20.82 -15.45 -20.79
CA VAL B 580 19.60 -16.25 -20.71
C VAL B 580 18.95 -16.35 -22.07
N LEU B 581 19.06 -17.54 -22.67
CA LEU B 581 18.41 -17.92 -23.92
C LEU B 581 17.23 -18.91 -23.77
N SER B 582 16.93 -19.29 -22.54
CA SER B 582 16.00 -20.41 -22.27
C SER B 582 14.65 -20.31 -22.99
N GLU B 583 14.11 -21.48 -23.35
CA GLU B 583 12.82 -21.60 -24.02
C GLU B 583 12.76 -20.88 -25.35
N ASN B 584 13.55 -21.38 -26.31
CA ASN B 584 13.45 -20.93 -27.67
C ASN B 584 13.72 -22.10 -28.62
N ARG B 585 13.83 -21.80 -29.90
CA ARG B 585 14.17 -22.77 -30.93
C ARG B 585 15.65 -22.78 -31.41
N PHE B 586 16.54 -22.13 -30.66
CA PHE B 586 17.97 -22.09 -31.03
C PHE B 586 18.57 -23.48 -31.33
N SER B 587 19.46 -23.54 -32.31
CA SER B 587 20.11 -24.80 -32.68
C SER B 587 21.55 -24.58 -33.11
N GLY B 588 22.20 -25.65 -33.56
CA GLY B 588 23.58 -25.58 -34.01
C GLY B 588 24.53 -26.03 -32.91
N GLY B 589 24.00 -26.69 -31.90
CA GLY B 589 24.82 -27.15 -30.80
C GLY B 589 25.05 -26.05 -29.76
N ILE B 590 25.33 -26.46 -28.54
CA ILE B 590 25.69 -25.55 -27.47
C ILE B 590 26.91 -24.73 -27.89
N PRO B 591 26.80 -23.38 -27.81
CA PRO B 591 27.85 -22.44 -28.27
C PRO B 591 29.23 -22.70 -27.64
N GLN B 592 30.27 -22.65 -28.47
CA GLN B 592 31.65 -22.87 -28.03
C GLN B 592 32.41 -21.65 -27.50
N PHE B 593 31.97 -20.44 -27.79
CA PHE B 593 32.80 -19.25 -27.50
C PHE B 593 32.70 -18.82 -26.02
N LEU B 594 31.82 -19.45 -25.26
CA LEU B 594 31.55 -19.04 -23.89
C LEU B 594 32.76 -18.82 -22.97
N PRO B 595 33.84 -19.64 -23.10
CA PRO B 595 34.99 -19.33 -22.22
C PRO B 595 35.55 -17.92 -22.44
N GLU B 596 35.37 -17.37 -23.64
CA GLU B 596 35.78 -16.01 -23.92
C GLU B 596 35.12 -14.99 -22.97
N LEU B 597 33.95 -15.31 -22.42
CA LEU B 597 33.34 -14.34 -21.53
C LEU B 597 33.76 -14.67 -20.10
N LYS B 598 34.71 -13.90 -19.57
CA LYS B 598 35.40 -14.27 -18.33
C LYS B 598 34.54 -13.93 -17.15
N LYS B 599 33.61 -13.00 -17.36
CA LYS B 599 32.67 -12.57 -16.33
C LYS B 599 31.36 -13.36 -16.29
N LEU B 600 31.21 -14.39 -17.12
CA LEU B 600 29.91 -15.05 -17.21
C LEU B 600 29.77 -15.87 -15.96
N SER B 601 28.85 -15.47 -15.09
CA SER B 601 28.57 -16.21 -13.86
C SER B 601 27.25 -16.94 -13.85
N THR B 602 26.43 -16.70 -14.88
CA THR B 602 25.10 -17.32 -14.99
C THR B 602 24.85 -17.71 -16.42
N LEU B 603 24.59 -18.99 -16.67
CA LEU B 603 24.29 -19.44 -18.03
C LEU B 603 23.02 -20.28 -18.07
N GLN B 604 21.97 -19.70 -18.63
CA GLN B 604 20.73 -20.45 -18.74
C GLN B 604 20.27 -20.52 -20.17
N ILE B 605 20.53 -21.67 -20.77
CA ILE B 605 20.17 -21.97 -22.16
C ILE B 605 19.05 -23.04 -22.35
N ALA B 606 18.32 -23.31 -21.28
CA ALA B 606 17.42 -24.46 -21.25
C ALA B 606 16.36 -24.46 -22.37
N ARG B 607 15.90 -25.66 -22.72
CA ARG B 607 14.73 -25.86 -23.58
C ARG B 607 14.80 -25.19 -24.93
N ASN B 608 15.81 -25.57 -25.70
CA ASN B 608 16.01 -25.17 -27.08
C ASN B 608 16.25 -26.45 -27.89
N ALA B 609 16.56 -26.34 -29.17
CA ALA B 609 17.00 -27.54 -29.83
C ALA B 609 18.46 -27.40 -30.20
N PHE B 610 19.35 -27.78 -29.29
CA PHE B 610 20.79 -27.64 -29.46
C PHE B 610 21.25 -29.04 -29.75
N GLY B 611 22.07 -29.22 -30.76
CA GLY B 611 22.42 -30.60 -31.05
C GLY B 611 23.41 -31.12 -30.02
N GLY B 612 24.06 -32.21 -30.39
CA GLY B 612 25.30 -32.63 -29.80
C GLY B 612 25.45 -32.94 -28.35
N GLU B 613 26.68 -32.76 -27.89
CA GLU B 613 27.09 -33.13 -26.56
C GLU B 613 27.44 -31.87 -25.83
N ILE B 614 27.49 -31.97 -24.50
CA ILE B 614 27.97 -30.86 -23.68
C ILE B 614 29.42 -30.64 -23.99
N PRO B 615 29.76 -29.47 -24.53
CA PRO B 615 31.16 -29.17 -24.90
C PRO B 615 32.00 -29.19 -23.66
N SER B 616 33.21 -29.75 -23.73
CA SER B 616 34.10 -29.66 -22.59
C SER B 616 34.46 -28.21 -22.29
N SER B 617 34.27 -27.32 -23.25
CA SER B 617 34.56 -25.91 -23.00
C SER B 617 33.66 -25.24 -21.93
N ILE B 618 32.49 -25.80 -21.65
CA ILE B 618 31.63 -25.22 -20.60
C ILE B 618 32.42 -25.25 -19.30
N GLY B 619 33.31 -26.23 -19.20
CA GLY B 619 34.19 -26.39 -18.07
C GLY B 619 35.29 -25.34 -17.96
N LEU B 620 35.48 -24.54 -19.00
CA LEU B 620 36.46 -23.46 -18.99
C LEU B 620 35.88 -22.06 -18.70
N ILE B 621 34.58 -21.95 -18.46
CA ILE B 621 34.02 -20.67 -18.12
C ILE B 621 34.51 -20.33 -16.70
N GLU B 622 35.29 -19.27 -16.56
CA GLU B 622 36.02 -19.05 -15.31
C GLU B 622 35.12 -18.73 -14.13
N ASP B 623 34.10 -17.89 -14.35
CA ASP B 623 33.28 -17.37 -13.25
C ASP B 623 31.91 -18.01 -12.94
N LEU B 624 31.59 -19.15 -13.54
CA LEU B 624 30.23 -19.68 -13.42
C LEU B 624 29.86 -19.93 -11.98
N ILE B 625 28.82 -19.26 -11.51
CA ILE B 625 28.46 -19.32 -10.11
C ILE B 625 26.98 -19.62 -9.88
N TYR B 626 26.10 -18.76 -10.40
CA TYR B 626 24.69 -18.79 -10.01
C TYR B 626 23.88 -19.94 -10.57
N ASP B 627 24.06 -20.20 -11.85
CA ASP B 627 23.37 -21.30 -12.44
C ASP B 627 24.06 -21.77 -13.72
N LEU B 628 23.87 -23.06 -14.02
CA LEU B 628 24.20 -23.60 -15.31
C LEU B 628 23.03 -24.50 -15.71
N ASP B 629 22.28 -24.07 -16.74
CA ASP B 629 21.11 -24.84 -17.15
C ASP B 629 21.20 -25.20 -18.62
N LEU B 630 21.48 -26.49 -18.85
CA LEU B 630 21.55 -27.07 -20.19
C LEU B 630 20.32 -27.93 -20.53
N SER B 631 19.36 -27.97 -19.61
CA SER B 631 18.24 -28.89 -19.65
C SER B 631 17.42 -28.77 -20.95
N GLY B 632 16.80 -29.89 -21.38
CA GLY B 632 15.80 -29.87 -22.45
C GLY B 632 16.34 -29.61 -23.83
N ASN B 633 17.58 -30.03 -24.08
CA ASN B 633 18.18 -29.81 -25.37
C ASN B 633 18.39 -30.94 -26.33
N GLY B 634 17.97 -32.13 -25.92
CA GLY B 634 18.28 -33.31 -26.72
C GLY B 634 19.78 -33.56 -26.72
N LEU B 635 20.40 -33.24 -25.59
CA LEU B 635 21.83 -33.42 -25.43
C LEU B 635 22.17 -34.92 -25.35
N THR B 636 23.22 -35.29 -26.08
CA THR B 636 23.66 -36.67 -26.13
C THR B 636 25.11 -36.78 -25.67
N GLY B 637 25.52 -37.99 -25.33
CA GLY B 637 26.90 -38.22 -24.97
C GLY B 637 26.98 -38.32 -23.48
N GLU B 638 28.19 -38.14 -22.95
CA GLU B 638 28.38 -38.13 -21.52
C GLU B 638 28.81 -36.74 -21.06
N ILE B 639 28.89 -36.58 -19.73
CA ILE B 639 29.35 -35.39 -19.06
C ILE B 639 30.88 -35.25 -19.20
N PRO B 640 31.38 -34.14 -19.80
CA PRO B 640 32.84 -34.00 -19.94
C PRO B 640 33.51 -33.70 -18.61
N ALA B 641 34.72 -34.22 -18.43
CA ALA B 641 35.41 -34.10 -17.16
C ALA B 641 35.65 -32.64 -16.75
N LYS B 642 35.91 -31.78 -17.74
CA LYS B 642 36.15 -30.36 -17.50
C LYS B 642 35.00 -29.71 -16.74
N LEU B 643 33.78 -30.18 -16.99
CA LEU B 643 32.63 -29.64 -16.28
C LEU B 643 32.81 -29.78 -14.77
N GLY B 644 33.53 -30.81 -14.34
CA GLY B 644 33.74 -31.04 -12.92
C GLY B 644 34.74 -30.06 -12.35
N ASP B 645 35.37 -29.28 -13.21
CA ASP B 645 36.32 -28.26 -12.76
C ASP B 645 35.63 -26.97 -12.36
N LEU B 646 34.31 -26.88 -12.49
CA LEU B 646 33.71 -25.60 -12.12
C LEU B 646 33.42 -25.65 -10.63
N ILE B 647 34.34 -25.15 -9.83
CA ILE B 647 34.26 -25.37 -8.39
C ILE B 647 33.53 -24.25 -7.70
N LYS B 648 33.17 -23.23 -8.46
CA LYS B 648 32.32 -22.16 -7.95
C LYS B 648 30.86 -22.40 -8.25
N LEU B 649 30.54 -23.40 -9.07
CA LEU B 649 29.16 -23.56 -9.51
C LEU B 649 28.21 -23.99 -8.39
N THR B 650 27.19 -23.17 -8.20
CA THR B 650 26.13 -23.37 -7.20
C THR B 650 24.93 -24.25 -7.63
N ARG B 651 24.56 -24.17 -8.91
CA ARG B 651 23.39 -24.86 -9.41
C ARG B 651 23.63 -25.48 -10.76
N LEU B 652 23.22 -26.74 -10.91
CA LEU B 652 23.40 -27.40 -12.18
C LEU B 652 22.11 -28.11 -12.61
N ASN B 653 21.56 -27.71 -13.75
CA ASN B 653 20.45 -28.47 -14.33
C ASN B 653 20.88 -28.98 -15.68
N ILE B 654 21.12 -30.29 -15.73
CA ILE B 654 21.50 -31.06 -16.91
C ILE B 654 20.30 -31.94 -17.39
N SER B 655 19.20 -31.82 -16.68
CA SER B 655 18.04 -32.73 -16.80
C SER B 655 17.32 -32.68 -18.13
N ASN B 656 16.51 -33.72 -18.37
CA ASN B 656 15.68 -33.84 -19.55
C ASN B 656 16.44 -33.85 -20.86
N ASN B 657 17.50 -34.64 -20.88
CA ASN B 657 18.26 -34.91 -22.10
C ASN B 657 18.42 -36.43 -22.29
N ASN B 658 19.22 -36.79 -23.28
CA ASN B 658 19.62 -38.18 -23.56
C ASN B 658 21.00 -38.60 -23.03
N LEU B 659 21.56 -37.81 -22.13
CA LEU B 659 22.90 -38.06 -21.58
C LEU B 659 23.13 -39.41 -20.91
N THR B 660 24.26 -40.03 -21.25
CA THR B 660 24.65 -41.31 -20.70
C THR B 660 25.91 -41.19 -19.87
N GLY B 661 26.45 -42.32 -19.45
CA GLY B 661 27.68 -42.30 -18.69
C GLY B 661 27.52 -42.26 -17.19
N SER B 662 28.62 -41.94 -16.50
CA SER B 662 28.77 -42.18 -15.08
C SER B 662 28.04 -41.33 -14.02
N LEU B 663 28.14 -40.00 -14.11
CA LEU B 663 27.87 -39.06 -12.99
C LEU B 663 29.08 -38.84 -12.04
N SER B 664 30.19 -39.55 -12.23
CA SER B 664 31.35 -39.40 -11.32
C SER B 664 31.99 -38.02 -11.38
N VAL B 665 31.94 -37.44 -12.56
CA VAL B 665 32.54 -36.16 -12.86
C VAL B 665 32.01 -35.03 -11.96
N LEU B 666 30.80 -35.23 -11.45
CA LEU B 666 30.15 -34.24 -10.61
C LEU B 666 30.74 -34.17 -9.21
N LYS B 667 31.59 -35.13 -8.85
CA LYS B 667 32.16 -35.14 -7.51
C LYS B 667 33.02 -33.91 -7.23
N GLY B 668 33.60 -33.37 -8.30
CA GLY B 668 34.48 -32.23 -8.21
C GLY B 668 33.86 -30.87 -8.02
N LEU B 669 32.53 -30.77 -8.00
CA LEU B 669 31.91 -29.46 -7.88
C LEU B 669 31.66 -29.18 -6.41
N THR B 670 32.55 -28.40 -5.82
CA THR B 670 32.60 -28.25 -4.39
C THR B 670 31.66 -27.18 -3.83
N SER B 671 31.17 -26.32 -4.69
CA SER B 671 30.19 -25.31 -4.29
C SER B 671 28.75 -25.74 -4.58
N LEU B 672 28.57 -26.95 -5.11
CA LEU B 672 27.26 -27.37 -5.61
C LEU B 672 26.22 -27.44 -4.49
N LEU B 673 25.14 -26.70 -4.68
CA LEU B 673 24.02 -26.65 -3.75
C LEU B 673 22.86 -27.50 -4.22
N HIS B 674 22.43 -27.25 -5.45
CA HIS B 674 21.30 -27.93 -6.04
C HIS B 674 21.71 -28.56 -7.37
N VAL B 675 21.15 -29.72 -7.69
CA VAL B 675 21.36 -30.31 -9.01
C VAL B 675 20.10 -31.04 -9.43
N ASP B 676 19.79 -31.00 -10.72
CA ASP B 676 18.68 -31.76 -11.25
C ASP B 676 19.22 -32.54 -12.45
N VAL B 677 19.26 -33.85 -12.25
CA VAL B 677 19.79 -34.79 -13.21
C VAL B 677 18.67 -35.61 -13.89
N SER B 678 17.43 -35.30 -13.54
CA SER B 678 16.26 -36.04 -13.97
C SER B 678 16.09 -36.28 -15.47
N ASN B 679 15.45 -37.41 -15.80
CA ASN B 679 15.14 -37.81 -17.17
C ASN B 679 16.31 -37.87 -18.13
N ASN B 680 17.31 -38.65 -17.75
CA ASN B 680 18.42 -38.97 -18.61
C ASN B 680 18.68 -40.47 -18.55
N GLN B 681 19.68 -40.93 -19.28
CA GLN B 681 20.09 -42.32 -19.32
C GLN B 681 21.23 -42.67 -18.35
N PHE B 682 21.47 -41.81 -17.39
CA PHE B 682 22.55 -42.05 -16.42
C PHE B 682 22.53 -43.41 -15.70
N THR B 683 23.70 -44.03 -15.71
CA THR B 683 23.96 -45.31 -15.10
C THR B 683 25.02 -45.16 -14.03
N GLY B 684 25.11 -46.15 -13.15
CA GLY B 684 26.17 -46.22 -12.17
C GLY B 684 25.70 -45.68 -10.86
N PRO B 685 26.59 -45.65 -9.86
CA PRO B 685 26.28 -45.12 -8.52
C PRO B 685 26.25 -43.58 -8.52
N ILE B 686 25.64 -43.02 -7.48
CA ILE B 686 25.55 -41.59 -7.29
C ILE B 686 26.70 -41.14 -6.41
N PRO B 687 27.36 -40.03 -6.77
CA PRO B 687 28.57 -39.55 -6.07
C PRO B 687 28.35 -39.16 -4.60
N ASP B 688 29.46 -39.14 -3.87
CA ASP B 688 29.47 -38.87 -2.44
C ASP B 688 28.83 -37.53 -2.09
N ASN B 689 29.30 -36.48 -2.73
CA ASN B 689 28.82 -35.13 -2.44
C ASN B 689 27.32 -34.94 -2.69
N LEU B 690 26.69 -35.87 -3.42
CA LEU B 690 25.27 -35.72 -3.72
C LEU B 690 24.32 -36.42 -2.74
N GLU B 691 24.86 -36.99 -1.66
CA GLU B 691 24.04 -37.67 -0.65
C GLU B 691 22.90 -36.76 -0.19
N GLY B 692 23.28 -35.57 0.30
CA GLY B 692 22.32 -34.59 0.79
C GLY B 692 21.25 -34.25 -0.23
N GLN B 693 21.66 -34.05 -1.48
CA GLN B 693 20.70 -33.70 -2.53
C GLN B 693 19.73 -34.82 -2.78
N LEU B 694 20.21 -36.05 -2.69
CA LEU B 694 19.34 -37.19 -2.88
C LEU B 694 18.32 -37.24 -1.75
N LEU B 695 18.77 -36.87 -0.55
CA LEU B 695 17.91 -36.86 0.62
C LEU B 695 16.84 -35.78 0.47
N SER B 696 17.27 -34.56 0.17
CA SER B 696 16.35 -33.43 0.10
C SER B 696 15.57 -33.31 -1.21
N GLU B 697 16.25 -33.50 -2.33
CA GLU B 697 15.59 -33.37 -3.63
C GLU B 697 15.68 -34.67 -4.40
N PRO B 698 14.99 -35.73 -3.93
CA PRO B 698 15.14 -37.03 -4.57
C PRO B 698 14.64 -36.98 -5.99
N SER B 699 13.64 -36.12 -6.24
CA SER B 699 13.03 -36.01 -7.56
C SER B 699 14.08 -35.69 -8.62
N SER B 700 15.13 -34.98 -8.20
CA SER B 700 16.16 -34.52 -9.11
C SER B 700 16.92 -35.69 -9.73
N PHE B 701 16.85 -36.84 -9.06
CA PHE B 701 17.52 -38.02 -9.58
C PHE B 701 16.62 -38.98 -10.37
N SER B 702 15.31 -38.74 -10.40
CA SER B 702 14.39 -39.67 -11.06
C SER B 702 14.49 -39.65 -12.58
N GLY B 703 13.79 -40.56 -13.26
CA GLY B 703 13.85 -40.65 -14.71
C GLY B 703 15.16 -41.22 -15.23
N ASN B 704 15.97 -41.78 -14.33
CA ASN B 704 17.20 -42.46 -14.71
C ASN B 704 17.18 -43.88 -14.17
N PRO B 705 16.63 -44.82 -14.95
CA PRO B 705 16.43 -46.19 -14.46
C PRO B 705 17.67 -46.85 -13.85
N ASN B 706 18.82 -46.73 -14.50
CA ASN B 706 20.01 -47.47 -14.07
C ASN B 706 20.89 -46.80 -13.03
N LEU B 707 20.43 -45.67 -12.51
CA LEU B 707 21.13 -45.03 -11.40
C LEU B 707 20.96 -45.88 -10.16
N CYS B 708 22.04 -46.15 -9.45
CA CYS B 708 21.99 -46.93 -8.22
C CYS B 708 22.35 -46.09 -7.00
N ILE B 709 22.22 -46.67 -5.81
CA ILE B 709 22.59 -45.98 -4.58
C ILE B 709 23.57 -46.87 -3.81
N PRO B 710 24.56 -46.24 -3.16
CA PRO B 710 25.56 -47.00 -2.38
C PRO B 710 25.11 -47.26 -0.96
N LYS C 1 -9.63 10.97 27.66
CA LYS C 1 -10.35 10.08 26.73
C LYS C 1 -9.39 9.47 25.68
N GLN C 2 -9.84 8.49 24.90
CA GLN C 2 -8.90 7.70 24.07
C GLN C 2 -9.05 7.44 22.52
N ARG C 3 -9.97 6.52 22.17
CA ARG C 3 -10.05 5.83 20.84
C ARG C 3 -10.87 6.39 19.66
N GLY C 4 -11.03 5.55 18.63
CA GLY C 4 -11.73 5.90 17.40
C GLY C 4 -13.26 5.84 17.40
N LYS C 5 -13.86 6.75 16.62
CA LYS C 5 -15.31 6.90 16.57
C LYS C 5 -16.03 5.67 16.03
N GLU C 6 -17.07 5.26 16.73
CA GLU C 6 -17.96 4.19 16.31
C GLU C 6 -18.67 4.59 15.00
N LYS C 7 -18.73 3.68 14.02
CA LYS C 7 -19.33 3.98 12.70
C LYS C 7 -20.85 3.78 12.65
N VAL C 8 -21.56 4.65 11.93
CA VAL C 8 -23.00 4.49 11.78
C VAL C 8 -23.36 3.28 10.90
N SER C 9 -24.60 2.78 11.04
CA SER C 9 -25.11 1.67 10.24
C SER C 9 -25.06 1.95 8.73
N SER C 10 -24.67 0.95 7.96
CA SER C 10 -24.61 1.09 6.52
C SER C 10 -25.97 0.88 5.87
N GLY C 11 -26.71 -0.08 6.41
CA GLY C 11 -27.88 -0.62 5.73
C GLY C 11 -27.42 -1.67 4.74
N ARG C 12 -28.27 -1.97 3.74
CA ARG C 12 -27.98 -3.04 2.80
C ARG C 12 -27.41 -2.49 1.50
N PRO C 13 -26.31 -3.07 1.03
CA PRO C 13 -25.77 -2.59 -0.24
C PRO C 13 -26.72 -2.93 -1.36
N GLY C 14 -26.80 -2.08 -2.37
CA GLY C 14 -27.63 -2.36 -3.52
C GLY C 14 -27.18 -3.65 -4.19
N GLN C 15 -28.13 -4.40 -4.74
CA GLN C 15 -27.80 -5.64 -5.42
C GLN C 15 -27.83 -5.50 -6.94
N HIS C 16 -27.44 -6.56 -7.65
CA HIS C 16 -27.68 -6.64 -9.09
C HIS C 16 -27.95 -8.09 -9.46
N ASN C 17 -28.31 -8.34 -10.72
CA ASN C 17 -28.79 -9.67 -11.12
C ASN C 17 -27.63 -10.63 -11.41
N GLN D 2 37.13 38.31 4.62
CA GLN D 2 35.71 38.01 4.40
C GLN D 2 35.43 36.78 3.54
N ARG D 3 35.43 35.60 4.16
CA ARG D 3 35.30 34.35 3.42
C ARG D 3 33.82 34.14 3.15
N GLY D 4 33.46 33.00 2.59
CA GLY D 4 32.05 32.67 2.47
C GLY D 4 31.64 32.02 3.78
N LYS D 5 30.42 32.29 4.24
CA LYS D 5 29.90 31.58 5.41
C LYS D 5 29.58 30.12 5.05
N GLU D 6 29.97 29.20 5.94
CA GLU D 6 29.77 27.77 5.75
C GLU D 6 28.30 27.43 5.51
N LYS D 7 28.03 26.59 4.51
CA LYS D 7 26.65 26.25 4.18
C LYS D 7 26.13 25.12 5.08
N VAL D 8 24.85 25.15 5.45
CA VAL D 8 24.27 24.10 6.30
C VAL D 8 24.11 22.74 5.62
N SER D 9 24.02 21.69 6.43
CA SER D 9 23.83 20.34 5.93
C SER D 9 22.57 20.24 5.09
N SER D 10 22.71 19.61 3.93
CA SER D 10 21.56 19.41 3.05
C SER D 10 20.74 18.19 3.45
N GLY D 11 21.40 17.14 3.94
CA GLY D 11 20.77 15.84 4.07
C GLY D 11 20.85 15.07 2.76
N ARG D 12 19.90 14.20 2.48
CA ARG D 12 19.96 13.45 1.23
C ARG D 12 18.87 13.92 0.26
N PRO D 13 19.19 13.98 -1.04
CA PRO D 13 18.21 14.40 -2.04
C PRO D 13 17.15 13.31 -2.22
N GLY D 14 15.91 13.71 -2.52
CA GLY D 14 14.85 12.78 -2.83
C GLY D 14 15.19 12.03 -4.09
N GLN D 15 14.84 10.76 -4.14
CA GLN D 15 15.20 9.93 -5.28
C GLN D 15 14.01 9.67 -6.22
N HIS D 16 14.29 9.01 -7.32
CA HIS D 16 13.21 8.47 -8.15
C HIS D 16 13.64 7.11 -8.70
N ASN D 17 12.70 6.40 -9.33
CA ASN D 17 12.93 5.01 -9.73
C ASN D 17 13.77 4.86 -10.97
#